data_2R8N
# 
_entry.id   2R8N 
# 
_audit_conform.dict_name       mmcif_pdbx.dic 
_audit_conform.dict_version    5.387 
_audit_conform.dict_location   http://mmcif.pdb.org/dictionaries/ascii/mmcif_pdbx.dic 
# 
loop_
_database_2.database_id 
_database_2.database_code 
_database_2.pdbx_database_accession 
_database_2.pdbx_DOI 
PDB   2R8N         pdb_00002r8n 10.2210/pdb2r8n/pdb 
RCSB  RCSB044562   ?            ?                   
WWPDB D_1000044562 ?            ?                   
# 
loop_
_pdbx_audit_revision_history.ordinal 
_pdbx_audit_revision_history.data_content_type 
_pdbx_audit_revision_history.major_revision 
_pdbx_audit_revision_history.minor_revision 
_pdbx_audit_revision_history.revision_date 
1 'Structure model' 1 0 2008-07-29 
2 'Structure model' 1 1 2011-07-13 
3 'Structure model' 1 2 2017-10-25 
4 'Structure model' 1 3 2019-07-24 
5 'Structure model' 1 4 2021-07-28 
6 'Structure model' 1 5 2021-10-20 
7 'Structure model' 1 6 2024-02-21 
# 
_pdbx_audit_revision_details.ordinal             1 
_pdbx_audit_revision_details.revision_ordinal    1 
_pdbx_audit_revision_details.data_content_type   'Structure model' 
_pdbx_audit_revision_details.provider            repository 
_pdbx_audit_revision_details.type                'Initial release' 
_pdbx_audit_revision_details.description         ? 
_pdbx_audit_revision_details.details             ? 
# 
loop_
_pdbx_audit_revision_group.ordinal 
_pdbx_audit_revision_group.revision_ordinal 
_pdbx_audit_revision_group.data_content_type 
_pdbx_audit_revision_group.group 
1 2 'Structure model' 'Non-polymer description'   
2 2 'Structure model' 'Version format compliance' 
3 3 'Structure model' 'Refinement description'    
4 4 'Structure model' 'Data collection'           
5 4 'Structure model' 'Refinement description'    
6 5 'Structure model' 'Derived calculations'      
7 5 'Structure model' 'Refinement description'    
8 6 'Structure model' 'Database references'       
9 7 'Structure model' 'Data collection'           
# 
loop_
_pdbx_audit_revision_category.ordinal 
_pdbx_audit_revision_category.revision_ordinal 
_pdbx_audit_revision_category.data_content_type 
_pdbx_audit_revision_category.category 
1 3 'Structure model' software           
2 4 'Structure model' software           
3 5 'Structure model' refine             
4 5 'Structure model' struct_site        
5 6 'Structure model' database_2         
6 6 'Structure model' struct_ref_seq_dif 
7 7 'Structure model' chem_comp_atom     
8 7 'Structure model' chem_comp_bond     
# 
loop_
_pdbx_audit_revision_item.ordinal 
_pdbx_audit_revision_item.revision_ordinal 
_pdbx_audit_revision_item.data_content_type 
_pdbx_audit_revision_item.item 
1  4 'Structure model' '_software.classification'            
2  4 'Structure model' '_software.contact_author'            
3  4 'Structure model' '_software.contact_author_email'      
4  4 'Structure model' '_software.location'                  
5  4 'Structure model' '_software.name'                      
6  4 'Structure model' '_software.type'                      
7  5 'Structure model' '_refine.ls_percent_reflns_obs'       
8  5 'Structure model' '_struct_site.pdbx_auth_asym_id'      
9  5 'Structure model' '_struct_site.pdbx_auth_comp_id'      
10 5 'Structure model' '_struct_site.pdbx_auth_seq_id'       
11 6 'Structure model' '_database_2.pdbx_DOI'                
12 6 'Structure model' '_database_2.pdbx_database_accession' 
13 6 'Structure model' '_struct_ref_seq_dif.details'         
# 
_pdbx_database_status.entry_id                        2R8N 
_pdbx_database_status.deposit_site                    RCSB 
_pdbx_database_status.process_site                    RCSB 
_pdbx_database_status.recvd_initial_deposition_date   2007-09-11 
_pdbx_database_status.status_code                     REL 
_pdbx_database_status.status_code_sf                  REL 
_pdbx_database_status.status_code_mr                  ? 
_pdbx_database_status.SG_entry                        ? 
_pdbx_database_status.pdb_format_compatible           Y 
_pdbx_database_status.status_code_cs                  ? 
_pdbx_database_status.methods_development_category    ? 
_pdbx_database_status.status_code_nmr_data            ? 
# 
loop_
_audit_author.name 
_audit_author.pdbx_ordinal 
'Coman, R.M.'   1 
'Robbins, A.H.' 2 
'McKenna, R.'   3 
'Dunn, B.M.'    4 
# 
_citation.id                        primary 
_citation.title                     
;High-resolution structure of unbound human immunodeficiency virus 1 subtype C protease: implications of flap dynamics and drug resistance.
;
_citation.journal_abbrev            'Acta Crystallogr.,Sect.D' 
_citation.journal_volume            64 
_citation.page_first                754 
_citation.page_last                 763 
_citation.year                      2008 
_citation.journal_id_ASTM           ABCRE6 
_citation.country                   DK 
_citation.journal_id_ISSN           0907-4449 
_citation.journal_id_CSD            0766 
_citation.book_publisher            ? 
_citation.pdbx_database_id_PubMed   18566511 
_citation.pdbx_database_id_DOI      10.1107/S090744490801278X 
# 
loop_
_citation_author.citation_id 
_citation_author.name 
_citation_author.ordinal 
_citation_author.identifier_ORCID 
primary 'Coman, R.M.'    1 ? 
primary 'Robbins, A.H.'  2 ? 
primary 'Goodenow, M.M.' 3 ? 
primary 'Dunn, B.M.'     4 ? 
primary 'McKenna, R.'    5 ? 
# 
loop_
_entity.id 
_entity.type 
_entity.src_method 
_entity.pdbx_description 
_entity.formula_weight 
_entity.pdbx_number_of_molecules 
_entity.pdbx_ec 
_entity.pdbx_mutation 
_entity.pdbx_fragment 
_entity.details 
1 polymer     man 'Pol protein' 10751.787 1   ? 'Q7K, L33I, L63I' 'HIV-1 protease subtype C, UNP residues 1-99' ? 
2 non-polymer syn GLYCEROL      92.094    2   ? ?                 ?                                             ? 
3 water       nat water         18.015    166 ? ?                 ?                                             ? 
# 
_entity_poly.entity_id                      1 
_entity_poly.type                           'polypeptide(L)' 
_entity_poly.nstd_linkage                   no 
_entity_poly.nstd_monomer                   no 
_entity_poly.pdbx_seq_one_letter_code       
;PQITLWKRPLVSIKVGGQIKEALLDTGADDTVIEEIALPGRWKPKMIGGIGGFIKVRQYDQIIIEICGKKAIGTVLVGPT
PVNIIGRNMLTQLGCTLNF
;
_entity_poly.pdbx_seq_one_letter_code_can   
;PQITLWKRPLVSIKVGGQIKEALLDTGADDTVIEEIALPGRWKPKMIGGIGGFIKVRQYDQIIIEICGKKAIGTVLVGPT
PVNIIGRNMLTQLGCTLNF
;
_entity_poly.pdbx_strand_id                 A 
_entity_poly.pdbx_target_identifier         ? 
# 
loop_
_pdbx_entity_nonpoly.entity_id 
_pdbx_entity_nonpoly.name 
_pdbx_entity_nonpoly.comp_id 
2 GLYCEROL GOL 
3 water    HOH 
# 
loop_
_entity_poly_seq.entity_id 
_entity_poly_seq.num 
_entity_poly_seq.mon_id 
_entity_poly_seq.hetero 
1 1  PRO n 
1 2  GLN n 
1 3  ILE n 
1 4  THR n 
1 5  LEU n 
1 6  TRP n 
1 7  LYS n 
1 8  ARG n 
1 9  PRO n 
1 10 LEU n 
1 11 VAL n 
1 12 SER n 
1 13 ILE n 
1 14 LYS n 
1 15 VAL n 
1 16 GLY n 
1 17 GLY n 
1 18 GLN n 
1 19 ILE n 
1 20 LYS n 
1 21 GLU n 
1 22 ALA n 
1 23 LEU n 
1 24 LEU n 
1 25 ASP n 
1 26 THR n 
1 27 GLY n 
1 28 ALA n 
1 29 ASP n 
1 30 ASP n 
1 31 THR n 
1 32 VAL n 
1 33 ILE n 
1 34 GLU n 
1 35 GLU n 
1 36 ILE n 
1 37 ALA n 
1 38 LEU n 
1 39 PRO n 
1 40 GLY n 
1 41 ARG n 
1 42 TRP n 
1 43 LYS n 
1 44 PRO n 
1 45 LYS n 
1 46 MET n 
1 47 ILE n 
1 48 GLY n 
1 49 GLY n 
1 50 ILE n 
1 51 GLY n 
1 52 GLY n 
1 53 PHE n 
1 54 ILE n 
1 55 LYS n 
1 56 VAL n 
1 57 ARG n 
1 58 GLN n 
1 59 TYR n 
1 60 ASP n 
1 61 GLN n 
1 62 ILE n 
1 63 ILE n 
1 64 ILE n 
1 65 GLU n 
1 66 ILE n 
1 67 CYS n 
1 68 GLY n 
1 69 LYS n 
1 70 LYS n 
1 71 ALA n 
1 72 ILE n 
1 73 GLY n 
1 74 THR n 
1 75 VAL n 
1 76 LEU n 
1 77 VAL n 
1 78 GLY n 
1 79 PRO n 
1 80 THR n 
1 81 PRO n 
1 82 VAL n 
1 83 ASN n 
1 84 ILE n 
1 85 ILE n 
1 86 GLY n 
1 87 ARG n 
1 88 ASN n 
1 89 MET n 
1 90 LEU n 
1 91 THR n 
1 92 GLN n 
1 93 LEU n 
1 94 GLY n 
1 95 CYS n 
1 96 THR n 
1 97 LEU n 
1 98 ASN n 
1 99 PHE n 
# 
_entity_src_gen.entity_id                          1 
_entity_src_gen.pdbx_src_id                        1 
_entity_src_gen.pdbx_alt_source_flag               sample 
_entity_src_gen.pdbx_seq_type                      ? 
_entity_src_gen.pdbx_beg_seq_num                   ? 
_entity_src_gen.pdbx_end_seq_num                   ? 
_entity_src_gen.gene_src_common_name               ? 
_entity_src_gen.gene_src_genus                     ? 
_entity_src_gen.pdbx_gene_src_gene                 pol 
_entity_src_gen.gene_src_species                   ? 
_entity_src_gen.gene_src_strain                    'subtype C' 
_entity_src_gen.gene_src_tissue                    ? 
_entity_src_gen.gene_src_tissue_fraction           ? 
_entity_src_gen.gene_src_details                   ? 
_entity_src_gen.pdbx_gene_src_fragment             ? 
_entity_src_gen.pdbx_gene_src_scientific_name      'Human immunodeficiency virus 1' 
_entity_src_gen.pdbx_gene_src_ncbi_taxonomy_id     ? 
_entity_src_gen.pdbx_gene_src_variant              ? 
_entity_src_gen.pdbx_gene_src_cell_line            ? 
_entity_src_gen.pdbx_gene_src_atcc                 ? 
_entity_src_gen.pdbx_gene_src_organ                ? 
_entity_src_gen.pdbx_gene_src_organelle            ? 
_entity_src_gen.pdbx_gene_src_cell                 ? 
_entity_src_gen.pdbx_gene_src_cellular_location    ? 
_entity_src_gen.host_org_common_name               ? 
_entity_src_gen.pdbx_host_org_scientific_name      'Escherichia coli' 
_entity_src_gen.pdbx_host_org_ncbi_taxonomy_id     ? 
_entity_src_gen.host_org_genus                     ? 
_entity_src_gen.pdbx_host_org_gene                 ? 
_entity_src_gen.pdbx_host_org_organ                ? 
_entity_src_gen.host_org_species                   ? 
_entity_src_gen.pdbx_host_org_tissue               ? 
_entity_src_gen.pdbx_host_org_tissue_fraction      ? 
_entity_src_gen.pdbx_host_org_strain               'BL21(DE3)Star pLysS' 
_entity_src_gen.pdbx_host_org_variant              ? 
_entity_src_gen.pdbx_host_org_cell_line            ? 
_entity_src_gen.pdbx_host_org_atcc                 ? 
_entity_src_gen.pdbx_host_org_culture_collection   ? 
_entity_src_gen.pdbx_host_org_cell                 ? 
_entity_src_gen.pdbx_host_org_organelle            ? 
_entity_src_gen.pdbx_host_org_cellular_location    ? 
_entity_src_gen.pdbx_host_org_vector_type          plasmid 
_entity_src_gen.pdbx_host_org_vector               ? 
_entity_src_gen.host_org_details                   ? 
_entity_src_gen.expression_system_id               ? 
_entity_src_gen.plasmid_name                       pET23a 
_entity_src_gen.plasmid_details                    ? 
_entity_src_gen.pdbx_description                   ? 
# 
loop_
_chem_comp.id 
_chem_comp.type 
_chem_comp.mon_nstd_flag 
_chem_comp.name 
_chem_comp.pdbx_synonyms 
_chem_comp.formula 
_chem_comp.formula_weight 
ALA 'L-peptide linking' y ALANINE         ?                               'C3 H7 N O2'     89.093  
ARG 'L-peptide linking' y ARGININE        ?                               'C6 H15 N4 O2 1' 175.209 
ASN 'L-peptide linking' y ASPARAGINE      ?                               'C4 H8 N2 O3'    132.118 
ASP 'L-peptide linking' y 'ASPARTIC ACID' ?                               'C4 H7 N O4'     133.103 
CYS 'L-peptide linking' y CYSTEINE        ?                               'C3 H7 N O2 S'   121.158 
GLN 'L-peptide linking' y GLUTAMINE       ?                               'C5 H10 N2 O3'   146.144 
GLU 'L-peptide linking' y 'GLUTAMIC ACID' ?                               'C5 H9 N O4'     147.129 
GLY 'peptide linking'   y GLYCINE         ?                               'C2 H5 N O2'     75.067  
GOL non-polymer         . GLYCEROL        'GLYCERIN; PROPANE-1,2,3-TRIOL' 'C3 H8 O3'       92.094  
HOH non-polymer         . WATER           ?                               'H2 O'           18.015  
ILE 'L-peptide linking' y ISOLEUCINE      ?                               'C6 H13 N O2'    131.173 
LEU 'L-peptide linking' y LEUCINE         ?                               'C6 H13 N O2'    131.173 
LYS 'L-peptide linking' y LYSINE          ?                               'C6 H15 N2 O2 1' 147.195 
MET 'L-peptide linking' y METHIONINE      ?                               'C5 H11 N O2 S'  149.211 
PHE 'L-peptide linking' y PHENYLALANINE   ?                               'C9 H11 N O2'    165.189 
PRO 'L-peptide linking' y PROLINE         ?                               'C5 H9 N O2'     115.130 
SER 'L-peptide linking' y SERINE          ?                               'C3 H7 N O3'     105.093 
THR 'L-peptide linking' y THREONINE       ?                               'C4 H9 N O3'     119.119 
TRP 'L-peptide linking' y TRYPTOPHAN      ?                               'C11 H12 N2 O2'  204.225 
TYR 'L-peptide linking' y TYROSINE        ?                               'C9 H11 N O3'    181.189 
VAL 'L-peptide linking' y VALINE          ?                               'C5 H11 N O2'    117.146 
# 
loop_
_pdbx_poly_seq_scheme.asym_id 
_pdbx_poly_seq_scheme.entity_id 
_pdbx_poly_seq_scheme.seq_id 
_pdbx_poly_seq_scheme.mon_id 
_pdbx_poly_seq_scheme.ndb_seq_num 
_pdbx_poly_seq_scheme.pdb_seq_num 
_pdbx_poly_seq_scheme.auth_seq_num 
_pdbx_poly_seq_scheme.pdb_mon_id 
_pdbx_poly_seq_scheme.auth_mon_id 
_pdbx_poly_seq_scheme.pdb_strand_id 
_pdbx_poly_seq_scheme.pdb_ins_code 
_pdbx_poly_seq_scheme.hetero 
A 1 1  PRO 1  1  1  PRO PRO A . n 
A 1 2  GLN 2  2  2  GLN GLN A . n 
A 1 3  ILE 3  3  3  ILE ILE A . n 
A 1 4  THR 4  4  4  THR THR A . n 
A 1 5  LEU 5  5  5  LEU LEU A . n 
A 1 6  TRP 6  6  6  TRP TRP A . n 
A 1 7  LYS 7  7  7  LYS LYS A . n 
A 1 8  ARG 8  8  8  ARG ARG A . n 
A 1 9  PRO 9  9  9  PRO PRO A . n 
A 1 10 LEU 10 10 10 LEU LEU A . n 
A 1 11 VAL 11 11 11 VAL VAL A . n 
A 1 12 SER 12 12 12 SER SER A . n 
A 1 13 ILE 13 13 13 ILE ILE A . n 
A 1 14 LYS 14 14 14 LYS LYS A . n 
A 1 15 VAL 15 15 15 VAL VAL A . n 
A 1 16 GLY 16 16 16 GLY GLY A . n 
A 1 17 GLY 17 17 17 GLY GLY A . n 
A 1 18 GLN 18 18 18 GLN GLN A . n 
A 1 19 ILE 19 19 19 ILE ILE A . n 
A 1 20 LYS 20 20 20 LYS LYS A . n 
A 1 21 GLU 21 21 21 GLU GLU A . n 
A 1 22 ALA 22 22 22 ALA ALA A . n 
A 1 23 LEU 23 23 23 LEU LEU A . n 
A 1 24 LEU 24 24 24 LEU LEU A . n 
A 1 25 ASP 25 25 25 ASP ASP A . n 
A 1 26 THR 26 26 26 THR THR A . n 
A 1 27 GLY 27 27 27 GLY GLY A . n 
A 1 28 ALA 28 28 28 ALA ALA A . n 
A 1 29 ASP 29 29 29 ASP ASP A . n 
A 1 30 ASP 30 30 30 ASP ASP A . n 
A 1 31 THR 31 31 31 THR THR A . n 
A 1 32 VAL 32 32 32 VAL VAL A . n 
A 1 33 ILE 33 33 33 ILE ILE A . n 
A 1 34 GLU 34 34 34 GLU GLU A . n 
A 1 35 GLU 35 35 35 GLU GLU A . n 
A 1 36 ILE 36 36 36 ILE ILE A . n 
A 1 37 ALA 37 37 37 ALA ALA A . n 
A 1 38 LEU 38 38 38 LEU LEU A . n 
A 1 39 PRO 39 39 39 PRO PRO A . n 
A 1 40 GLY 40 40 40 GLY GLY A . n 
A 1 41 ARG 41 41 41 ARG ARG A . n 
A 1 42 TRP 42 42 42 TRP TRP A . n 
A 1 43 LYS 43 43 43 LYS LYS A . n 
A 1 44 PRO 44 44 44 PRO PRO A . n 
A 1 45 LYS 45 45 45 LYS LYS A . n 
A 1 46 MET 46 46 46 MET MET A . n 
A 1 47 ILE 47 47 47 ILE ILE A . n 
A 1 48 GLY 48 48 48 GLY GLY A . n 
A 1 49 GLY 49 49 49 GLY GLY A . n 
A 1 50 ILE 50 50 50 ILE ILE A . n 
A 1 51 GLY 51 51 51 GLY GLY A . n 
A 1 52 GLY 52 52 52 GLY GLY A . n 
A 1 53 PHE 53 53 53 PHE PHE A . n 
A 1 54 ILE 54 54 54 ILE ILE A . n 
A 1 55 LYS 55 55 55 LYS LYS A . n 
A 1 56 VAL 56 56 56 VAL VAL A . n 
A 1 57 ARG 57 57 57 ARG ARG A . n 
A 1 58 GLN 58 58 58 GLN GLN A . n 
A 1 59 TYR 59 59 59 TYR TYR A . n 
A 1 60 ASP 60 60 60 ASP ASP A . n 
A 1 61 GLN 61 61 61 GLN GLN A . n 
A 1 62 ILE 62 62 62 ILE ILE A . n 
A 1 63 ILE 63 63 63 ILE ILE A . n 
A 1 64 ILE 64 64 64 ILE ILE A . n 
A 1 65 GLU 65 65 65 GLU GLU A . n 
A 1 66 ILE 66 66 66 ILE ILE A . n 
A 1 67 CYS 67 67 67 CYS CYS A . n 
A 1 68 GLY 68 68 68 GLY GLY A . n 
A 1 69 LYS 69 69 69 LYS LYS A . n 
A 1 70 LYS 70 70 70 LYS LYS A . n 
A 1 71 ALA 71 71 71 ALA ALA A . n 
A 1 72 ILE 72 72 72 ILE ILE A . n 
A 1 73 GLY 73 73 73 GLY GLY A . n 
A 1 74 THR 74 74 74 THR THR A . n 
A 1 75 VAL 75 75 75 VAL VAL A . n 
A 1 76 LEU 76 76 76 LEU LEU A . n 
A 1 77 VAL 77 77 77 VAL VAL A . n 
A 1 78 GLY 78 78 78 GLY GLY A . n 
A 1 79 PRO 79 79 79 PRO PRO A . n 
A 1 80 THR 80 80 80 THR THR A . n 
A 1 81 PRO 81 81 81 PRO PRO A . n 
A 1 82 VAL 82 82 82 VAL VAL A . n 
A 1 83 ASN 83 83 83 ASN ASN A . n 
A 1 84 ILE 84 84 84 ILE ILE A . n 
A 1 85 ILE 85 85 85 ILE ILE A . n 
A 1 86 GLY 86 86 86 GLY GLY A . n 
A 1 87 ARG 87 87 87 ARG ARG A . n 
A 1 88 ASN 88 88 88 ASN ASN A . n 
A 1 89 MET 89 89 89 MET MET A . n 
A 1 90 LEU 90 90 90 LEU LEU A . n 
A 1 91 THR 91 91 91 THR THR A . n 
A 1 92 GLN 92 92 92 GLN GLN A . n 
A 1 93 LEU 93 93 93 LEU LEU A . n 
A 1 94 GLY 94 94 94 GLY GLY A . n 
A 1 95 CYS 95 95 95 CYS CYS A . n 
A 1 96 THR 96 96 96 THR THR A . n 
A 1 97 LEU 97 97 97 LEU LEU A . n 
A 1 98 ASN 98 98 98 ASN ASN A . n 
A 1 99 PHE 99 99 99 PHE PHE A . n 
# 
loop_
_pdbx_nonpoly_scheme.asym_id 
_pdbx_nonpoly_scheme.entity_id 
_pdbx_nonpoly_scheme.mon_id 
_pdbx_nonpoly_scheme.ndb_seq_num 
_pdbx_nonpoly_scheme.pdb_seq_num 
_pdbx_nonpoly_scheme.auth_seq_num 
_pdbx_nonpoly_scheme.pdb_mon_id 
_pdbx_nonpoly_scheme.auth_mon_id 
_pdbx_nonpoly_scheme.pdb_strand_id 
_pdbx_nonpoly_scheme.pdb_ins_code 
B 2 GOL 1   300 300  GOL GOL A . 
C 2 GOL 1   301 301  GOL GOL A . 
D 3 HOH 1   302 2001 HOH HOH A . 
D 3 HOH 2   303 2002 HOH HOH A . 
D 3 HOH 3   304 2003 HOH HOH A . 
D 3 HOH 4   305 2004 HOH HOH A . 
D 3 HOH 5   306 2005 HOH HOH A . 
D 3 HOH 6   307 2006 HOH HOH A . 
D 3 HOH 7   308 2007 HOH HOH A . 
D 3 HOH 8   309 2008 HOH HOH A . 
D 3 HOH 9   310 2009 HOH HOH A . 
D 3 HOH 10  311 2010 HOH HOH A . 
D 3 HOH 11  312 2011 HOH HOH A . 
D 3 HOH 12  313 2012 HOH HOH A . 
D 3 HOH 13  314 2013 HOH HOH A . 
D 3 HOH 14  315 2014 HOH HOH A . 
D 3 HOH 15  316 2015 HOH HOH A . 
D 3 HOH 16  317 2016 HOH HOH A . 
D 3 HOH 17  318 2017 HOH HOH A . 
D 3 HOH 18  319 2018 HOH HOH A . 
D 3 HOH 19  320 2019 HOH HOH A . 
D 3 HOH 20  321 2020 HOH HOH A . 
D 3 HOH 21  322 2021 HOH HOH A . 
D 3 HOH 22  323 2022 HOH HOH A . 
D 3 HOH 23  324 2023 HOH HOH A . 
D 3 HOH 24  325 2024 HOH HOH A . 
D 3 HOH 25  326 2025 HOH HOH A . 
D 3 HOH 26  327 2026 HOH HOH A . 
D 3 HOH 27  328 2027 HOH HOH A . 
D 3 HOH 28  329 2028 HOH HOH A . 
D 3 HOH 29  330 2029 HOH HOH A . 
D 3 HOH 30  331 2030 HOH HOH A . 
D 3 HOH 31  332 2031 HOH HOH A . 
D 3 HOH 32  333 2032 HOH HOH A . 
D 3 HOH 33  334 2033 HOH HOH A . 
D 3 HOH 34  335 2034 HOH HOH A . 
D 3 HOH 35  336 2035 HOH HOH A . 
D 3 HOH 36  337 2036 HOH HOH A . 
D 3 HOH 37  338 2037 HOH HOH A . 
D 3 HOH 38  339 2038 HOH HOH A . 
D 3 HOH 39  340 2039 HOH HOH A . 
D 3 HOH 40  341 2040 HOH HOH A . 
D 3 HOH 41  342 2041 HOH HOH A . 
D 3 HOH 42  343 2042 HOH HOH A . 
D 3 HOH 43  344 2043 HOH HOH A . 
D 3 HOH 44  345 2044 HOH HOH A . 
D 3 HOH 45  346 2045 HOH HOH A . 
D 3 HOH 46  347 2046 HOH HOH A . 
D 3 HOH 47  348 2047 HOH HOH A . 
D 3 HOH 48  349 2048 HOH HOH A . 
D 3 HOH 49  350 2049 HOH HOH A . 
D 3 HOH 50  351 2050 HOH HOH A . 
D 3 HOH 51  352 2051 HOH HOH A . 
D 3 HOH 52  353 2052 HOH HOH A . 
D 3 HOH 53  354 2053 HOH HOH A . 
D 3 HOH 54  355 2054 HOH HOH A . 
D 3 HOH 55  356 2055 HOH HOH A . 
D 3 HOH 56  357 2056 HOH HOH A . 
D 3 HOH 57  358 2057 HOH HOH A . 
D 3 HOH 58  359 2058 HOH HOH A . 
D 3 HOH 59  360 2059 HOH HOH A . 
D 3 HOH 60  361 2060 HOH HOH A . 
D 3 HOH 61  362 2061 HOH HOH A . 
D 3 HOH 62  363 2062 HOH HOH A . 
D 3 HOH 63  364 2063 HOH HOH A . 
D 3 HOH 64  365 2064 HOH HOH A . 
D 3 HOH 65  366 2065 HOH HOH A . 
D 3 HOH 66  367 2066 HOH HOH A . 
D 3 HOH 67  368 2067 HOH HOH A . 
D 3 HOH 68  369 2068 HOH HOH A . 
D 3 HOH 69  370 2069 HOH HOH A . 
D 3 HOH 70  371 2070 HOH HOH A . 
D 3 HOH 71  372 2071 HOH HOH A . 
D 3 HOH 72  373 2072 HOH HOH A . 
D 3 HOH 73  374 2073 HOH HOH A . 
D 3 HOH 74  375 2074 HOH HOH A . 
D 3 HOH 75  376 2075 HOH HOH A . 
D 3 HOH 76  377 2076 HOH HOH A . 
D 3 HOH 77  378 2077 HOH HOH A . 
D 3 HOH 78  379 2078 HOH HOH A . 
D 3 HOH 79  380 2079 HOH HOH A . 
D 3 HOH 80  381 2080 HOH HOH A . 
D 3 HOH 81  382 2081 HOH HOH A . 
D 3 HOH 82  383 2082 HOH HOH A . 
D 3 HOH 83  384 2083 HOH HOH A . 
D 3 HOH 84  385 2084 HOH HOH A . 
D 3 HOH 85  386 2085 HOH HOH A . 
D 3 HOH 86  387 2086 HOH HOH A . 
D 3 HOH 87  388 2087 HOH HOH A . 
D 3 HOH 88  389 2088 HOH HOH A . 
D 3 HOH 89  390 2089 HOH HOH A . 
D 3 HOH 90  391 2090 HOH HOH A . 
D 3 HOH 91  392 2091 HOH HOH A . 
D 3 HOH 92  393 2092 HOH HOH A . 
D 3 HOH 93  394 2093 HOH HOH A . 
D 3 HOH 94  395 2094 HOH HOH A . 
D 3 HOH 95  396 2095 HOH HOH A . 
D 3 HOH 96  397 2096 HOH HOH A . 
D 3 HOH 97  398 2097 HOH HOH A . 
D 3 HOH 98  399 2098 HOH HOH A . 
D 3 HOH 99  400 2099 HOH HOH A . 
D 3 HOH 100 401 2100 HOH HOH A . 
D 3 HOH 101 402 2101 HOH HOH A . 
D 3 HOH 102 403 2102 HOH HOH A . 
D 3 HOH 103 404 2103 HOH HOH A . 
D 3 HOH 104 405 2104 HOH HOH A . 
D 3 HOH 105 406 2105 HOH HOH A . 
D 3 HOH 106 407 2106 HOH HOH A . 
D 3 HOH 107 408 2107 HOH HOH A . 
D 3 HOH 108 409 2108 HOH HOH A . 
D 3 HOH 109 410 2109 HOH HOH A . 
D 3 HOH 110 411 2110 HOH HOH A . 
D 3 HOH 111 412 2111 HOH HOH A . 
D 3 HOH 112 413 2112 HOH HOH A . 
D 3 HOH 113 414 2113 HOH HOH A . 
D 3 HOH 114 415 2114 HOH HOH A . 
D 3 HOH 115 416 2115 HOH HOH A . 
D 3 HOH 116 417 2116 HOH HOH A . 
D 3 HOH 117 418 2117 HOH HOH A . 
D 3 HOH 118 419 2118 HOH HOH A . 
D 3 HOH 119 420 2119 HOH HOH A . 
D 3 HOH 120 421 2120 HOH HOH A . 
D 3 HOH 121 422 2121 HOH HOH A . 
D 3 HOH 122 423 2122 HOH HOH A . 
D 3 HOH 123 424 2123 HOH HOH A . 
D 3 HOH 124 425 2124 HOH HOH A . 
D 3 HOH 125 426 2125 HOH HOH A . 
D 3 HOH 126 427 2126 HOH HOH A . 
D 3 HOH 127 428 2127 HOH HOH A . 
D 3 HOH 128 429 2128 HOH HOH A . 
D 3 HOH 129 430 2129 HOH HOH A . 
D 3 HOH 130 431 2130 HOH HOH A . 
D 3 HOH 131 432 2131 HOH HOH A . 
D 3 HOH 132 433 2132 HOH HOH A . 
D 3 HOH 133 434 2133 HOH HOH A . 
D 3 HOH 134 435 2134 HOH HOH A . 
D 3 HOH 135 436 2135 HOH HOH A . 
D 3 HOH 136 437 2136 HOH HOH A . 
D 3 HOH 137 438 2137 HOH HOH A . 
D 3 HOH 138 439 2138 HOH HOH A . 
D 3 HOH 139 440 2139 HOH HOH A . 
D 3 HOH 140 441 2140 HOH HOH A . 
D 3 HOH 141 442 2141 HOH HOH A . 
D 3 HOH 142 443 2142 HOH HOH A . 
D 3 HOH 143 444 2143 HOH HOH A . 
D 3 HOH 144 445 2144 HOH HOH A . 
D 3 HOH 145 446 2145 HOH HOH A . 
D 3 HOH 146 447 2146 HOH HOH A . 
D 3 HOH 147 448 2147 HOH HOH A . 
D 3 HOH 148 449 2148 HOH HOH A . 
D 3 HOH 149 450 2149 HOH HOH A . 
D 3 HOH 150 451 2150 HOH HOH A . 
D 3 HOH 151 452 2151 HOH HOH A . 
D 3 HOH 152 453 2152 HOH HOH A . 
D 3 HOH 153 454 2153 HOH HOH A . 
D 3 HOH 154 455 2154 HOH HOH A . 
D 3 HOH 155 456 2155 HOH HOH A . 
D 3 HOH 156 457 2156 HOH HOH A . 
D 3 HOH 157 458 2157 HOH HOH A . 
D 3 HOH 158 459 2158 HOH HOH A . 
D 3 HOH 159 460 2159 HOH HOH A . 
D 3 HOH 160 461 2160 HOH HOH A . 
D 3 HOH 161 462 2161 HOH HOH A . 
D 3 HOH 162 463 2162 HOH HOH A . 
D 3 HOH 163 464 2163 HOH HOH A . 
D 3 HOH 164 465 2164 HOH HOH A . 
D 3 HOH 165 466 2165 HOH HOH A . 
D 3 HOH 166 467 2166 HOH HOH A . 
# 
loop_
_software.name 
_software.version 
_software.date 
_software.type 
_software.contact_author 
_software.contact_author_email 
_software.classification 
_software.location 
_software.language 
_software.citation_id 
_software.pdbx_ordinal 
SHELXL      .     ?              ?       ?                    ?                            refinement        ? ?          ? 1  
SCALEPACK   .     ?              package 'Zbyszek Otwinowski' zbyszek@mix.swmed.edu        'data scaling'    
http://www.lnls.br/infra/linhasluz/denzo-hkl.htm ?          ? 2  
CNS         .     ?              package 'Axel T. Brunger'    axel.brunger@yale.edu        refinement        
http://cns.csb.yale.edu/v1.1/                    Fortran_77 ? 3  
SHELX       .     ?              package 'George Sheldrick'   gsheldr@shelx.uni-ac.gwdg.de refinement        
http://shelx.uni-ac.gwdg.de/SHELX/               Fortran_77 ? 4  
PDB_EXTRACT 3.000 'July 2, 2007' package PDB                  sw-help@rcsb.rutgers.edu     'data extraction' 
http://pdb.rutgers.edu/software/                 C++        ? 5  
HKL-2000    .     ?              ?       ?                    ?                            'data collection' ? ?          ? 6  
HKL-2000    .     ?              ?       ?                    ?                            'data reduction'  ? ?          ? 7  
HKL-2000    .     ?              ?       ?                    ?                            'data scaling'    ? ?          ? 8  
CNS         .     ?              ?       ?                    ?                            phasing           ? ?          ? 9  
DENZO       .     ?              package 'Zbyszek Otwinowski' zbyszek@mix.swmed.edu        'data reduction'  
http://www.lnls.br/infra/linhasluz/denzo-hkl.htm ?          ? 10 
# 
_cell.length_a           46.711 
_cell.length_b           46.711 
_cell.length_c           100.708 
_cell.angle_alpha        90.000 
_cell.angle_beta         90.000 
_cell.angle_gamma        90.000 
_cell.entry_id           2R8N 
_cell.pdbx_unique_axis   ? 
_cell.Z_PDB              8 
_cell.length_a_esd       ? 
_cell.length_b_esd       ? 
_cell.length_c_esd       ? 
_cell.angle_alpha_esd    ? 
_cell.angle_beta_esd     ? 
_cell.angle_gamma_esd    ? 
# 
_symmetry.space_group_name_H-M             'P 41 21 2' 
_symmetry.entry_id                         2R8N 
_symmetry.Int_Tables_number                92 
_symmetry.pdbx_full_space_group_name_H-M   ? 
_symmetry.cell_setting                     ? 
_symmetry.space_group_name_Hall            ? 
# 
_exptl.crystals_number   1 
_exptl.entry_id          2R8N 
_exptl.method            'X-RAY DIFFRACTION' 
# 
_exptl_crystal.id                    1 
_exptl_crystal.density_Matthews      2.55 
_exptl_crystal.density_meas          ? 
_exptl_crystal.density_percent_sol   51.85 
_exptl_crystal.description           ? 
_exptl_crystal.F_000                 ? 
_exptl_crystal.preparation           ? 
# 
_exptl_crystal_grow.crystal_id      1 
_exptl_crystal_grow.method          'VAPOR DIFFUSION, HANGING DROP' 
_exptl_crystal_grow.pH              5.0 
_exptl_crystal_grow.temp            293 
_exptl_crystal_grow.pdbx_details    
'30 mM citric acid, 1 M NaCl, TritonX-100, pH 5.0, VAPOR DIFFUSION, HANGING DROP, temperature 293K' 
_exptl_crystal_grow.temp_details    ? 
_exptl_crystal_grow.pdbx_pH_range   . 
# 
_diffrn.id                     1 
_diffrn.ambient_temp           100 
_diffrn.ambient_temp_details   ? 
_diffrn.crystal_id             1 
# 
_diffrn_detector.diffrn_id              1 
_diffrn_detector.detector               CCD 
_diffrn_detector.type                   'MARMOSAIC 225 mm CCD' 
_diffrn_detector.pdbx_collection_date   2007-02-11 
_diffrn_detector.details                ? 
# 
_diffrn_radiation.diffrn_id                        1 
_diffrn_radiation.pdbx_diffrn_protocol             'SINGLE WAVELENGTH' 
_diffrn_radiation.monochromator                    'Si 111' 
_diffrn_radiation.wavelength_id                    1 
_diffrn_radiation.pdbx_monochromatic_or_laue_m_l   M 
_diffrn_radiation.pdbx_scattering_type             x-ray 
# 
_diffrn_radiation_wavelength.id           1 
_diffrn_radiation_wavelength.wavelength   1.000 
_diffrn_radiation_wavelength.wt           1.0 
# 
_diffrn_source.diffrn_id                   1 
_diffrn_source.source                      SYNCHROTRON 
_diffrn_source.type                        'APS BEAMLINE 22-BM' 
_diffrn_source.pdbx_wavelength_list        1.000 
_diffrn_source.pdbx_wavelength             ? 
_diffrn_source.pdbx_synchrotron_site       APS 
_diffrn_source.pdbx_synchrotron_beamline   22-BM 
# 
_reflns.entry_id                     2R8N 
_reflns.d_resolution_high            1.200 
_reflns.d_resolution_low             30.000 
_reflns.number_obs                   33850 
_reflns.pdbx_Rmerge_I_obs            0.076 
_reflns.pdbx_netI_over_sigmaI        14.000 
_reflns.pdbx_chi_squared             0.858 
_reflns.pdbx_redundancy              7.900 
_reflns.percent_possible_obs         99.300 
_reflns.observed_criterion_sigma_F   1 
_reflns.observed_criterion_sigma_I   2 
_reflns.number_all                   35611 
_reflns.pdbx_Rsym_value              0.076 
_reflns.B_iso_Wilson_estimate        ? 
_reflns.R_free_details               ? 
_reflns.limit_h_max                  ? 
_reflns.limit_h_min                  ? 
_reflns.limit_k_max                  ? 
_reflns.limit_k_min                  ? 
_reflns.limit_l_max                  ? 
_reflns.limit_l_min                  ? 
_reflns.observed_criterion_F_max     ? 
_reflns.observed_criterion_F_min     ? 
_reflns.pdbx_scaling_rejects         ? 
_reflns.pdbx_ordinal                 1 
_reflns.pdbx_diffrn_id               1 
_reflns.pdbx_CC_half                 ? 
_reflns.pdbx_CC_star                 ? 
_reflns.pdbx_Rpim_I_all              ? 
_reflns.pdbx_Rrim_I_all              ? 
# 
_reflns_shell.d_res_high             1.20 
_reflns_shell.d_res_low              1.24 
_reflns_shell.number_measured_obs    ? 
_reflns_shell.number_measured_all    ? 
_reflns_shell.number_unique_obs      ? 
_reflns_shell.Rmerge_I_obs           0.273 
_reflns_shell.meanI_over_sigI_obs    4.5 
_reflns_shell.pdbx_Rsym_value        0.273 
_reflns_shell.pdbx_chi_squared       0.713 
_reflns_shell.pdbx_redundancy        4.70 
_reflns_shell.percent_possible_obs   ? 
_reflns_shell.number_unique_all      3349 
_reflns_shell.percent_possible_all   95.70 
_reflns_shell.pdbx_ordinal           1 
_reflns_shell.pdbx_diffrn_id         1 
_reflns_shell.pdbx_CC_half           ? 
_reflns_shell.pdbx_CC_star           ? 
_reflns_shell.pdbx_Rpim_I_all        ? 
_reflns_shell.pdbx_Rrim_I_all        ? 
# 
_refine.entry_id                                 2R8N 
_refine.B_iso_mean                               19.994 
_refine.pdbx_method_to_determine_struct          'MOLECULAR REPLACEMENT' 
_refine.ls_d_res_high                            1.2 
_refine.ls_d_res_low                             23.5 
_refine.pdbx_ls_sigma_F                          0 
_refine.pdbx_ls_sigma_I                          ? 
_refine.ls_number_reflns_all                     35611 
_refine.ls_number_reflns_obs                     33850 
_refine.ls_number_reflns_R_free                  1667 
_refine.ls_percent_reflns_obs                    95.1 
_refine.ls_R_factor_all                          ? 
_refine.ls_R_factor_obs                          0.141 
_refine.ls_R_factor_R_work                       0.141 
_refine.ls_R_factor_R_free                       0.178 
_refine.ls_redundancy_reflns_obs                 ? 
_refine.pdbx_data_cutoff_high_absF               ? 
_refine.pdbx_data_cutoff_low_absF                ? 
_refine.ls_number_parameters                     ? 
_refine.ls_number_restraints                     ? 
_refine.ls_percent_reflns_R_free                 ? 
_refine.ls_R_factor_R_free_error                 ? 
_refine.ls_R_factor_R_free_error_details         ? 
_refine.pdbx_starting_model                      ? 
_refine.pdbx_ls_cross_valid_method               R-free 
_refine.pdbx_R_Free_selection_details            random 
_refine.pdbx_stereochem_target_val_spec_case     ? 
_refine.pdbx_stereochemistry_target_values       'Engh & Huber' 
_refine.solvent_model_details                    ? 
_refine.solvent_model_param_bsol                 ? 
_refine.solvent_model_param_ksol                 ? 
_refine.occupancy_max                            ? 
_refine.occupancy_min                            ? 
_refine.pdbx_isotropic_thermal_model             ? 
_refine.aniso_B[1][1]                            ? 
_refine.aniso_B[1][2]                            ? 
_refine.aniso_B[1][3]                            ? 
_refine.aniso_B[2][2]                            ? 
_refine.aniso_B[2][3]                            ? 
_refine.aniso_B[3][3]                            ? 
_refine.details                                  ? 
_refine.B_iso_min                                ? 
_refine.B_iso_max                                ? 
_refine.correlation_coeff_Fo_to_Fc               ? 
_refine.correlation_coeff_Fo_to_Fc_free          ? 
_refine.pdbx_solvent_vdw_probe_radii             ? 
_refine.pdbx_solvent_ion_probe_radii             ? 
_refine.pdbx_solvent_shrinkage_radii             ? 
_refine.overall_SU_R_Cruickshank_DPI             ? 
_refine.overall_SU_R_free                        ? 
_refine.overall_SU_ML                            ? 
_refine.overall_SU_B                             ? 
_refine.pdbx_overall_ESU_R_Free                  ? 
_refine.pdbx_data_cutoff_high_rms_absF           ? 
_refine.pdbx_overall_ESU_R                       ? 
_refine.ls_wR_factor_R_free                      ? 
_refine.ls_wR_factor_R_work                      ? 
_refine.overall_FOM_free_R_set                   ? 
_refine.overall_FOM_work_R_set                   ? 
_refine.pdbx_refine_id                           'X-RAY DIFFRACTION' 
_refine.pdbx_diffrn_id                           1 
_refine.pdbx_TLS_residual_ADP_flag               ? 
_refine.pdbx_overall_phase_error                 ? 
_refine.pdbx_overall_SU_R_free_Cruickshank_DPI   ? 
_refine.pdbx_overall_SU_R_Blow_DPI               ? 
_refine.pdbx_overall_SU_R_free_Blow_DPI          ? 
# 
_refine_hist.pdbx_refine_id                   'X-RAY DIFFRACTION' 
_refine_hist.cycle_id                         LAST 
_refine_hist.pdbx_number_atoms_protein        754 
_refine_hist.pdbx_number_atoms_nucleic_acid   0 
_refine_hist.pdbx_number_atoms_ligand         12 
_refine_hist.number_atoms_solvent             166 
_refine_hist.number_atoms_total               932 
_refine_hist.d_res_high                       1.2 
_refine_hist.d_res_low                        23.5 
# 
loop_
_refine_ls_restr.type 
_refine_ls_restr.dev_ideal 
_refine_ls_restr.dev_ideal_target 
_refine_ls_restr.number 
_refine_ls_restr.weight 
_refine_ls_restr.pdbx_refine_id 
_refine_ls_restr.pdbx_restraint_function 
s_bond_d              0.014 ? ? ? 'X-RAY DIFFRACTION' ? 
s_angle_d             0.030 ? ? ? 'X-RAY DIFFRACTION' ? 
s_from_restr_planes   0.030 ? ? ? 'X-RAY DIFFRACTION' ? 
s_non_zero_chiral_vol 0.076 ? ? ? 'X-RAY DIFFRACTION' ? 
s_anti_bump_dis_restr 0.040 ? ? ? 'X-RAY DIFFRACTION' ? 
# 
_struct.entry_id                  2R8N 
_struct.title                     'Structural Analysis of the Unbound Form of HIV-1 Subtype C Protease' 
_struct.pdbx_model_details        ? 
_struct.pdbx_CASP_flag            ? 
_struct.pdbx_model_type_details   ? 
# 
_struct_keywords.entry_id        2R8N 
_struct_keywords.text            
;HIV-1 subtype C, Aspartyl protease, Hydrolase, Multifunctional enzyme, Nucleotidyltransferase, Protease, RNA-directed DNA polymerase, Transferase
;
_struct_keywords.pdbx_keywords   HYDROLASE 
# 
loop_
_struct_asym.id 
_struct_asym.pdbx_blank_PDB_chainid_flag 
_struct_asym.pdbx_modified 
_struct_asym.entity_id 
_struct_asym.details 
A N N 1 ? 
B N N 2 ? 
C N N 2 ? 
D N N 3 ? 
# 
_struct_ref.id                         1 
_struct_ref.db_name                    UNP 
_struct_ref.db_code                    Q8ALR4_9HIV1 
_struct_ref.pdbx_db_accession          Q8ALR4 
_struct_ref.entity_id                  1 
_struct_ref.pdbx_seq_one_letter_code   
;PQITLWQRPLVSIKVGGQIKEALLDTGADDTVLEEIALPGKWKPKMIGGIGGFIKVRQYDQILIEICGKKAIGTVLVGPT
PVNIIGRNMLTQLGCTLNF
;
_struct_ref.pdbx_align_begin           1 
_struct_ref.pdbx_db_isoform            ? 
# 
_struct_ref_seq.align_id                      1 
_struct_ref_seq.ref_id                        1 
_struct_ref_seq.pdbx_PDB_id_code              2R8N 
_struct_ref_seq.pdbx_strand_id                A 
_struct_ref_seq.seq_align_beg                 1 
_struct_ref_seq.pdbx_seq_align_beg_ins_code   ? 
_struct_ref_seq.seq_align_end                 99 
_struct_ref_seq.pdbx_seq_align_end_ins_code   ? 
_struct_ref_seq.pdbx_db_accession             Q8ALR4 
_struct_ref_seq.db_align_beg                  1 
_struct_ref_seq.pdbx_db_align_beg_ins_code    ? 
_struct_ref_seq.db_align_end                  99 
_struct_ref_seq.pdbx_db_align_end_ins_code    ? 
_struct_ref_seq.pdbx_auth_seq_align_beg       1 
_struct_ref_seq.pdbx_auth_seq_align_end       99 
# 
loop_
_struct_ref_seq_dif.align_id 
_struct_ref_seq_dif.pdbx_pdb_id_code 
_struct_ref_seq_dif.mon_id 
_struct_ref_seq_dif.pdbx_pdb_strand_id 
_struct_ref_seq_dif.seq_num 
_struct_ref_seq_dif.pdbx_pdb_ins_code 
_struct_ref_seq_dif.pdbx_seq_db_name 
_struct_ref_seq_dif.pdbx_seq_db_accession_code 
_struct_ref_seq_dif.db_mon_id 
_struct_ref_seq_dif.pdbx_seq_db_seq_num 
_struct_ref_seq_dif.details 
_struct_ref_seq_dif.pdbx_auth_seq_num 
_struct_ref_seq_dif.pdbx_ordinal 
1 2R8N LYS A 7  ? UNP Q8ALR4 GLN 7  'engineered mutation' 7  1 
1 2R8N ILE A 33 ? UNP Q8ALR4 LEU 33 'engineered mutation' 33 2 
1 2R8N ARG A 41 ? UNP Q8ALR4 LYS 41 'SEE REMARK 999'      41 3 
1 2R8N ILE A 63 ? UNP Q8ALR4 LEU 63 'engineered mutation' 63 4 
# 
_pdbx_struct_assembly.id                   1 
_pdbx_struct_assembly.details              author_and_software_defined_assembly 
_pdbx_struct_assembly.method_details       PISA 
_pdbx_struct_assembly.oligomeric_details   dimeric 
_pdbx_struct_assembly.oligomeric_count     2 
# 
_pdbx_struct_assembly_prop.biol_id   1 
_pdbx_struct_assembly_prop.type      'ABSA (A^2)' 
_pdbx_struct_assembly_prop.value     3720 
_pdbx_struct_assembly_prop.details   ? 
# 
_pdbx_struct_assembly_gen.assembly_id       1 
_pdbx_struct_assembly_gen.oper_expression   1,2 
_pdbx_struct_assembly_gen.asym_id_list      A,B,C,D 
# 
loop_
_pdbx_struct_oper_list.id 
_pdbx_struct_oper_list.type 
_pdbx_struct_oper_list.name 
_pdbx_struct_oper_list.symmetry_operation 
_pdbx_struct_oper_list.matrix[1][1] 
_pdbx_struct_oper_list.matrix[1][2] 
_pdbx_struct_oper_list.matrix[1][3] 
_pdbx_struct_oper_list.vector[1] 
_pdbx_struct_oper_list.matrix[2][1] 
_pdbx_struct_oper_list.matrix[2][2] 
_pdbx_struct_oper_list.matrix[2][3] 
_pdbx_struct_oper_list.vector[2] 
_pdbx_struct_oper_list.matrix[3][1] 
_pdbx_struct_oper_list.matrix[3][2] 
_pdbx_struct_oper_list.matrix[3][3] 
_pdbx_struct_oper_list.vector[3] 
1 'identity operation'         1_555 x,y,z  1.0000000000  0.0000000000 0.0000000000  0.0000000000 0.0000000000 1.0000000000  0.0000000000  0.0000000000   0.0000000000  0.0000000000  1.0000000000  0.0000000000  
2 'crystal symmetry operation' 7_555 y,x,-z -0.0598234356 0.4070668999 -0.9114371594 1.4899876742 0.4070668999 -0.8237528277 -0.3946236409 -21.3557636766 -0.9114371594 -0.3946236409 -0.1164237367 -8.0009608413 
# 
_struct_biol.id        1 
_struct_biol.details   
;The biological unit is a homodimer. There is one half of the 
biological unit in the asymmetric unit (chain A).
;
# 
_struct_conf.conf_type_id            HELX_P 
_struct_conf.id                      HELX_P1 
_struct_conf.pdbx_PDB_helix_id       1 
_struct_conf.beg_label_comp_id       GLY 
_struct_conf.beg_label_asym_id       A 
_struct_conf.beg_label_seq_id        86 
_struct_conf.pdbx_beg_PDB_ins_code   ? 
_struct_conf.end_label_comp_id       LEU 
_struct_conf.end_label_asym_id       A 
_struct_conf.end_label_seq_id        93 
_struct_conf.pdbx_end_PDB_ins_code   ? 
_struct_conf.beg_auth_comp_id        GLY 
_struct_conf.beg_auth_asym_id        A 
_struct_conf.beg_auth_seq_id         86 
_struct_conf.end_auth_comp_id        LEU 
_struct_conf.end_auth_asym_id        A 
_struct_conf.end_auth_seq_id         93 
_struct_conf.pdbx_PDB_helix_class    1 
_struct_conf.details                 ? 
_struct_conf.pdbx_PDB_helix_length   8 
# 
_struct_conf_type.id          HELX_P 
_struct_conf_type.criteria    ? 
_struct_conf_type.reference   ? 
# 
_struct_sheet.id               A 
_struct_sheet.type             ? 
_struct_sheet.number_strands   8 
_struct_sheet.details          ? 
# 
loop_
_struct_sheet_order.sheet_id 
_struct_sheet_order.range_id_1 
_struct_sheet_order.range_id_2 
_struct_sheet_order.offset 
_struct_sheet_order.sense 
A 1 2 ? anti-parallel 
A 2 3 ? anti-parallel 
A 3 4 ? parallel      
A 4 5 ? anti-parallel 
A 5 6 ? parallel      
A 6 7 ? anti-parallel 
A 7 8 ? anti-parallel 
# 
loop_
_struct_sheet_range.sheet_id 
_struct_sheet_range.id 
_struct_sheet_range.beg_label_comp_id 
_struct_sheet_range.beg_label_asym_id 
_struct_sheet_range.beg_label_seq_id 
_struct_sheet_range.pdbx_beg_PDB_ins_code 
_struct_sheet_range.end_label_comp_id 
_struct_sheet_range.end_label_asym_id 
_struct_sheet_range.end_label_seq_id 
_struct_sheet_range.pdbx_end_PDB_ins_code 
_struct_sheet_range.beg_auth_comp_id 
_struct_sheet_range.beg_auth_asym_id 
_struct_sheet_range.beg_auth_seq_id 
_struct_sheet_range.end_auth_comp_id 
_struct_sheet_range.end_auth_asym_id 
_struct_sheet_range.end_auth_seq_id 
A 1 LYS A 43 ? GLY A 48 ? LYS A 43 GLY A 48 
A 2 PHE A 53 ? ILE A 66 ? PHE A 53 ILE A 66 
A 3 LYS A 69 ? VAL A 77 ? LYS A 69 VAL A 77 
A 4 VAL A 32 ? ILE A 33 ? VAL A 32 ILE A 33 
A 5 ILE A 84 ? ILE A 85 ? ILE A 84 ILE A 85 
A 6 GLN A 18 ? LEU A 24 ? GLN A 18 LEU A 24 
A 7 LEU A 10 ? VAL A 15 ? LEU A 10 VAL A 15 
A 8 PHE A 53 ? ILE A 66 ? PHE A 53 ILE A 66 
# 
loop_
_pdbx_struct_sheet_hbond.sheet_id 
_pdbx_struct_sheet_hbond.range_id_1 
_pdbx_struct_sheet_hbond.range_id_2 
_pdbx_struct_sheet_hbond.range_1_label_atom_id 
_pdbx_struct_sheet_hbond.range_1_label_comp_id 
_pdbx_struct_sheet_hbond.range_1_label_asym_id 
_pdbx_struct_sheet_hbond.range_1_label_seq_id 
_pdbx_struct_sheet_hbond.range_1_PDB_ins_code 
_pdbx_struct_sheet_hbond.range_1_auth_atom_id 
_pdbx_struct_sheet_hbond.range_1_auth_comp_id 
_pdbx_struct_sheet_hbond.range_1_auth_asym_id 
_pdbx_struct_sheet_hbond.range_1_auth_seq_id 
_pdbx_struct_sheet_hbond.range_2_label_atom_id 
_pdbx_struct_sheet_hbond.range_2_label_comp_id 
_pdbx_struct_sheet_hbond.range_2_label_asym_id 
_pdbx_struct_sheet_hbond.range_2_label_seq_id 
_pdbx_struct_sheet_hbond.range_2_PDB_ins_code 
_pdbx_struct_sheet_hbond.range_2_auth_atom_id 
_pdbx_struct_sheet_hbond.range_2_auth_comp_id 
_pdbx_struct_sheet_hbond.range_2_auth_asym_id 
_pdbx_struct_sheet_hbond.range_2_auth_seq_id 
A 1 2 N LYS A 43 ? N LYS A 43 O GLN A 58 ? O GLN A 58 
A 2 3 N ARG A 57 ? N ARG A 57 O VAL A 77 ? O VAL A 77 
A 3 4 O LEU A 76 ? O LEU A 76 N ILE A 33 ? N ILE A 33 
A 4 5 N VAL A 32 ? N VAL A 32 O ILE A 84 ? O ILE A 84 
A 5 6 O ILE A 85 ? O ILE A 85 N LEU A 23 ? N LEU A 23 
A 6 7 O LYS A 20 ? O LYS A 20 N ILE A 13 ? N ILE A 13 
A 7 8 N LYS A 14 ? N LYS A 14 O GLU A 65 ? O GLU A 65 
# 
loop_
_struct_site.id 
_struct_site.pdbx_evidence_code 
_struct_site.pdbx_auth_asym_id 
_struct_site.pdbx_auth_comp_id 
_struct_site.pdbx_auth_seq_id 
_struct_site.pdbx_auth_ins_code 
_struct_site.pdbx_num_residues 
_struct_site.details 
AC1 Software A GOL 300 ? 5 'BINDING SITE FOR RESIDUE GOL A 300' 
AC2 Software A GOL 301 ? 6 'BINDING SITE FOR RESIDUE GOL A 301' 
# 
loop_
_struct_site_gen.id 
_struct_site_gen.site_id 
_struct_site_gen.pdbx_num_res 
_struct_site_gen.label_comp_id 
_struct_site_gen.label_asym_id 
_struct_site_gen.label_seq_id 
_struct_site_gen.pdbx_auth_ins_code 
_struct_site_gen.auth_comp_id 
_struct_site_gen.auth_asym_id 
_struct_site_gen.auth_seq_id 
_struct_site_gen.label_atom_id 
_struct_site_gen.label_alt_id 
_struct_site_gen.symmetry 
_struct_site_gen.details 
1  AC1 5 GLY A 16 ? GLY A 16  . ? 1_555 ? 
2  AC1 5 PRO A 39 ? PRO A 39  . ? 1_555 ? 
3  AC1 5 ILE A 62 ? ILE A 62  . ? 1_555 ? 
4  AC1 5 ILE A 63 ? ILE A 63  . ? 1_555 ? 
5  AC1 5 HOH D .  ? HOH A 313 . ? 1_555 ? 
6  AC2 6 LYS A 14 ? LYS A 14  . ? 8_774 ? 
7  AC2 6 GLY A 17 ? GLY A 17  . ? 1_555 ? 
8  AC2 6 ILE A 63 ? ILE A 63  . ? 8_774 ? 
9  AC2 6 ILE A 64 ? ILE A 64  . ? 8_774 ? 
10 AC2 6 GLU A 65 ? GLU A 65  . ? 8_774 ? 
11 AC2 6 HOH D .  ? HOH A 384 . ? 1_555 ? 
# 
loop_
_pdbx_validate_rmsd_angle.id 
_pdbx_validate_rmsd_angle.PDB_model_num 
_pdbx_validate_rmsd_angle.auth_atom_id_1 
_pdbx_validate_rmsd_angle.auth_asym_id_1 
_pdbx_validate_rmsd_angle.auth_comp_id_1 
_pdbx_validate_rmsd_angle.auth_seq_id_1 
_pdbx_validate_rmsd_angle.PDB_ins_code_1 
_pdbx_validate_rmsd_angle.label_alt_id_1 
_pdbx_validate_rmsd_angle.auth_atom_id_2 
_pdbx_validate_rmsd_angle.auth_asym_id_2 
_pdbx_validate_rmsd_angle.auth_comp_id_2 
_pdbx_validate_rmsd_angle.auth_seq_id_2 
_pdbx_validate_rmsd_angle.PDB_ins_code_2 
_pdbx_validate_rmsd_angle.label_alt_id_2 
_pdbx_validate_rmsd_angle.auth_atom_id_3 
_pdbx_validate_rmsd_angle.auth_asym_id_3 
_pdbx_validate_rmsd_angle.auth_comp_id_3 
_pdbx_validate_rmsd_angle.auth_seq_id_3 
_pdbx_validate_rmsd_angle.PDB_ins_code_3 
_pdbx_validate_rmsd_angle.label_alt_id_3 
_pdbx_validate_rmsd_angle.angle_value 
_pdbx_validate_rmsd_angle.angle_target_value 
_pdbx_validate_rmsd_angle.angle_deviation 
_pdbx_validate_rmsd_angle.angle_standard_deviation 
_pdbx_validate_rmsd_angle.linker_flag 
1 1 NE A ARG 8  ? ? CZ A ARG 8  ? ? NH2 A ARG 8  ? ? 126.45 120.30 6.15  0.50 N 
2 1 NE A ARG 41 ? ? CZ A ARG 41 ? ? NH2 A ARG 41 ? ? 115.63 120.30 -4.67 0.50 N 
3 1 CD A ARG 57 ? ? NE A ARG 57 ? ? CZ  A ARG 57 ? ? 133.07 123.60 9.47  1.40 N 
4 1 NE A ARG 57 ? ? CZ A ARG 57 ? ? NH1 A ARG 57 ? ? 123.88 120.30 3.58  0.50 N 
# 
loop_
_pdbx_struct_special_symmetry.id 
_pdbx_struct_special_symmetry.PDB_model_num 
_pdbx_struct_special_symmetry.auth_asym_id 
_pdbx_struct_special_symmetry.auth_comp_id 
_pdbx_struct_special_symmetry.auth_seq_id 
_pdbx_struct_special_symmetry.PDB_ins_code 
_pdbx_struct_special_symmetry.label_asym_id 
_pdbx_struct_special_symmetry.label_comp_id 
_pdbx_struct_special_symmetry.label_seq_id 
1 1 A HOH 302 ? D HOH . 
2 1 A HOH 303 ? D HOH . 
3 1 A HOH 304 ? D HOH . 
4 1 A HOH 436 ? D HOH . 
# 
_phasing.method   MR 
# 
_pdbx_database_remark.id     999 
_pdbx_database_remark.text   
;The authors state that the PR clone used in this   
study does not harbor a frequent polymorphism   
found in subtype C PRs:R41K. It is one of the   
residues that appear to be involved in preserving   
or augmenting the catalytic efficiency of the   
subtype C PR and enhancing the viral fitness   
when compared to subtype B viruses. 
;
# 
loop_
_chem_comp_atom.comp_id 
_chem_comp_atom.atom_id 
_chem_comp_atom.type_symbol 
_chem_comp_atom.pdbx_aromatic_flag 
_chem_comp_atom.pdbx_stereo_config 
_chem_comp_atom.pdbx_ordinal 
ALA N    N N N 1   
ALA CA   C N S 2   
ALA C    C N N 3   
ALA O    O N N 4   
ALA CB   C N N 5   
ALA OXT  O N N 6   
ALA H    H N N 7   
ALA H2   H N N 8   
ALA HA   H N N 9   
ALA HB1  H N N 10  
ALA HB2  H N N 11  
ALA HB3  H N N 12  
ALA HXT  H N N 13  
ARG N    N N N 14  
ARG CA   C N S 15  
ARG C    C N N 16  
ARG O    O N N 17  
ARG CB   C N N 18  
ARG CG   C N N 19  
ARG CD   C N N 20  
ARG NE   N N N 21  
ARG CZ   C N N 22  
ARG NH1  N N N 23  
ARG NH2  N N N 24  
ARG OXT  O N N 25  
ARG H    H N N 26  
ARG H2   H N N 27  
ARG HA   H N N 28  
ARG HB2  H N N 29  
ARG HB3  H N N 30  
ARG HG2  H N N 31  
ARG HG3  H N N 32  
ARG HD2  H N N 33  
ARG HD3  H N N 34  
ARG HE   H N N 35  
ARG HH11 H N N 36  
ARG HH12 H N N 37  
ARG HH21 H N N 38  
ARG HH22 H N N 39  
ARG HXT  H N N 40  
ASN N    N N N 41  
ASN CA   C N S 42  
ASN C    C N N 43  
ASN O    O N N 44  
ASN CB   C N N 45  
ASN CG   C N N 46  
ASN OD1  O N N 47  
ASN ND2  N N N 48  
ASN OXT  O N N 49  
ASN H    H N N 50  
ASN H2   H N N 51  
ASN HA   H N N 52  
ASN HB2  H N N 53  
ASN HB3  H N N 54  
ASN HD21 H N N 55  
ASN HD22 H N N 56  
ASN HXT  H N N 57  
ASP N    N N N 58  
ASP CA   C N S 59  
ASP C    C N N 60  
ASP O    O N N 61  
ASP CB   C N N 62  
ASP CG   C N N 63  
ASP OD1  O N N 64  
ASP OD2  O N N 65  
ASP OXT  O N N 66  
ASP H    H N N 67  
ASP H2   H N N 68  
ASP HA   H N N 69  
ASP HB2  H N N 70  
ASP HB3  H N N 71  
ASP HD2  H N N 72  
ASP HXT  H N N 73  
CYS N    N N N 74  
CYS CA   C N R 75  
CYS C    C N N 76  
CYS O    O N N 77  
CYS CB   C N N 78  
CYS SG   S N N 79  
CYS OXT  O N N 80  
CYS H    H N N 81  
CYS H2   H N N 82  
CYS HA   H N N 83  
CYS HB2  H N N 84  
CYS HB3  H N N 85  
CYS HG   H N N 86  
CYS HXT  H N N 87  
GLN N    N N N 88  
GLN CA   C N S 89  
GLN C    C N N 90  
GLN O    O N N 91  
GLN CB   C N N 92  
GLN CG   C N N 93  
GLN CD   C N N 94  
GLN OE1  O N N 95  
GLN NE2  N N N 96  
GLN OXT  O N N 97  
GLN H    H N N 98  
GLN H2   H N N 99  
GLN HA   H N N 100 
GLN HB2  H N N 101 
GLN HB3  H N N 102 
GLN HG2  H N N 103 
GLN HG3  H N N 104 
GLN HE21 H N N 105 
GLN HE22 H N N 106 
GLN HXT  H N N 107 
GLU N    N N N 108 
GLU CA   C N S 109 
GLU C    C N N 110 
GLU O    O N N 111 
GLU CB   C N N 112 
GLU CG   C N N 113 
GLU CD   C N N 114 
GLU OE1  O N N 115 
GLU OE2  O N N 116 
GLU OXT  O N N 117 
GLU H    H N N 118 
GLU H2   H N N 119 
GLU HA   H N N 120 
GLU HB2  H N N 121 
GLU HB3  H N N 122 
GLU HG2  H N N 123 
GLU HG3  H N N 124 
GLU HE2  H N N 125 
GLU HXT  H N N 126 
GLY N    N N N 127 
GLY CA   C N N 128 
GLY C    C N N 129 
GLY O    O N N 130 
GLY OXT  O N N 131 
GLY H    H N N 132 
GLY H2   H N N 133 
GLY HA2  H N N 134 
GLY HA3  H N N 135 
GLY HXT  H N N 136 
GOL C1   C N N 137 
GOL O1   O N N 138 
GOL C2   C N N 139 
GOL O2   O N N 140 
GOL C3   C N N 141 
GOL O3   O N N 142 
GOL H11  H N N 143 
GOL H12  H N N 144 
GOL HO1  H N N 145 
GOL H2   H N N 146 
GOL HO2  H N N 147 
GOL H31  H N N 148 
GOL H32  H N N 149 
GOL HO3  H N N 150 
HOH O    O N N 151 
HOH H1   H N N 152 
HOH H2   H N N 153 
ILE N    N N N 154 
ILE CA   C N S 155 
ILE C    C N N 156 
ILE O    O N N 157 
ILE CB   C N S 158 
ILE CG1  C N N 159 
ILE CG2  C N N 160 
ILE CD1  C N N 161 
ILE OXT  O N N 162 
ILE H    H N N 163 
ILE H2   H N N 164 
ILE HA   H N N 165 
ILE HB   H N N 166 
ILE HG12 H N N 167 
ILE HG13 H N N 168 
ILE HG21 H N N 169 
ILE HG22 H N N 170 
ILE HG23 H N N 171 
ILE HD11 H N N 172 
ILE HD12 H N N 173 
ILE HD13 H N N 174 
ILE HXT  H N N 175 
LEU N    N N N 176 
LEU CA   C N S 177 
LEU C    C N N 178 
LEU O    O N N 179 
LEU CB   C N N 180 
LEU CG   C N N 181 
LEU CD1  C N N 182 
LEU CD2  C N N 183 
LEU OXT  O N N 184 
LEU H    H N N 185 
LEU H2   H N N 186 
LEU HA   H N N 187 
LEU HB2  H N N 188 
LEU HB3  H N N 189 
LEU HG   H N N 190 
LEU HD11 H N N 191 
LEU HD12 H N N 192 
LEU HD13 H N N 193 
LEU HD21 H N N 194 
LEU HD22 H N N 195 
LEU HD23 H N N 196 
LEU HXT  H N N 197 
LYS N    N N N 198 
LYS CA   C N S 199 
LYS C    C N N 200 
LYS O    O N N 201 
LYS CB   C N N 202 
LYS CG   C N N 203 
LYS CD   C N N 204 
LYS CE   C N N 205 
LYS NZ   N N N 206 
LYS OXT  O N N 207 
LYS H    H N N 208 
LYS H2   H N N 209 
LYS HA   H N N 210 
LYS HB2  H N N 211 
LYS HB3  H N N 212 
LYS HG2  H N N 213 
LYS HG3  H N N 214 
LYS HD2  H N N 215 
LYS HD3  H N N 216 
LYS HE2  H N N 217 
LYS HE3  H N N 218 
LYS HZ1  H N N 219 
LYS HZ2  H N N 220 
LYS HZ3  H N N 221 
LYS HXT  H N N 222 
MET N    N N N 223 
MET CA   C N S 224 
MET C    C N N 225 
MET O    O N N 226 
MET CB   C N N 227 
MET CG   C N N 228 
MET SD   S N N 229 
MET CE   C N N 230 
MET OXT  O N N 231 
MET H    H N N 232 
MET H2   H N N 233 
MET HA   H N N 234 
MET HB2  H N N 235 
MET HB3  H N N 236 
MET HG2  H N N 237 
MET HG3  H N N 238 
MET HE1  H N N 239 
MET HE2  H N N 240 
MET HE3  H N N 241 
MET HXT  H N N 242 
PHE N    N N N 243 
PHE CA   C N S 244 
PHE C    C N N 245 
PHE O    O N N 246 
PHE CB   C N N 247 
PHE CG   C Y N 248 
PHE CD1  C Y N 249 
PHE CD2  C Y N 250 
PHE CE1  C Y N 251 
PHE CE2  C Y N 252 
PHE CZ   C Y N 253 
PHE OXT  O N N 254 
PHE H    H N N 255 
PHE H2   H N N 256 
PHE HA   H N N 257 
PHE HB2  H N N 258 
PHE HB3  H N N 259 
PHE HD1  H N N 260 
PHE HD2  H N N 261 
PHE HE1  H N N 262 
PHE HE2  H N N 263 
PHE HZ   H N N 264 
PHE HXT  H N N 265 
PRO N    N N N 266 
PRO CA   C N S 267 
PRO C    C N N 268 
PRO O    O N N 269 
PRO CB   C N N 270 
PRO CG   C N N 271 
PRO CD   C N N 272 
PRO OXT  O N N 273 
PRO H    H N N 274 
PRO HA   H N N 275 
PRO HB2  H N N 276 
PRO HB3  H N N 277 
PRO HG2  H N N 278 
PRO HG3  H N N 279 
PRO HD2  H N N 280 
PRO HD3  H N N 281 
PRO HXT  H N N 282 
SER N    N N N 283 
SER CA   C N S 284 
SER C    C N N 285 
SER O    O N N 286 
SER CB   C N N 287 
SER OG   O N N 288 
SER OXT  O N N 289 
SER H    H N N 290 
SER H2   H N N 291 
SER HA   H N N 292 
SER HB2  H N N 293 
SER HB3  H N N 294 
SER HG   H N N 295 
SER HXT  H N N 296 
THR N    N N N 297 
THR CA   C N S 298 
THR C    C N N 299 
THR O    O N N 300 
THR CB   C N R 301 
THR OG1  O N N 302 
THR CG2  C N N 303 
THR OXT  O N N 304 
THR H    H N N 305 
THR H2   H N N 306 
THR HA   H N N 307 
THR HB   H N N 308 
THR HG1  H N N 309 
THR HG21 H N N 310 
THR HG22 H N N 311 
THR HG23 H N N 312 
THR HXT  H N N 313 
TRP N    N N N 314 
TRP CA   C N S 315 
TRP C    C N N 316 
TRP O    O N N 317 
TRP CB   C N N 318 
TRP CG   C Y N 319 
TRP CD1  C Y N 320 
TRP CD2  C Y N 321 
TRP NE1  N Y N 322 
TRP CE2  C Y N 323 
TRP CE3  C Y N 324 
TRP CZ2  C Y N 325 
TRP CZ3  C Y N 326 
TRP CH2  C Y N 327 
TRP OXT  O N N 328 
TRP H    H N N 329 
TRP H2   H N N 330 
TRP HA   H N N 331 
TRP HB2  H N N 332 
TRP HB3  H N N 333 
TRP HD1  H N N 334 
TRP HE1  H N N 335 
TRP HE3  H N N 336 
TRP HZ2  H N N 337 
TRP HZ3  H N N 338 
TRP HH2  H N N 339 
TRP HXT  H N N 340 
TYR N    N N N 341 
TYR CA   C N S 342 
TYR C    C N N 343 
TYR O    O N N 344 
TYR CB   C N N 345 
TYR CG   C Y N 346 
TYR CD1  C Y N 347 
TYR CD2  C Y N 348 
TYR CE1  C Y N 349 
TYR CE2  C Y N 350 
TYR CZ   C Y N 351 
TYR OH   O N N 352 
TYR OXT  O N N 353 
TYR H    H N N 354 
TYR H2   H N N 355 
TYR HA   H N N 356 
TYR HB2  H N N 357 
TYR HB3  H N N 358 
TYR HD1  H N N 359 
TYR HD2  H N N 360 
TYR HE1  H N N 361 
TYR HE2  H N N 362 
TYR HH   H N N 363 
TYR HXT  H N N 364 
VAL N    N N N 365 
VAL CA   C N S 366 
VAL C    C N N 367 
VAL O    O N N 368 
VAL CB   C N N 369 
VAL CG1  C N N 370 
VAL CG2  C N N 371 
VAL OXT  O N N 372 
VAL H    H N N 373 
VAL H2   H N N 374 
VAL HA   H N N 375 
VAL HB   H N N 376 
VAL HG11 H N N 377 
VAL HG12 H N N 378 
VAL HG13 H N N 379 
VAL HG21 H N N 380 
VAL HG22 H N N 381 
VAL HG23 H N N 382 
VAL HXT  H N N 383 
# 
loop_
_chem_comp_bond.comp_id 
_chem_comp_bond.atom_id_1 
_chem_comp_bond.atom_id_2 
_chem_comp_bond.value_order 
_chem_comp_bond.pdbx_aromatic_flag 
_chem_comp_bond.pdbx_stereo_config 
_chem_comp_bond.pdbx_ordinal 
ALA N   CA   sing N N 1   
ALA N   H    sing N N 2   
ALA N   H2   sing N N 3   
ALA CA  C    sing N N 4   
ALA CA  CB   sing N N 5   
ALA CA  HA   sing N N 6   
ALA C   O    doub N N 7   
ALA C   OXT  sing N N 8   
ALA CB  HB1  sing N N 9   
ALA CB  HB2  sing N N 10  
ALA CB  HB3  sing N N 11  
ALA OXT HXT  sing N N 12  
ARG N   CA   sing N N 13  
ARG N   H    sing N N 14  
ARG N   H2   sing N N 15  
ARG CA  C    sing N N 16  
ARG CA  CB   sing N N 17  
ARG CA  HA   sing N N 18  
ARG C   O    doub N N 19  
ARG C   OXT  sing N N 20  
ARG CB  CG   sing N N 21  
ARG CB  HB2  sing N N 22  
ARG CB  HB3  sing N N 23  
ARG CG  CD   sing N N 24  
ARG CG  HG2  sing N N 25  
ARG CG  HG3  sing N N 26  
ARG CD  NE   sing N N 27  
ARG CD  HD2  sing N N 28  
ARG CD  HD3  sing N N 29  
ARG NE  CZ   sing N N 30  
ARG NE  HE   sing N N 31  
ARG CZ  NH1  sing N N 32  
ARG CZ  NH2  doub N N 33  
ARG NH1 HH11 sing N N 34  
ARG NH1 HH12 sing N N 35  
ARG NH2 HH21 sing N N 36  
ARG NH2 HH22 sing N N 37  
ARG OXT HXT  sing N N 38  
ASN N   CA   sing N N 39  
ASN N   H    sing N N 40  
ASN N   H2   sing N N 41  
ASN CA  C    sing N N 42  
ASN CA  CB   sing N N 43  
ASN CA  HA   sing N N 44  
ASN C   O    doub N N 45  
ASN C   OXT  sing N N 46  
ASN CB  CG   sing N N 47  
ASN CB  HB2  sing N N 48  
ASN CB  HB3  sing N N 49  
ASN CG  OD1  doub N N 50  
ASN CG  ND2  sing N N 51  
ASN ND2 HD21 sing N N 52  
ASN ND2 HD22 sing N N 53  
ASN OXT HXT  sing N N 54  
ASP N   CA   sing N N 55  
ASP N   H    sing N N 56  
ASP N   H2   sing N N 57  
ASP CA  C    sing N N 58  
ASP CA  CB   sing N N 59  
ASP CA  HA   sing N N 60  
ASP C   O    doub N N 61  
ASP C   OXT  sing N N 62  
ASP CB  CG   sing N N 63  
ASP CB  HB2  sing N N 64  
ASP CB  HB3  sing N N 65  
ASP CG  OD1  doub N N 66  
ASP CG  OD2  sing N N 67  
ASP OD2 HD2  sing N N 68  
ASP OXT HXT  sing N N 69  
CYS N   CA   sing N N 70  
CYS N   H    sing N N 71  
CYS N   H2   sing N N 72  
CYS CA  C    sing N N 73  
CYS CA  CB   sing N N 74  
CYS CA  HA   sing N N 75  
CYS C   O    doub N N 76  
CYS C   OXT  sing N N 77  
CYS CB  SG   sing N N 78  
CYS CB  HB2  sing N N 79  
CYS CB  HB3  sing N N 80  
CYS SG  HG   sing N N 81  
CYS OXT HXT  sing N N 82  
GLN N   CA   sing N N 83  
GLN N   H    sing N N 84  
GLN N   H2   sing N N 85  
GLN CA  C    sing N N 86  
GLN CA  CB   sing N N 87  
GLN CA  HA   sing N N 88  
GLN C   O    doub N N 89  
GLN C   OXT  sing N N 90  
GLN CB  CG   sing N N 91  
GLN CB  HB2  sing N N 92  
GLN CB  HB3  sing N N 93  
GLN CG  CD   sing N N 94  
GLN CG  HG2  sing N N 95  
GLN CG  HG3  sing N N 96  
GLN CD  OE1  doub N N 97  
GLN CD  NE2  sing N N 98  
GLN NE2 HE21 sing N N 99  
GLN NE2 HE22 sing N N 100 
GLN OXT HXT  sing N N 101 
GLU N   CA   sing N N 102 
GLU N   H    sing N N 103 
GLU N   H2   sing N N 104 
GLU CA  C    sing N N 105 
GLU CA  CB   sing N N 106 
GLU CA  HA   sing N N 107 
GLU C   O    doub N N 108 
GLU C   OXT  sing N N 109 
GLU CB  CG   sing N N 110 
GLU CB  HB2  sing N N 111 
GLU CB  HB3  sing N N 112 
GLU CG  CD   sing N N 113 
GLU CG  HG2  sing N N 114 
GLU CG  HG3  sing N N 115 
GLU CD  OE1  doub N N 116 
GLU CD  OE2  sing N N 117 
GLU OE2 HE2  sing N N 118 
GLU OXT HXT  sing N N 119 
GLY N   CA   sing N N 120 
GLY N   H    sing N N 121 
GLY N   H2   sing N N 122 
GLY CA  C    sing N N 123 
GLY CA  HA2  sing N N 124 
GLY CA  HA3  sing N N 125 
GLY C   O    doub N N 126 
GLY C   OXT  sing N N 127 
GLY OXT HXT  sing N N 128 
GOL C1  O1   sing N N 129 
GOL C1  C2   sing N N 130 
GOL C1  H11  sing N N 131 
GOL C1  H12  sing N N 132 
GOL O1  HO1  sing N N 133 
GOL C2  O2   sing N N 134 
GOL C2  C3   sing N N 135 
GOL C2  H2   sing N N 136 
GOL O2  HO2  sing N N 137 
GOL C3  O3   sing N N 138 
GOL C3  H31  sing N N 139 
GOL C3  H32  sing N N 140 
GOL O3  HO3  sing N N 141 
HOH O   H1   sing N N 142 
HOH O   H2   sing N N 143 
ILE N   CA   sing N N 144 
ILE N   H    sing N N 145 
ILE N   H2   sing N N 146 
ILE CA  C    sing N N 147 
ILE CA  CB   sing N N 148 
ILE CA  HA   sing N N 149 
ILE C   O    doub N N 150 
ILE C   OXT  sing N N 151 
ILE CB  CG1  sing N N 152 
ILE CB  CG2  sing N N 153 
ILE CB  HB   sing N N 154 
ILE CG1 CD1  sing N N 155 
ILE CG1 HG12 sing N N 156 
ILE CG1 HG13 sing N N 157 
ILE CG2 HG21 sing N N 158 
ILE CG2 HG22 sing N N 159 
ILE CG2 HG23 sing N N 160 
ILE CD1 HD11 sing N N 161 
ILE CD1 HD12 sing N N 162 
ILE CD1 HD13 sing N N 163 
ILE OXT HXT  sing N N 164 
LEU N   CA   sing N N 165 
LEU N   H    sing N N 166 
LEU N   H2   sing N N 167 
LEU CA  C    sing N N 168 
LEU CA  CB   sing N N 169 
LEU CA  HA   sing N N 170 
LEU C   O    doub N N 171 
LEU C   OXT  sing N N 172 
LEU CB  CG   sing N N 173 
LEU CB  HB2  sing N N 174 
LEU CB  HB3  sing N N 175 
LEU CG  CD1  sing N N 176 
LEU CG  CD2  sing N N 177 
LEU CG  HG   sing N N 178 
LEU CD1 HD11 sing N N 179 
LEU CD1 HD12 sing N N 180 
LEU CD1 HD13 sing N N 181 
LEU CD2 HD21 sing N N 182 
LEU CD2 HD22 sing N N 183 
LEU CD2 HD23 sing N N 184 
LEU OXT HXT  sing N N 185 
LYS N   CA   sing N N 186 
LYS N   H    sing N N 187 
LYS N   H2   sing N N 188 
LYS CA  C    sing N N 189 
LYS CA  CB   sing N N 190 
LYS CA  HA   sing N N 191 
LYS C   O    doub N N 192 
LYS C   OXT  sing N N 193 
LYS CB  CG   sing N N 194 
LYS CB  HB2  sing N N 195 
LYS CB  HB3  sing N N 196 
LYS CG  CD   sing N N 197 
LYS CG  HG2  sing N N 198 
LYS CG  HG3  sing N N 199 
LYS CD  CE   sing N N 200 
LYS CD  HD2  sing N N 201 
LYS CD  HD3  sing N N 202 
LYS CE  NZ   sing N N 203 
LYS CE  HE2  sing N N 204 
LYS CE  HE3  sing N N 205 
LYS NZ  HZ1  sing N N 206 
LYS NZ  HZ2  sing N N 207 
LYS NZ  HZ3  sing N N 208 
LYS OXT HXT  sing N N 209 
MET N   CA   sing N N 210 
MET N   H    sing N N 211 
MET N   H2   sing N N 212 
MET CA  C    sing N N 213 
MET CA  CB   sing N N 214 
MET CA  HA   sing N N 215 
MET C   O    doub N N 216 
MET C   OXT  sing N N 217 
MET CB  CG   sing N N 218 
MET CB  HB2  sing N N 219 
MET CB  HB3  sing N N 220 
MET CG  SD   sing N N 221 
MET CG  HG2  sing N N 222 
MET CG  HG3  sing N N 223 
MET SD  CE   sing N N 224 
MET CE  HE1  sing N N 225 
MET CE  HE2  sing N N 226 
MET CE  HE3  sing N N 227 
MET OXT HXT  sing N N 228 
PHE N   CA   sing N N 229 
PHE N   H    sing N N 230 
PHE N   H2   sing N N 231 
PHE CA  C    sing N N 232 
PHE CA  CB   sing N N 233 
PHE CA  HA   sing N N 234 
PHE C   O    doub N N 235 
PHE C   OXT  sing N N 236 
PHE CB  CG   sing N N 237 
PHE CB  HB2  sing N N 238 
PHE CB  HB3  sing N N 239 
PHE CG  CD1  doub Y N 240 
PHE CG  CD2  sing Y N 241 
PHE CD1 CE1  sing Y N 242 
PHE CD1 HD1  sing N N 243 
PHE CD2 CE2  doub Y N 244 
PHE CD2 HD2  sing N N 245 
PHE CE1 CZ   doub Y N 246 
PHE CE1 HE1  sing N N 247 
PHE CE2 CZ   sing Y N 248 
PHE CE2 HE2  sing N N 249 
PHE CZ  HZ   sing N N 250 
PHE OXT HXT  sing N N 251 
PRO N   CA   sing N N 252 
PRO N   CD   sing N N 253 
PRO N   H    sing N N 254 
PRO CA  C    sing N N 255 
PRO CA  CB   sing N N 256 
PRO CA  HA   sing N N 257 
PRO C   O    doub N N 258 
PRO C   OXT  sing N N 259 
PRO CB  CG   sing N N 260 
PRO CB  HB2  sing N N 261 
PRO CB  HB3  sing N N 262 
PRO CG  CD   sing N N 263 
PRO CG  HG2  sing N N 264 
PRO CG  HG3  sing N N 265 
PRO CD  HD2  sing N N 266 
PRO CD  HD3  sing N N 267 
PRO OXT HXT  sing N N 268 
SER N   CA   sing N N 269 
SER N   H    sing N N 270 
SER N   H2   sing N N 271 
SER CA  C    sing N N 272 
SER CA  CB   sing N N 273 
SER CA  HA   sing N N 274 
SER C   O    doub N N 275 
SER C   OXT  sing N N 276 
SER CB  OG   sing N N 277 
SER CB  HB2  sing N N 278 
SER CB  HB3  sing N N 279 
SER OG  HG   sing N N 280 
SER OXT HXT  sing N N 281 
THR N   CA   sing N N 282 
THR N   H    sing N N 283 
THR N   H2   sing N N 284 
THR CA  C    sing N N 285 
THR CA  CB   sing N N 286 
THR CA  HA   sing N N 287 
THR C   O    doub N N 288 
THR C   OXT  sing N N 289 
THR CB  OG1  sing N N 290 
THR CB  CG2  sing N N 291 
THR CB  HB   sing N N 292 
THR OG1 HG1  sing N N 293 
THR CG2 HG21 sing N N 294 
THR CG2 HG22 sing N N 295 
THR CG2 HG23 sing N N 296 
THR OXT HXT  sing N N 297 
TRP N   CA   sing N N 298 
TRP N   H    sing N N 299 
TRP N   H2   sing N N 300 
TRP CA  C    sing N N 301 
TRP CA  CB   sing N N 302 
TRP CA  HA   sing N N 303 
TRP C   O    doub N N 304 
TRP C   OXT  sing N N 305 
TRP CB  CG   sing N N 306 
TRP CB  HB2  sing N N 307 
TRP CB  HB3  sing N N 308 
TRP CG  CD1  doub Y N 309 
TRP CG  CD2  sing Y N 310 
TRP CD1 NE1  sing Y N 311 
TRP CD1 HD1  sing N N 312 
TRP CD2 CE2  doub Y N 313 
TRP CD2 CE3  sing Y N 314 
TRP NE1 CE2  sing Y N 315 
TRP NE1 HE1  sing N N 316 
TRP CE2 CZ2  sing Y N 317 
TRP CE3 CZ3  doub Y N 318 
TRP CE3 HE3  sing N N 319 
TRP CZ2 CH2  doub Y N 320 
TRP CZ2 HZ2  sing N N 321 
TRP CZ3 CH2  sing Y N 322 
TRP CZ3 HZ3  sing N N 323 
TRP CH2 HH2  sing N N 324 
TRP OXT HXT  sing N N 325 
TYR N   CA   sing N N 326 
TYR N   H    sing N N 327 
TYR N   H2   sing N N 328 
TYR CA  C    sing N N 329 
TYR CA  CB   sing N N 330 
TYR CA  HA   sing N N 331 
TYR C   O    doub N N 332 
TYR C   OXT  sing N N 333 
TYR CB  CG   sing N N 334 
TYR CB  HB2  sing N N 335 
TYR CB  HB3  sing N N 336 
TYR CG  CD1  doub Y N 337 
TYR CG  CD2  sing Y N 338 
TYR CD1 CE1  sing Y N 339 
TYR CD1 HD1  sing N N 340 
TYR CD2 CE2  doub Y N 341 
TYR CD2 HD2  sing N N 342 
TYR CE1 CZ   doub Y N 343 
TYR CE1 HE1  sing N N 344 
TYR CE2 CZ   sing Y N 345 
TYR CE2 HE2  sing N N 346 
TYR CZ  OH   sing N N 347 
TYR OH  HH   sing N N 348 
TYR OXT HXT  sing N N 349 
VAL N   CA   sing N N 350 
VAL N   H    sing N N 351 
VAL N   H2   sing N N 352 
VAL CA  C    sing N N 353 
VAL CA  CB   sing N N 354 
VAL CA  HA   sing N N 355 
VAL C   O    doub N N 356 
VAL C   OXT  sing N N 357 
VAL CB  CG1  sing N N 358 
VAL CB  CG2  sing N N 359 
VAL CB  HB   sing N N 360 
VAL CG1 HG11 sing N N 361 
VAL CG1 HG12 sing N N 362 
VAL CG1 HG13 sing N N 363 
VAL CG2 HG21 sing N N 364 
VAL CG2 HG22 sing N N 365 
VAL CG2 HG23 sing N N 366 
VAL OXT HXT  sing N N 367 
# 
_atom_sites.entry_id                    2R8N 
_atom_sites.fract_transf_matrix[1][1]   -0.00063651 
_atom_sites.fract_transf_matrix[1][2]   0.00910275 
_atom_sites.fract_transf_matrix[1][3]   -0.01936588 
_atom_sites.fract_transf_matrix[2][1]   0.02139429 
_atom_sites.fract_transf_matrix[2][2]   -0.00011529 
_atom_sites.fract_transf_matrix[2][3]   -0.00075737 
_atom_sites.fract_transf_matrix[3][1]   -0.00019775 
_atom_sites.fract_transf_matrix[3][2]   -0.00898746 
_atom_sites.fract_transf_matrix[3][3]   -0.00421798 
_atom_sites.fract_transf_vector[1]      0.940100 
_atom_sites.fract_transf_vector[2]      0.899701 
_atom_sites.fract_transf_vector[3]      -0.112694 
# 
loop_
_atom_type.symbol 
C 
N 
O 
S 
# 
loop_
_atom_site.group_PDB 
_atom_site.id 
_atom_site.type_symbol 
_atom_site.label_atom_id 
_atom_site.label_alt_id 
_atom_site.label_comp_id 
_atom_site.label_asym_id 
_atom_site.label_entity_id 
_atom_site.label_seq_id 
_atom_site.pdbx_PDB_ins_code 
_atom_site.Cartn_x 
_atom_site.Cartn_y 
_atom_site.Cartn_z 
_atom_site.occupancy 
_atom_site.B_iso_or_equiv 
_atom_site.pdbx_formal_charge 
_atom_site.auth_seq_id 
_atom_site.auth_comp_id 
_atom_site.auth_asym_id 
_atom_site.auth_atom_id 
_atom_site.pdbx_PDB_model_num 
ATOM   1   N N   . PRO A 1 1  ? 14.784  0.122   -8.624  1.00 22.94 ? 1   PRO A N   1 
ATOM   2   C CA  . PRO A 1 1  ? 15.557  -1.091  -8.358  1.00 22.45 ? 1   PRO A CA  1 
ATOM   3   C C   . PRO A 1 1  ? 15.036  -2.302  -9.115  1.00 20.80 ? 1   PRO A C   1 
ATOM   4   O O   . PRO A 1 1  ? 13.944  -2.248  -9.654  1.00 20.04 ? 1   PRO A O   1 
ATOM   5   C CB  . PRO A 1 1  ? 15.347  -1.294  -6.851  1.00 26.84 ? 1   PRO A CB  1 
ATOM   6   C CG  . PRO A 1 1  ? 13.997  -0.736  -6.585  1.00 27.75 ? 1   PRO A CG  1 
ATOM   7   C CD  . PRO A 1 1  ? 13.815  0.401   -7.540  1.00 26.24 ? 1   PRO A CD  1 
ATOM   8   N N   . GLN A 1 2  ? 15.856  -3.341  -9.082  1.00 20.10 ? 2   GLN A N   1 
ATOM   9   C CA  . GLN A 1 2  ? 15.446  -4.675  -9.506  1.00 17.97 ? 2   GLN A CA  1 
ATOM   10  C C   . GLN A 1 2  ? 15.393  -5.610  -8.304  1.00 19.51 ? 2   GLN A C   1 
ATOM   11  O O   . GLN A 1 2  ? 16.439  -5.794  -7.662  1.00 26.23 ? 2   GLN A O   1 
ATOM   12  C CB  . GLN A 1 2  ? 16.389  -5.256  -10.545 1.00 20.03 ? 2   GLN A CB  1 
ATOM   13  C CG  . GLN A 1 2  ? 16.022  -6.708  -10.861 1.00 22.22 ? 2   GLN A CG  1 
ATOM   14  C CD  . GLN A 1 2  ? 16.710  -7.331  -12.024 1.00 25.70 ? 2   GLN A CD  1 
ATOM   15  O OE1 . GLN A 1 2  ? 17.879  -7.749  -11.927 1.00 35.93 ? 2   GLN A OE1 1 
ATOM   16  N NE2 . GLN A 1 2  ? 16.138  -7.553  -13.202 1.00 36.79 ? 2   GLN A NE2 1 
ATOM   17  N N   . ILE A 1 3  ? 14.220  -6.109  -7.977  1.00 18.62 ? 3   ILE A N   1 
ATOM   18  C CA  . ILE A 1 3  ? 14.057  -6.846  -6.728  1.00 17.78 ? 3   ILE A CA  1 
ATOM   19  C C   . ILE A 1 3  ? 13.777  -8.312  -7.042  1.00 16.95 ? 3   ILE A C   1 
ATOM   20  O O   . ILE A 1 3  ? 12.784  -8.659  -7.694  1.00 16.71 ? 3   ILE A O   1 
ATOM   21  C CB  . ILE A 1 3  ? 12.938  -6.221  -5.899  1.00 16.88 ? 3   ILE A CB  1 
ATOM   22  C CG1 . ILE A 1 3  ? 13.283  -4.791  -5.510  1.00 19.71 ? 3   ILE A CG1 1 
ATOM   23  C CG2 . ILE A 1 3  ? 12.618  -7.093  -4.695  1.00 18.44 ? 3   ILE A CG2 1 
ATOM   24  C CD1 . ILE A 1 3  ? 12.187  -4.002  -4.853  1.00 22.64 ? 3   ILE A CD1 1 
ATOM   25  N N   . THR A 1 4  ? 14.666  -9.184  -6.575  1.00 17.08 ? 4   THR A N   1 
ATOM   26  C CA  . THR A 1 4  ? 14.433  -10.611 -6.728  1.00 17.22 ? 4   THR A CA  1 
ATOM   27  C C   . THR A 1 4  ? 13.484  -11.064 -5.609  1.00 15.94 ? 4   THR A C   1 
ATOM   28  O O   . THR A 1 4  ? 13.188  -10.282 -4.716  1.00 16.77 ? 4   THR A O   1 
ATOM   29  C CB  . THR A 1 4  ? 15.710  -11.453 -6.730  1.00 18.52 ? 4   THR A CB  1 
ATOM   30  O OG1 . THR A 1 4  ? 16.349  -11.309 -5.463  1.00 22.85 ? 4   THR A OG1 1 
ATOM   31  C CG2 . THR A 1 4  ? 16.640  -10.962 -7.825  1.00 27.62 ? 4   THR A CG2 1 
ATOM   32  N N   . LEU A 1 5  ? 13.028  -12.295 -5.714  1.00 15.32 ? 5   LEU A N   1 
ATOM   33  C CA  . LEU A 1 5  ? 11.916  -12.754 -4.908  1.00 14.30 ? 5   LEU A CA  1 
ATOM   34  C C   . LEU A 1 5  ? 12.268  -13.935 -4.008  1.00 14.52 ? 5   LEU A C   1 
ATOM   35  O O   . LEU A 1 5  ? 11.389  -14.688 -3.545  1.00 13.12 ? 5   LEU A O   1 
ATOM   36  C CB  . LEU A 1 5  ? 10.710  -13.041 -5.817  1.00 12.96 ? 5   LEU A CB  1 
ATOM   37  C CG  . LEU A 1 5  ? 10.137  -11.775 -6.484  1.00 12.31 ? 5   LEU A CG  1 
ATOM   38  C CD1 . LEU A 1 5  ? 9.153   -12.137 -7.559  1.00 13.17 ? 5   LEU A CD1 1 
ATOM   39  C CD2 . LEU A 1 5  ? 9.472   -10.928 -5.470  1.00 13.60 ? 5   LEU A CD2 1 
ATOM   40  N N   . TRP A 1 6  ? 13.575  -14.130 -3.744  1.00 15.74 ? 6   TRP A N   1 
ATOM   41  C CA  . TRP A 1 6  ? 13.994  -15.183 -2.818  1.00 16.25 ? 6   TRP A CA  1 
ATOM   42  C C   . TRP A 1 6  ? 13.550  -14.910 -1.375  1.00 16.89 ? 6   TRP A C   1 
ATOM   43  O O   . TRP A 1 6  ? 13.380  -15.852 -0.626  1.00 19.60 ? 6   TRP A O   1 
ATOM   44  C CB  . TRP A 1 6  ? 15.479  -15.352 -2.794  1.00 17.13 ? 6   TRP A CB  1 
ATOM   45  C CG  . TRP A 1 6  ? 16.046  -15.760 -4.107  1.00 17.23 ? 6   TRP A CG  1 
ATOM   46  C CD1 . TRP A 1 6  ? 16.581  -14.893 -4.989  1.00 18.69 ? 6   TRP A CD1 1 
ATOM   47  C CD2 . TRP A 1 6  ? 16.115  -17.105 -4.648  1.00 18.58 ? 6   TRP A CD2 1 
ATOM   48  N NE1 . TRP A 1 6  ? 17.012  -15.608 -6.089  1.00 19.19 ? 6   TRP A NE1 1 
ATOM   49  C CE2 . TRP A 1 6  ? 16.733  -16.953 -5.881  1.00 20.94 ? 6   TRP A CE2 1 
ATOM   50  C CE3 . TRP A 1 6  ? 15.740  -18.371 -4.204  1.00 21.27 ? 6   TRP A CE3 1 
ATOM   51  C CZ2 . TRP A 1 6  ? 16.965  -18.069 -6.681  1.00 21.54 ? 6   TRP A CZ2 1 
ATOM   52  C CZ3 . TRP A 1 6  ? 15.989  -19.476 -5.014  1.00 23.09 ? 6   TRP A CZ3 1 
ATOM   53  C CH2 . TRP A 1 6  ? 16.605  -19.298 -6.252  1.00 24.07 ? 6   TRP A CH2 1 
ATOM   54  N N   . LYS A 1 7  ? 13.364  -13.649 -1.008  1.00 16.82 ? 7   LYS A N   1 
ATOM   55  C CA  . LYS A 1 7  ? 12.719  -13.336 0.271   1.00 18.36 ? 7   LYS A CA  1 
ATOM   56  C C   . LYS A 1 7  ? 11.493  -12.473 -0.060  1.00 13.81 ? 7   LYS A C   1 
ATOM   57  O O   . LYS A 1 7  ? 11.272  -12.001 -1.170  1.00 14.15 ? 7   LYS A O   1 
ATOM   58  C CB  . LYS A 1 7  ? 13.575  -12.604 1.241   1.00 23.06 ? 7   LYS A CB  1 
ATOM   59  C CG  . LYS A 1 7  ? 14.529  -11.607 0.612   1.00 31.65 ? 7   LYS A CG  1 
ATOM   60  C CD  . LYS A 1 7  ? 15.363  -10.998 1.756   1.00 38.22 ? 7   LYS A CD  1 
ATOM   61  C CE  . LYS A 1 7  ? 16.203  -9.817  1.298   1.00 42.22 ? 7   LYS A CE  1 
ATOM   62  N NZ  . LYS A 1 7  ? 17.387  -9.614  2.194   1.00 48.94 ? 7   LYS A NZ  1 
ATOM   63  N N   . ARG A 1 8  ? 10.645  -12.296 0.951   1.00 13.51 ? 8   ARG A N   1 
ATOM   64  C CA  . ARG A 1 8  ? 9.485   -11.414 0.824   1.00 12.62 ? 8   ARG A CA  1 
ATOM   65  C C   . ARG A 1 8  ? 9.967   -10.026 0.408   1.00 12.38 ? 8   ARG A C   1 
ATOM   66  O O   . ARG A 1 8  ? 10.935  -9.506  0.994   1.00 13.24 ? 8   ARG A O   1 
ATOM   67  C CB  . ARG A 1 8  ? 8.637   -11.364 2.098   1.00 13.91 ? 8   ARG A CB  1 
ATOM   68  C CG  . ARG A 1 8  ? 8.001   -12.713 2.471   1.00 15.55 ? 8   ARG A CG  1 
ATOM   69  C CD  . ARG A 1 8  ? 7.198   -12.685 3.765   1.00 22.43 ? 8   ARG A CD  1 
ATOM   70  N NE  . ARG A 1 8  ? 6.540   -13.984 4.028   1.00 27.58 ? 8   ARG A NE  1 
ATOM   71  C CZ  . ARG A 1 8  ? 6.022   -14.361 5.207   1.00 32.25 ? 8   ARG A CZ  1 
ATOM   72  N NH1 . ARG A 1 8  ? 6.084   -13.513 6.266   1.00 38.03 ? 8   ARG A NH1 1 
ATOM   73  N NH2 . ARG A 1 8  ? 5.432   -15.514 5.472   1.00 36.12 ? 8   ARG A NH2 1 
ATOM   74  N N   . PRO A 1 9  ? 9.297   -9.392  -0.576  1.00 11.45 ? 9   PRO A N   1 
ATOM   75  C CA  . PRO A 1 9  ? 9.732   -8.062  -1.032  1.00 11.53 ? 9   PRO A CA  1 
ATOM   76  C C   . PRO A 1 9  ? 9.233   -6.971  -0.105  1.00 10.59 ? 9   PRO A C   1 
ATOM   77  O O   . PRO A 1 9  ? 8.345   -6.156  -0.430  1.00 11.28 ? 9   PRO A O   1 
ATOM   78  C CB  . PRO A 1 9  ? 9.116   -7.956  -2.426  1.00 12.02 ? 9   PRO A CB  1 
ATOM   79  C CG  . PRO A 1 9  ? 7.925   -8.834  -2.378  1.00 11.48 ? 9   PRO A CG  1 
ATOM   80  C CD  . PRO A 1 9  ? 8.293   -9.993  -1.472  1.00 11.48 ? 9   PRO A CD  1 
ATOM   81  N N   . LEU A 1 10 ? 9.819   -6.917  1.058   1.00 12.46 ? 10  LEU A N   1 
ATOM   82  C CA  . LEU A 1 10 ? 9.558   -5.884  2.073   1.00 12.28 ? 10  LEU A CA  1 
ATOM   83  C C   . LEU A 1 10 ? 10.437  -4.699  1.766   1.00 12.61 ? 10  LEU A C   1 
ATOM   84  O O   . LEU A 1 10 ? 11.624  -4.818  1.461   1.00 15.69 ? 10  LEU A O   1 
ATOM   85  C CB  . LEU A 1 10 ? 9.826   -6.385  3.488   1.00 14.22 ? 10  LEU A CB  1 
ATOM   86  C CG  . LEU A 1 10 ? 8.942   -7.504  3.986   1.00 16.70 ? 10  LEU A CG  1 
ATOM   87  C CD1 . LEU A 1 10 ? 9.510   -8.091  5.266   1.00 24.10 ? 10  LEU A CD1 1 
ATOM   88  C CD2 . LEU A 1 10 ? 7.502   -7.043  4.196   1.00 18.70 ? 10  LEU A CD2 1 
ATOM   89  N N   . VAL A 1 11 ? 9.789   -3.524  1.852   1.00 11.69 ? 11  VAL A N   1 
ATOM   90  C CA  . VAL A 1 11 ? 10.479  -2.254  1.616   1.00 12.48 ? 11  VAL A CA  1 
ATOM   91  C C   . VAL A 1 11 ? 10.122  -1.279  2.720   1.00 11.65 ? 11  VAL A C   1 
ATOM   92  O O   . VAL A 1 11 ? 9.087   -1.404  3.373   1.00 12.34 ? 11  VAL A O   1 
ATOM   93  C CB  . VAL A 1 11 ? 10.111  -1.635  0.272   1.00 13.37 ? 11  VAL A CB  1 
ATOM   94  C CG1 . VAL A 1 11 ? 10.624  -2.506  -0.852  1.00 18.38 ? 11  VAL A CG1 1 
ATOM   95  C CG2 . VAL A 1 11 ? 8.593   -1.445  0.125   1.00 16.10 ? 11  VAL A CG2 1 
ATOM   96  N N   . SER A 1 12 ? 10.995  -0.285  2.912   1.00 12.94 ? 12  SER A N   1 
ATOM   97  C CA  . SER A 1 12 ? 10.704  0.871   3.716   1.00 13.72 ? 12  SER A CA  1 
ATOM   98  C C   . SER A 1 12 ? 9.947   1.881   2.876   1.00 13.15 ? 12  SER A C   1 
ATOM   99  O O   . SER A 1 12 ? 10.369  2.116   1.730   1.00 17.75 ? 12  SER A O   1 
ATOM   100 C CB  . SER A 1 12 ? 12.060  1.438   4.256   1.00 16.82 ? 12  SER A CB  1 
ATOM   101 O OG  . SER A 1 12 ? 11.766  2.460   5.179   1.00 20.84 ? 12  SER A OG  1 
ATOM   102 N N   . ILE A 1 13 ? 8.866   2.433   3.422   1.00 11.22 ? 13  ILE A N   1 
ATOM   103 C CA  . ILE A 1 13 ? 8.147   3.471   2.685   1.00 11.81 ? 13  ILE A CA  1 
ATOM   104 C C   . ILE A 1 13 ? 7.986   4.703   3.568   1.00 11.92 ? 13  ILE A C   1 
ATOM   105 O O   . ILE A 1 13 ? 7.936   4.637   4.810   1.00 14.62 ? 13  ILE A O   1 
ATOM   106 C CB  . ILE A 1 13 ? 6.785   3.005   2.233   1.00 13.41 ? 13  ILE A CB  1 
ATOM   107 C CG1 . ILE A 1 13 ? 5.740   3.013   3.328   1.00 18.38 ? 13  ILE A CG1 1 
ATOM   108 C CG2 . ILE A 1 13 ? 6.910   1.640   1.592   1.00 15.86 ? 13  ILE A CG2 1 
ATOM   109 C CD1 . ILE A 1 13 ? 4.363   2.982   2.644   1.00 21.20 ? 13  ILE A CD1 1 
ATOM   110 N N   . LYS A 1 14 ? 7.972   5.823   2.906   1.00 10.13 ? 14  LYS A N   1 
ATOM   111 C CA  . LYS A 1 14 ? 7.604   7.117   3.545   1.00 10.63 ? 14  LYS A CA  1 
ATOM   112 C C   . LYS A 1 14 ? 6.143   7.388   3.244   1.00 9.46  ? 14  LYS A C   1 
ATOM   113 O O   . LYS A 1 14 ? 5.727   7.367   2.086   1.00 10.25 ? 14  LYS A O   1 
ATOM   114 C CB  . LYS A 1 14 ? 8.476   8.249   3.018   1.00 11.26 ? 14  LYS A CB  1 
ATOM   115 C CG  . LYS A 1 14 ? 9.924   8.146   3.353   1.00 13.54 ? 14  LYS A CG  1 
ATOM   116 C CD  . LYS A 1 14 ? 10.771  9.275   2.825   1.00 14.26 ? 14  LYS A CD  1 
ATOM   117 C CE  . LYS A 1 14 ? 12.186  9.220   3.288   1.00 17.79 ? 14  LYS A CE  1 
ATOM   118 N NZ  . LYS A 1 14 ? 12.997  10.372  2.843   1.00 20.73 ? 14  LYS A NZ  1 
ATOM   119 N N   . VAL A 1 15 ? 5.364   7.688   4.300   1.00 10.01 ? 15  VAL A N   1 
ATOM   120 C CA  . VAL A 1 15 ? 3.947   7.987   4.152   1.00 10.58 ? 15  VAL A CA  1 
ATOM   121 C C   . VAL A 1 15 ? 3.524   8.804   5.354   1.00 10.83 ? 15  VAL A C   1 
ATOM   122 O O   . VAL A 1 15 ? 3.884   8.447   6.479   1.00 10.73 ? 15  VAL A O   1 
ATOM   123 C CB  . VAL A 1 15 ? 3.117   6.703   3.999   1.00 10.78 ? 15  VAL A CB  1 
ATOM   124 C CG1 . VAL A 1 15 ? 3.302   5.712   5.139   1.00 12.35 ? 15  VAL A CG1 1 
ATOM   125 C CG2 . VAL A 1 15 ? 1.646   7.047   3.786   1.00 13.27 ? 15  VAL A CG2 1 
ATOM   126 N N   . GLY A 1 16 ? 2.807   9.897   5.139   1.00 12.29 ? 16  GLY A N   1 
ATOM   127 C CA  . GLY A 1 16 ? 2.254   10.635  6.251   1.00 11.50 ? 16  GLY A CA  1 
ATOM   128 C C   . GLY A 1 16 ? 3.276   11.184  7.221   1.00 11.94 ? 16  GLY A C   1 
ATOM   129 O O   . GLY A 1 16 ? 2.959   11.332  8.413   1.00 13.25 ? 16  GLY A O   1 
ATOM   130 N N   . GLY A 1 17 ? 4.467   11.486  6.729   1.00 12.10 ? 17  GLY A N   1 
ATOM   131 C CA  . GLY A 1 17 ? 5.514   11.967  7.634   1.00 12.30 ? 17  GLY A CA  1 
ATOM   132 C C   . GLY A 1 17 ? 6.101   10.893  8.531   1.00 13.13 ? 17  GLY A C   1 
ATOM   133 O O   . GLY A 1 17 ? 6.867   11.226  9.461   1.00 15.71 ? 17  GLY A O   1 
ATOM   134 N N   . GLN A 1 18 ? 5.775   9.629   8.288   1.00 12.05 ? 18  GLN A N   1 
ATOM   135 C CA  . GLN A 1 18 ? 6.288   8.489   8.990   1.00 11.68 ? 18  GLN A CA  1 
ATOM   136 C C   . GLN A 1 18 ? 7.028   7.560   8.038   1.00 12.18 ? 18  GLN A C   1 
ATOM   137 O O   . GLN A 1 18 ? 7.005   7.732   6.814   1.00 12.07 ? 18  GLN A O   1 
ATOM   138 C CB  . GLN A 1 18 ? 5.160   7.784   9.698   1.00 14.03 ? 18  GLN A CB  1 
ATOM   139 C CG  . GLN A 1 18 ? 4.395   8.707   10.629  1.00 16.36 ? 18  GLN A CG  1 
ATOM   140 C CD  . GLN A 1 18 ? 5.101   9.121   11.874  1.00 18.67 ? 18  GLN A CD  1 
ATOM   141 O OE1 . GLN A 1 18 ? 6.116   8.556   12.270  1.00 26.96 ? 18  GLN A OE1 1 
ATOM   142 N NE2 . GLN A 1 18 ? 4.604   10.160  12.573  1.00 26.06 ? 18  GLN A NE2 1 
ATOM   143 N N   . ILE A 1 19 ? 7.686   6.584   8.630   1.00 12.98 ? 19  ILE A N   1 
ATOM   144 C CA  . ILE A 1 19 ? 8.288   5.476   7.912   1.00 14.27 ? 19  ILE A CA  1 
ATOM   145 C C   . ILE A 1 19 ? 7.623   4.174   8.330   1.00 14.40 ? 19  ILE A C   1 
ATOM   146 O O   . ILE A 1 19 ? 7.426   3.916   9.523   1.00 18.11 ? 19  ILE A O   1 
ATOM   147 C CB  . ILE A 1 19 ? 9.792   5.406   8.262   1.00 20.25 ? 19  ILE A CB  1 
ATOM   148 C CG1 . ILE A 1 19 ? 10.458  6.755   7.952   1.00 23.38 ? 19  ILE A CG1 1 
ATOM   149 C CG2 . ILE A 1 19 ? 10.482  4.244   7.629   1.00 22.08 ? 19  ILE A CG2 1 
ATOM   150 C CD1 . ILE A 1 19 ? 10.894  6.903   6.521   1.00 32.59 ? 19  ILE A CD1 1 
ATOM   151 N N   . LYS A 1 20 ? 7.254   3.379   7.361   1.00 13.68 ? 20  LYS A N   1 
ATOM   152 C CA  . LYS A 1 20 ? 6.593   2.113   7.583   1.00 13.84 ? 20  LYS A CA  1 
ATOM   153 C C   . LYS A 1 20 ? 7.305   1.046   6.749   1.00 13.88 ? 20  LYS A C   1 
ATOM   154 O O   . LYS A 1 20 ? 7.892   1.349   5.726   1.00 18.76 ? 20  LYS A O   1 
ATOM   155 C CB  . LYS A 1 20 ? 5.126   2.172   7.174   1.00 15.84 ? 20  LYS A CB  1 
ATOM   156 C CG  . LYS A 1 20 ? 4.200   3.077   7.956   1.00 17.52 ? 20  LYS A CG  1 
ATOM   157 C CD  . LYS A 1 20 ? 3.826   2.540   9.287   1.00 19.40 ? 20  LYS A CD  1 
ATOM   158 C CE  . LYS A 1 20 ? 2.783   3.345   9.998   1.00 20.50 ? 20  LYS A CE  1 
ATOM   159 N NZ  . LYS A 1 20 ? 2.615   2.767   11.352  1.00 22.84 ? 20  LYS A NZ  1 
ATOM   160 N N   . GLU A 1 21 ? 7.169   -0.191  7.150   1.00 12.90 ? 21  GLU A N   1 
ATOM   161 C CA  . GLU A 1 21 ? 7.590   -1.325  6.354   1.00 13.10 ? 21  GLU A CA  1 
ATOM   162 C C   . GLU A 1 21 ? 6.361   -1.880  5.659   1.00 11.07 ? 21  GLU A C   1 
ATOM   163 O O   . GLU A 1 21 ? 5.314   -1.977  6.254   1.00 13.04 ? 21  GLU A O   1 
ATOM   164 C CB  . GLU A 1 21 ? 8.285   -2.401  7.190   1.00 14.17 ? 21  GLU A CB  1 
ATOM   165 C CG  . GLU A 1 21 ? 8.800   -3.585  6.434   1.00 21.27 ? 21  GLU A CG  1 
ATOM   166 C CD  . GLU A 1 21 ? 9.523   -4.573  7.340   1.00 24.97 ? 21  GLU A CD  1 
ATOM   167 O OE1 . GLU A 1 21 ? 8.816   -5.360  8.007   1.00 33.30 ? 21  GLU A OE1 1 
ATOM   168 O OE2 . GLU A 1 21 ? 10.754  -4.523  7.395   1.00 38.52 ? 21  GLU A OE2 1 
ATOM   169 N N   . ALA A 1 22 ? 6.522   -2.278  4.385   1.00 11.01 ? 22  ALA A N   1 
ATOM   170 C CA  . ALA A 1 22 ? 5.377   -2.797  3.636   1.00 10.56 ? 22  ALA A CA  1 
ATOM   171 C C   . ALA A 1 22 ? 5.850   -3.794  2.585   1.00 10.36 ? 22  ALA A C   1 
ATOM   172 O O   . ALA A 1 22 ? 6.997   -3.791  2.166   1.00 12.95 ? 22  ALA A O   1 
ATOM   173 C CB  . ALA A 1 22 ? 4.588   -1.678  2.986   1.00 11.82 ? 22  ALA A CB  1 
ATOM   174 N N   . LEU A 1 23 ? 4.929   -4.619  2.146   1.00 10.60 ? 23  LEU A N   1 
ATOM   175 C CA  . LEU A 1 23 ? 5.162   -5.701  1.172   1.00 10.31 ? 23  LEU A CA  1 
ATOM   176 C C   . LEU A 1 23 ? 4.710   -5.282  -0.211  1.00 10.09 ? 23  LEU A C   1 
ATOM   177 O O   . LEU A 1 23 ? 3.554   -4.912  -0.403  1.00 11.18 ? 23  LEU A O   1 
ATOM   178 C CB  . LEU A 1 23 ? 4.367   -6.915  1.655   1.00 12.02 ? 23  LEU A CB  1 
ATOM   179 C CG  . LEU A 1 23 ? 4.482   -8.208  0.843   1.00 12.46 ? 23  LEU A CG  1 
ATOM   180 C CD1 . LEU A 1 23 ? 5.863   -8.806  1.012   1.00 14.93 ? 23  LEU A CD1 1 
ATOM   181 C CD2 . LEU A 1 23 ? 3.389   -9.170  1.294   1.00 14.78 ? 23  LEU A CD2 1 
ATOM   182 N N   . LEU A 1 24 ? 5.606   -5.392  -1.204  1.00 9.94  ? 24  LEU A N   1 
ATOM   183 C CA  . LEU A 1 24 ? 5.205   -5.156  -2.586  1.00 10.32 ? 24  LEU A CA  1 
ATOM   184 C C   . LEU A 1 24 ? 4.427   -6.364  -3.095  1.00 9.98  ? 24  LEU A C   1 
ATOM   185 O O   . LEU A 1 24 ? 5.002   -7.462  -3.252  1.00 12.08 ? 24  LEU A O   1 
ATOM   186 C CB  . LEU A 1 24 ? 6.436   -4.939  -3.450  1.00 10.83 ? 24  LEU A CB  1 
ATOM   187 C CG  . LEU A 1 24 ? 7.360   -3.788  -3.043  1.00 10.83 ? 24  LEU A CG  1 
ATOM   188 C CD1 . LEU A 1 24 ? 8.540   -3.680  -3.998  1.00 12.66 ? 24  LEU A CD1 1 
ATOM   189 C CD2 . LEU A 1 24 ? 6.624   -2.448  -2.972  1.00 13.68 ? 24  LEU A CD2 1 
ATOM   190 N N   . ASP A 1 25 ? 3.133   -6.209  -3.315  1.00 10.38 ? 25  ASP A N   1 
ATOM   191 C CA  . ASP A 1 25 ? 2.210   -7.334  -3.519  1.00 10.54 ? 25  ASP A CA  1 
ATOM   192 C C   . ASP A 1 25 ? 1.397   -7.222  -4.804  1.00 9.89  ? 25  ASP A C   1 
ATOM   193 O O   . ASP A 1 25 ? 0.337   -6.580  -4.883  1.00 10.87 ? 25  ASP A O   1 
ATOM   194 C CB  . ASP A 1 25 ? 1.251   -7.324  -2.332  1.00 11.62 ? 25  ASP A CB  1 
ATOM   195 C CG  . ASP A 1 25 ? 0.433   -8.564  -2.176  1.00 13.19 ? 25  ASP A CG  1 
ATOM   196 O OD1 . ASP A 1 25 ? 0.375   -9.332  -3.134  1.00 14.60 ? 25  ASP A OD1 1 
ATOM   197 O OD2 . ASP A 1 25 ? -0.184  -8.750  -1.114  1.00 17.78 ? 25  ASP A OD2 1 
ATOM   198 N N   . THR A 1 26 ? 1.812   -7.877  -5.866  1.00 10.39 ? 26  THR A N   1 
ATOM   199 C CA  . THR A 1 26 ? 1.177   -7.913  -7.130  1.00 9.79  ? 26  THR A CA  1 
ATOM   200 C C   . THR A 1 26 ? -0.154  -8.652  -7.062  1.00 10.29 ? 26  THR A C   1 
ATOM   201 O O   . THR A 1 26 ? -0.954  -8.508  -7.994  1.00 12.01 ? 26  THR A O   1 
ATOM   202 C CB  . THR A 1 26 ? 2.060   -8.503  -8.225  1.00 9.54  ? 26  THR A CB  1 
ATOM   203 O OG1 . THR A 1 26 ? 2.341   -9.869  -7.945  1.00 10.10 ? 26  THR A OG1 1 
ATOM   204 C CG2 . THR A 1 26 ? 3.352   -7.732  -8.405  1.00 10.62 ? 26  THR A CG2 1 
ATOM   205 N N   . GLY A 1 27 ? -0.368  -9.446  -6.040  1.00 11.05 ? 27  GLY A N   1 
ATOM   206 C CA  . GLY A 1 27 ? -1.620  -10.091 -5.807  1.00 12.41 ? 27  GLY A CA  1 
ATOM   207 C C   . GLY A 1 27 ? -2.711  -9.243  -5.170  1.00 12.70 ? 27  GLY A C   1 
ATOM   208 O O   . GLY A 1 27 ? -3.806  -9.747  -4.953  1.00 15.71 ? 27  GLY A O   1 
ATOM   209 N N   . ALA A 1 28 ? -2.410  -8.019  -4.784  1.00 11.51 ? 28  ALA A N   1 
ATOM   210 C CA  . ALA A 1 28 ? -3.325  -7.134  -4.090  1.00 11.14 ? 28  ALA A CA  1 
ATOM   211 C C   . ALA A 1 28 ? -3.735  -5.991  -5.025  1.00 10.57 ? 28  ALA A C   1 
ATOM   212 O O   . ALA A 1 28 ? -2.891  -5.344  -5.640  1.00 10.88 ? 28  ALA A O   1 
ATOM   213 C CB  . ALA A 1 28 ? -2.678  -6.575  -2.824  1.00 12.27 ? 28  ALA A CB  1 
ATOM   214 N N   . ASP A 1 29 ? -5.044  -5.743  -5.123  1.00 10.94 ? 29  ASP A N   1 
ATOM   215 C CA  . ASP A 1 29 ? -5.542  -4.642  -5.897  1.00 11.30 ? 29  ASP A CA  1 
ATOM   216 C C   . ASP A 1 29 ? -5.184  -3.313  -5.242  1.00 11.22 ? 29  ASP A C   1 
ATOM   217 O O   . ASP A 1 29 ? -4.879  -2.327  -5.932  1.00 12.21 ? 29  ASP A O   1 
ATOM   218 C CB  . ASP A 1 29 ? -7.059  -4.752  -5.969  1.00 13.40 ? 29  ASP A CB  1 
ATOM   219 C CG  . ASP A 1 29 ? -7.570  -5.977  -6.710  1.00 16.51 ? 29  ASP A CG  1 
ATOM   220 O OD1 . ASP A 1 29 ? -6.821  -6.635  -7.477  1.00 15.29 ? 29  ASP A OD1 1 
ATOM   221 O OD2 . ASP A 1 29 ? -8.772  -6.276  -6.505  1.00 23.04 ? 29  ASP A OD2 1 
ATOM   222 N N   . ASP A 1 30 ? -5.261  -3.257  -3.930  1.00 10.97 ? 30  ASP A N   1 
ATOM   223 C CA  . ASP A 1 30 ? -5.234  -2.017  -3.120  1.00 10.99 ? 30  ASP A CA  1 
ATOM   224 C C   . ASP A 1 30 ? -4.072  -2.000  -2.158  1.00 10.29 ? 30  ASP A C   1 
ATOM   225 O O   . ASP A 1 30 ? -3.462  -2.998  -1.873  1.00 12.59 ? 30  ASP A O   1 
ATOM   226 C CB  . ASP A 1 30 ? -6.547  -1.872  -2.361  1.00 12.87 ? 30  ASP A CB  1 
ATOM   227 C CG  . ASP A 1 30 ? -7.782  -1.882  -3.233  1.00 15.86 ? 30  ASP A CG  1 
ATOM   228 O OD1 . ASP A 1 30 ? -7.778  -1.207  -4.265  1.00 17.47 ? 30  ASP A OD1 1 
ATOM   229 O OD2 . ASP A 1 30 ? -8.680  -2.648  -2.838  1.00 24.14 ? 30  ASP A OD2 1 
ATOM   230 N N   . THR A 1 31 ? -3.789  -0.814  -1.628  1.00 10.36 ? 31  THR A N   1 
ATOM   231 C CA  . THR A 1 31 ? -2.748  -0.538  -0.674  1.00 9.16  ? 31  THR A CA  1 
ATOM   232 C C   . THR A 1 31 ? -3.368  -0.343  0.696   1.00 8.96  ? 31  THR A C   1 
ATOM   233 O O   . THR A 1 31 ? -4.248  0.482   0.859   1.00 10.32 ? 31  THR A O   1 
ATOM   234 C CB  . THR A 1 31 ? -1.931  0.686   -1.147  1.00 9.26  ? 31  THR A CB  1 
ATOM   235 O OG1 . THR A 1 31 ? -1.266  0.331   -2.373  1.00 9.50  ? 31  THR A OG1 1 
ATOM   236 C CG2 . THR A 1 31 ? -0.919  1.168   -0.127  1.00 10.15 ? 31  THR A CG2 1 
ATOM   237 N N   . VAL A 1 32 ? -2.918  -1.104  1.656   1.00 9.87  ? 32  VAL A N   1 
ATOM   238 C CA  . VAL A 1 32 ? -3.481  -1.127  3.001   1.00 10.45 ? 32  VAL A CA  1 
ATOM   239 C C   . VAL A 1 32 ? -2.358  -0.979  4.012   1.00 9.78  ? 32  VAL A C   1 
ATOM   240 O O   . VAL A 1 32 ? -1.388  -1.741  4.025   1.00 11.46 ? 32  VAL A O   1 
ATOM   241 C CB  . VAL A 1 32 ? -4.277  -2.408  3.294   1.00 13.18 ? 32  VAL A CB  1 
ATOM   242 C CG1 . VAL A 1 32 ? -5.010  -2.284  4.611   1.00 17.04 ? 32  VAL A CG1 1 
ATOM   243 C CG2 . VAL A 1 32 ? -5.233  -2.762  2.154   1.00 15.40 ? 32  VAL A CG2 1 
ATOM   244 N N   . ILE A 1 33 ? -2.477  0.020   4.887   1.00 10.63 ? 33  ILE A N   1 
ATOM   245 C CA  . ILE A 1 33 ? -1.486  0.345   5.890   1.00 11.91 ? 33  ILE A CA  1 
ATOM   246 C C   . ILE A 1 33 ? -2.172  0.488   7.241   1.00 11.35 ? 33  ILE A C   1 
ATOM   247 O O   . ILE A 1 33 ? -3.218  1.123   7.353   1.00 15.50 ? 33  ILE A O   1 
ATOM   248 C CB  . ILE A 1 33 ? -0.677  1.608   5.524   1.00 14.10 ? 33  ILE A CB  1 
ATOM   249 C CG1 . ILE A 1 33 ? 0.050   1.409   4.149   1.00 15.94 ? 33  ILE A CG1 1 
ATOM   250 C CG2 . ILE A 1 33 ? 0.341   2.022   6.581   1.00 15.68 ? 33  ILE A CG2 1 
ATOM   251 C CD1 . ILE A 1 33 ? 0.638   2.725   3.644   1.00 21.89 ? 33  ILE A CD1 1 
ATOM   252 N N   . GLU A 1 34 ? -1.592  -0.086  8.241   1.00 10.67 ? 34  GLU A N   1 
ATOM   253 C CA  . GLU A 1 34 ? -2.127  0.021   9.598   1.00 14.76 ? 34  GLU A CA  1 
ATOM   254 C C   . GLU A 1 34 ? -1.562  1.207   10.355  1.00 16.16 ? 34  GLU A C   1 
ATOM   255 O O   . GLU A 1 34 ? -0.331  1.416   10.217  1.00 18.88 ? 34  GLU A O   1 
ATOM   256 C CB  . GLU A 1 34 ? -1.750  -1.226  10.410  1.00 21.80 ? 34  GLU A CB  1 
ATOM   257 C CG  . GLU A 1 34 ? -2.406  -1.414  11.765  1.00 26.75 ? 34  GLU A CG  1 
ATOM   258 C CD  . GLU A 1 34 ? -2.146  -2.869  12.168  1.00 29.15 ? 34  GLU A CD  1 
ATOM   259 O OE1 . GLU A 1 34 ? -1.186  -3.173  12.912  1.00 44.19 ? 34  GLU A OE1 1 
ATOM   260 O OE2 . GLU A 1 34 ? -2.888  -3.726  11.714  1.00 26.63 ? 34  GLU A OE2 1 
ATOM   261 N N   . GLU A 1 35 ? -2.408  1.844   11.165  1.00 17.34 ? 35  GLU A N   1 
ATOM   262 C CA  . GLU A 1 35 ? -1.959  2.785   12.162  1.00 23.65 ? 35  GLU A CA  1 
ATOM   263 C C   . GLU A 1 35 ? -1.228  3.986   11.583  1.00 19.86 ? 35  GLU A C   1 
ATOM   264 O O   . GLU A 1 35 ? -0.047  4.158   11.910  1.00 21.90 ? 35  GLU A O   1 
ATOM   265 C CB  . GLU A 1 35 ? -1.053  2.080   13.198  1.00 28.95 ? 35  GLU A CB  1 
ATOM   266 C CG  . GLU A 1 35 ? -1.836  1.389   14.303  1.00 41.15 ? 35  GLU A CG  1 
ATOM   267 C CD  . GLU A 1 35 ? -1.154  0.274   15.050  1.00 49.40 ? 35  GLU A CD  1 
ATOM   268 O OE1 . GLU A 1 35 ? 0.013   -0.078  14.742  1.00 62.69 ? 35  GLU A OE1 1 
ATOM   269 O OE2 . GLU A 1 35 ? -1.807  -0.284  15.984  1.00 61.72 ? 35  GLU A OE2 1 
ATOM   270 N N   . ILE A 1 36 ? -1.850  4.765   10.684  1.00 21.82 ? 36  ILE A N   1 
ATOM   271 C CA  . ILE A 1 36 ? -1.222  6.009   10.153  1.00 20.07 ? 36  ILE A CA  1 
ATOM   272 C C   . ILE A 1 36 ? -2.299  7.081   10.065  1.00 18.84 ? 36  ILE A C   1 
ATOM   273 O O   . ILE A 1 36 ? -3.457  6.940   9.625   1.00 21.88 ? 36  ILE A O   1 
ATOM   274 C CB  . ILE A 1 36 ? -0.521  5.701   8.818   1.00 20.07 ? 36  ILE A CB  1 
ATOM   275 C CG1 . ILE A 1 36 ? 0.290   6.828   8.167   1.00 20.87 ? 36  ILE A CG1 1 
ATOM   276 C CG2 . ILE A 1 36 ? -1.566  5.197   7.824   1.00 18.72 ? 36  ILE A CG2 1 
ATOM   277 C CD1 . ILE A 1 36 ? 1.574   7.282   8.786   1.00 19.50 ? 36  ILE A CD1 1 
ATOM   278 N N   . ALA A 1 37 ? -1.929  8.284   10.515  1.00 16.44 ? 37  ALA A N   1 
ATOM   279 C CA  . ALA A 1 37 ? -2.795  9.469   10.403  1.00 16.33 ? 37  ALA A CA  1 
ATOM   280 C C   . ALA A 1 37 ? -2.527  10.124  9.037   1.00 14.32 ? 37  ALA A C   1 
ATOM   281 O O   . ALA A 1 37 ? -1.396  10.408  8.680   1.00 15.24 ? 37  ALA A O   1 
ATOM   282 C CB  . ALA A 1 37 ? -2.595  10.483  11.501  1.00 19.55 ? 37  ALA A CB  1 
ATOM   283 N N   . LEU A 1 38 ? -3.582  10.284  8.248   1.00 13.14 ? 38  LEU A N   1 
ATOM   284 C CA  . LEU A 1 38 ? -3.489  10.816  6.905   1.00 11.82 ? 38  LEU A CA  1 
ATOM   285 C C   . LEU A 1 38 ? -4.433  11.996  6.770   1.00 12.62 ? 38  LEU A C   1 
ATOM   286 O O   . LEU A 1 38 ? -5.481  12.028  7.426   1.00 13.61 ? 38  LEU A O   1 
ATOM   287 C CB  . LEU A 1 38 ? -3.849  9.757   5.863   1.00 11.95 ? 38  LEU A CB  1 
ATOM   288 C CG  . LEU A 1 38 ? -2.863  8.592   5.766   1.00 11.68 ? 38  LEU A CG  1 
ATOM   289 C CD1 . LEU A 1 38 ? -3.304  7.586   4.712   1.00 11.61 ? 38  LEU A CD1 1 
ATOM   290 C CD2 . LEU A 1 38 ? -1.457  9.077   5.434   1.00 12.36 ? 38  LEU A CD2 1 
ATOM   291 N N   . PRO A 1 39 ? -4.084  12.956  5.910   1.00 12.42 ? 39  PRO A N   1 
ATOM   292 C CA  . PRO A 1 39 ? -4.957  14.113  5.691   1.00 13.36 ? 39  PRO A CA  1 
ATOM   293 C C   . PRO A 1 39 ? -6.056  13.830  4.683   1.00 12.49 ? 39  PRO A C   1 
ATOM   294 O O   . PRO A 1 39 ? -5.975  12.949  3.825   1.00 13.05 ? 39  PRO A O   1 
ATOM   295 C CB  . PRO A 1 39 ? -3.990  15.140  5.082   1.00 15.15 ? 39  PRO A CB  1 
ATOM   296 C CG  . PRO A 1 39 ? -2.993  14.297  4.345   1.00 15.95 ? 39  PRO A CG  1 
ATOM   297 C CD  . PRO A 1 39 ? -2.829  13.042  5.181   1.00 12.99 ? 39  PRO A CD  1 
ATOM   298 N N   . GLY A 1 40 ? -7.072  14.685  4.711   1.00 14.20 ? 40  GLY A N   1 
ATOM   299 C CA  . GLY A 1 40 ? -8.189  14.654  3.804   1.00 13.26 ? 40  GLY A CA  1 
ATOM   300 C C   . GLY A 1 40 ? -9.410  13.940  4.363   1.00 13.46 ? 40  GLY A C   1 
ATOM   301 O O   . GLY A 1 40 ? -9.471  13.481  5.502   1.00 14.69 ? 40  GLY A O   1 
ATOM   302 N N   . ARG A 1 41 ? -10.409 13.904  3.476   1.00 14.56 ? 41  ARG A N   1 
ATOM   303 C CA  . ARG A 1 41 ? -11.691 13.274  3.795   1.00 15.40 ? 41  ARG A CA  1 
ATOM   304 C C   . ARG A 1 41 ? -11.599 11.785  3.476   1.00 15.32 ? 41  ARG A C   1 
ATOM   305 O O   . ARG A 1 41 ? -11.279 11.397  2.375   1.00 24.52 ? 41  ARG A O   1 
ATOM   306 C CB  . ARG A 1 41 ? -12.774 13.968  2.989   1.00 18.36 ? 41  ARG A CB  1 
ATOM   307 C CG  . ARG A 1 41 ? -14.169 13.427  3.210   1.00 22.54 ? 41  ARG A CG  1 
ATOM   308 C CD  . ARG A 1 41 ? -15.260 14.120  2.414   1.00 29.43 ? 41  ARG A CD  1 
ATOM   309 N NE  . ARG A 1 41 ? -14.750 14.280  1.067   1.00 35.69 ? 41  ARG A NE  1 
ATOM   310 C CZ  . ARG A 1 41 ? -14.436 15.388  0.405   1.00 36.81 ? 41  ARG A CZ  1 
ATOM   311 N NH1 . ARG A 1 41 ? -14.571 16.599  0.938   1.00 39.24 ? 41  ARG A NH1 1 
ATOM   312 N NH2 . ARG A 1 41 ? -13.980 15.211  -0.825  1.00 43.16 ? 41  ARG A NH2 1 
ATOM   313 N N   . TRP A 1 42 ? -11.923 10.969  4.433   1.00 13.60 ? 42  TRP A N   1 
ATOM   314 C CA  . TRP A 1 42 ? -11.984 9.537   4.177   1.00 13.83 ? 42  TRP A CA  1 
ATOM   315 C C   . TRP A 1 42 ? -13.432 9.058   4.108   1.00 14.35 ? 42  TRP A C   1 
ATOM   316 O O   . TRP A 1 42 ? -14.323 9.769   4.537   1.00 16.84 ? 42  TRP A O   1 
ATOM   317 C CB  . TRP A 1 42 ? -11.259 8.784   5.273   1.00 15.10 ? 42  TRP A CB  1 
ATOM   318 C CG  . TRP A 1 42 ? -11.735 9.032   6.689   1.00 17.42 ? 42  TRP A CG  1 
ATOM   319 C CD1 . TRP A 1 42 ? -11.257 10.018  7.499   1.00 21.65 ? 42  TRP A CD1 1 
ATOM   320 C CD2 . TRP A 1 42 ? -12.739 8.338   7.427   1.00 19.14 ? 42  TRP A CD2 1 
ATOM   321 N NE1 . TRP A 1 42 ? -11.889 9.995   8.732   1.00 24.19 ? 42  TRP A NE1 1 
ATOM   322 C CE2 . TRP A 1 42 ? -12.802 8.955   8.697   1.00 21.50 ? 42  TRP A CE2 1 
ATOM   323 C CE3 . TRP A 1 42 ? -13.547 7.239   7.102   1.00 20.25 ? 42  TRP A CE3 1 
ATOM   324 C CZ2 . TRP A 1 42 ? -13.679 8.514   9.675   1.00 24.77 ? 42  TRP A CZ2 1 
ATOM   325 C CZ3 . TRP A 1 42 ? -14.448 6.788   8.107   1.00 23.03 ? 42  TRP A CZ3 1 
ATOM   326 C CH2 . TRP A 1 42 ? -14.475 7.442   9.344   1.00 24.17 ? 42  TRP A CH2 1 
ATOM   327 N N   . LYS A 1 43 ? -13.562 7.889   3.558   1.00 15.79 ? 43  LYS A N   1 
ATOM   328 C CA  . LYS A 1 43 ? -14.868 7.207   3.589   1.00 18.53 ? 43  LYS A CA  1 
ATOM   329 C C   . LYS A 1 43 ? -14.633 5.758   3.919   1.00 18.33 ? 43  LYS A C   1 
ATOM   330 O O   . LYS A 1 43 ? -13.558 5.225   3.580   1.00 14.79 ? 43  LYS A O   1 
ATOM   331 C CB  . LYS A 1 43 ? -15.557 7.377   2.257   1.00 21.59 ? 43  LYS A CB  1 
ATOM   332 C CG  . LYS A 1 43 ? -14.817 6.780   1.077   1.00 22.78 ? 43  LYS A CG  1 
ATOM   333 C CD  . LYS A 1 43 ? -15.703 6.926   -0.170  1.00 27.76 ? 43  LYS A CD  1 
ATOM   334 C CE  . LYS A 1 43 ? -14.905 6.389   -1.356  1.00 30.77 ? 43  LYS A CE  1 
ATOM   335 N NZ  . LYS A 1 43 ? -15.704 6.578   -2.602  1.00 41.17 ? 43  LYS A NZ  1 
ATOM   336 N N   . PRO A 1 44 ? -15.585 5.108   4.593   1.00 22.50 ? 44  PRO A N   1 
ATOM   337 C CA  . PRO A 1 44 ? -15.391 3.693   4.895   1.00 21.86 ? 44  PRO A CA  1 
ATOM   338 C C   . PRO A 1 44 ? -15.433 2.865   3.602   1.00 21.85 ? 44  PRO A C   1 
ATOM   339 O O   . PRO A 1 44 ? -16.113 3.203   2.637   1.00 26.26 ? 44  PRO A O   1 
ATOM   340 C CB  . PRO A 1 44 ? -16.559 3.326   5.775   1.00 28.30 ? 44  PRO A CB  1 
ATOM   341 C CG  . PRO A 1 44 ? -17.604 4.330   5.406   1.00 29.88 ? 44  PRO A CG  1 
ATOM   342 C CD  . PRO A 1 44 ? -16.857 5.604   5.103   1.00 26.90 ? 44  PRO A CD  1 
ATOM   343 N N   . LYS A 1 45 ? -14.674 1.791   3.624   1.00 17.48 ? 45  LYS A N   1 
ATOM   344 C CA  . LYS A 1 45 ? -14.592 0.827   2.522   1.00 16.43 ? 45  LYS A CA  1 
ATOM   345 C C   . LYS A 1 45 ? -14.581 -0.556  3.166   1.00 13.61 ? 45  LYS A C   1 
ATOM   346 O O   . LYS A 1 45 ? -13.883 -0.763  4.129   1.00 13.36 ? 45  LYS A O   1 
ATOM   347 C CB  . LYS A 1 45 ? -13.373 1.075   1.643   1.00 17.97 ? 45  LYS A CB  1 
ATOM   348 C CG  . LYS A 1 45 ? -13.307 0.160   0.440   1.00 20.03 ? 45  LYS A CG  1 
ATOM   349 C CD  . LYS A 1 45 ? -12.088 0.443   -0.423  1.00 23.82 ? 45  LYS A CD  1 
ATOM   350 C CE  . LYS A 1 45 ? -11.855 -0.697  -1.426  1.00 27.82 ? 45  LYS A CE  1 
ATOM   351 N NZ  . LYS A 1 45 ? -12.713 -0.520  -2.599  1.00 31.61 ? 45  LYS A NZ  1 
ATOM   352 N N   . MET A 1 46 ? -15.305 -1.486  2.600   1.00 15.38 ? 46  MET A N   1 
ATOM   353 C CA  . MET A 1 46 ? -15.256 -2.903  3.017   1.00 15.39 ? 46  MET A CA  1 
ATOM   354 C C   . MET A 1 46 ? -14.326 -3.616  2.082   1.00 16.05 ? 46  MET A C   1 
ATOM   355 O O   . MET A 1 46 ? -14.494 -3.603  0.852   1.00 22.41 ? 46  MET A O   1 
ATOM   356 C CB  . MET A 1 46 ? -16.665 -3.494  3.021   1.00 18.82 ? 46  MET A CB  1 
ATOM   357 C CG  . MET A 1 46 ? -17.709 -2.829  3.881   1.00 21.14 ? 46  MET A CG  1 
ATOM   358 S SD  . MET A 1 46 ? -17.234 -2.559  5.595   1.00 21.58 ? 46  MET A SD  1 
ATOM   359 C CE  . MET A 1 46 ? -16.988 -4.206  6.154   1.00 20.61 ? 46  MET A CE  1 
ATOM   360 N N   . ILE A 1 47 ? -13.299 -4.268  2.603   1.00 13.61 ? 47  ILE A N   1 
ATOM   361 C CA  . ILE A 1 47 ? -12.393 -5.034  1.765   1.00 14.21 ? 47  ILE A CA  1 
ATOM   362 C C   . ILE A 1 47 ? -12.373 -6.467  2.222   1.00 13.41 ? 47  ILE A C   1 
ATOM   363 O O   . ILE A 1 47 ? -12.851 -6.856  3.281   1.00 13.13 ? 47  ILE A O   1 
ATOM   364 C CB  . ILE A 1 47 ? -10.992 -4.426  1.812   1.00 15.57 ? 47  ILE A CB  1 
ATOM   365 C CG1 . ILE A 1 47 ? -10.359 -4.445  3.199   1.00 15.11 ? 47  ILE A CG1 1 
ATOM   366 C CG2 . ILE A 1 47 ? -10.990 -3.006  1.198   1.00 21.21 ? 47  ILE A CG2 1 
ATOM   367 C CD1 . ILE A 1 47 ? -8.943  -3.965  3.160   1.00 19.63 ? 47  ILE A CD1 1 
ATOM   368 N N   . GLY A 1 48 ? -11.752 -7.315  1.370   1.00 15.32 ? 48  GLY A N   1 
ATOM   369 C CA  . GLY A 1 48 ? -11.696 -8.708  1.563   1.00 15.83 ? 48  GLY A CA  1 
ATOM   370 C C   . GLY A 1 48 ? -12.809 -9.413  0.800   1.00 15.36 ? 48  GLY A C   1 
ATOM   371 O O   . GLY A 1 48 ? -12.836 -9.371  -0.438  1.00 20.03 ? 48  GLY A O   1 
ATOM   372 N N   . GLY A 1 49 ? -13.683 -10.054 1.539   1.00 14.68 ? 49  GLY A N   1 
ATOM   373 C CA  . GLY A 1 49 ? -14.807 -10.787 0.992   1.00 15.17 ? 49  GLY A CA  1 
ATOM   374 C C   . GLY A 1 49 ? -14.737 -12.285 1.078   1.00 15.01 ? 49  GLY A C   1 
ATOM   375 O O   . GLY A 1 49 ? -15.750 -12.970 1.104   1.00 17.12 ? 49  GLY A O   1 
ATOM   376 N N   . ILE A 1 50 ? -13.518 -12.817 1.145   1.00 15.26 ? 50  ILE A N   1 
ATOM   377 C CA  . ILE A 1 50 ? -13.314 -14.254 1.187   1.00 15.32 ? 50  ILE A CA  1 
ATOM   378 C C   . ILE A 1 50 ? -13.311 -14.626 2.665   1.00 16.33 ? 50  ILE A C   1 
ATOM   379 O O   . ILE A 1 50 ? -12.298 -14.502 3.377   1.00 18.65 ? 50  ILE A O   1 
ATOM   380 C CB  . ILE A 1 50 ? -12.042 -14.728 0.491   1.00 16.67 ? 50  ILE A CB  1 
ATOM   381 C CG1 . ILE A 1 50 ? -11.868 -14.193 -0.915  1.00 20.15 ? 50  ILE A CG1 1 
ATOM   382 C CG2 . ILE A 1 50 ? -12.017 -16.263 0.567   1.00 20.38 ? 50  ILE A CG2 1 
ATOM   383 C CD1 . ILE A 1 50 ? -10.436 -14.271 -1.444  1.00 31.31 ? 50  ILE A CD1 1 
ATOM   384 N N   . GLY A 1 51 ? -14.486 -15.068 3.120   1.00 14.81 ? 51  GLY A N   1 
ATOM   385 C CA  . GLY A 1 51 ? -14.631 -15.432 4.543   1.00 15.53 ? 51  GLY A CA  1 
ATOM   386 C C   . GLY A 1 51 ? -15.324 -14.338 5.341   1.00 13.71 ? 51  GLY A C   1 
ATOM   387 O O   . GLY A 1 51 ? -15.692 -14.551 6.493   1.00 12.88 ? 51  GLY A O   1 
ATOM   388 N N   . GLY A 1 52 ? -15.490 -13.139 4.785   1.00 13.23 ? 52  GLY A N   1 
ATOM   389 C CA  . GLY A 1 52 ? -15.920 -11.963 5.545   1.00 11.56 ? 52  GLY A CA  1 
ATOM   390 C C   . GLY A 1 52 ? -15.249 -10.707 4.968   1.00 11.39 ? 52  GLY A C   1 
ATOM   391 O O   . GLY A 1 52 ? -14.426 -10.806 4.078   1.00 12.77 ? 52  GLY A O   1 
ATOM   392 N N   . PHE A 1 53 ? -15.657 -9.583  5.520   1.00 10.98 ? 53  PHE A N   1 
ATOM   393 C CA  . PHE A 1 53 ? -15.113 -8.270  5.144   1.00 10.89 ? 53  PHE A CA  1 
ATOM   394 C C   . PHE A 1 53 ? -14.536 -7.585  6.361   1.00 10.42 ? 53  PHE A C   1 
ATOM   395 O O   . PHE A 1 53 ? -15.029 -7.789  7.493   1.00 11.82 ? 53  PHE A O   1 
ATOM   396 C CB  . PHE A 1 53 ? -16.176 -7.371  4.501   1.00 13.19 ? 53  PHE A CB  1 
ATOM   397 C CG  . PHE A 1 53 ? -16.711 -7.819  3.158   1.00 14.76 ? 53  PHE A CG  1 
ATOM   398 C CD1 . PHE A 1 53 ? -17.865 -8.567  3.098   1.00 18.05 ? 53  PHE A CD1 1 
ATOM   399 C CD2 . PHE A 1 53 ? -16.091 -7.458  1.977   1.00 15.54 ? 53  PHE A CD2 1 
ATOM   400 C CE1 . PHE A 1 53 ? -18.447 -8.906  1.883   1.00 20.37 ? 53  PHE A CE1 1 
ATOM   401 C CE2 . PHE A 1 53 ? -16.664 -7.810  0.740   1.00 20.53 ? 53  PHE A CE2 1 
ATOM   402 C CZ  . PHE A 1 53 ? -17.826 -8.542  0.712   1.00 21.38 ? 53  PHE A CZ  1 
ATOM   403 N N   . ILE A 1 54 ? -13.571 -6.720  6.132   1.00 11.52 ? 54  ILE A N   1 
ATOM   404 C CA  . ILE A 1 54 ? -12.990 -5.797  7.091   1.00 12.44 ? 54  ILE A CA  1 
ATOM   405 C C   . ILE A 1 54 ? -13.310 -4.392  6.617   1.00 10.65 ? 54  ILE A C   1 
ATOM   406 O O   . ILE A 1 54 ? -13.156 -4.038  5.472   1.00 11.26 ? 54  ILE A O   1 
ATOM   407 C CB  . ILE A 1 54 ? -11.464 -6.006  7.158   1.00 19.64 ? 54  ILE A CB  1 
ATOM   408 C CG1 . ILE A 1 54 ? -11.102 -7.472  7.490   1.00 25.44 ? 54  ILE A CG1 1 
ATOM   409 C CG2 . ILE A 1 54 ? -10.779 -5.057  8.073   1.00 20.30 ? 54  ILE A CG2 1 
ATOM   410 C CD1 . ILE A 1 54 ? -11.827 -7.932  8.700   1.00 33.10 ? 54  ILE A CD1 1 
ATOM   411 N N   . LYS A 1 55 ? -13.731 -3.515  7.558   1.00 10.54 ? 55  LYS A N   1 
ATOM   412 C CA  . LYS A 1 55 ? -13.924 -2.118  7.316   1.00 11.32 ? 55  LYS A CA  1 
ATOM   413 C C   . LYS A 1 55 ? -12.606 -1.363  7.477   1.00 10.93 ? 55  LYS A C   1 
ATOM   414 O O   . LYS A 1 55 ? -11.904 -1.522  8.487   1.00 12.64 ? 55  LYS A O   1 
ATOM   415 C CB  . LYS A 1 55 ? -14.951 -1.569  8.299   1.00 13.42 ? 55  LYS A CB  1 
ATOM   416 C CG  . LYS A 1 55 ? -15.349 -0.141  7.956   1.00 16.27 ? 55  LYS A CG  1 
ATOM   417 C CD  . LYS A 1 55 ? -16.299 0.447   9.002   1.00 20.50 ? 55  LYS A CD  1 
ATOM   418 C CE  . LYS A 1 55 ? -17.609 -0.265  9.173   1.00 24.84 ? 55  LYS A CE  1 
ATOM   419 N NZ  . LYS A 1 55 ? -18.155 -0.035  10.552  1.00 33.16 ? 55  LYS A NZ  1 
ATOM   420 N N   . VAL A 1 56 ? -12.287 -0.505  6.522   1.00 10.47 ? 56  VAL A N   1 
ATOM   421 C CA  . VAL A 1 56 ? -11.113 0.358   6.541   1.00 10.54 ? 56  VAL A CA  1 
ATOM   422 C C   . VAL A 1 56 ? -11.521 1.779   6.155   1.00 10.35 ? 56  VAL A C   1 
ATOM   423 O O   . VAL A 1 56 ? -12.648 2.015   5.690   1.00 11.78 ? 56  VAL A O   1 
ATOM   424 C CB  . VAL A 1 56 ? -10.017 -0.210  5.616   1.00 11.15 ? 56  VAL A CB  1 
ATOM   425 C CG1 . VAL A 1 56 ? -9.562  -1.592  6.085   1.00 12.91 ? 56  VAL A CG1 1 
ATOM   426 C CG2 . VAL A 1 56 ? -10.459 -0.247  4.175   1.00 12.60 ? 56  VAL A CG2 1 
ATOM   427 N N   . ARG A 1 57 ? -10.616 2.697   6.354   1.00 10.13 ? 57  ARG A N   1 
ATOM   428 C CA  . ARG A 1 57 ? -10.833 4.099   5.956   1.00 9.90  ? 57  ARG A CA  1 
ATOM   429 C C   . ARG A 1 57 ? -10.075 4.373   4.636   1.00 9.64  ? 57  ARG A C   1 
ATOM   430 O O   . ARG A 1 57 ? -8.871  4.165   4.601   1.00 10.68 ? 57  ARG A O   1 
ATOM   431 C CB  . ARG A 1 57 ? -10.371 5.050   7.044   1.00 11.29 ? 57  ARG A CB  1 
ATOM   432 C CG  . ARG A 1 57 ? -11.138 4.922   8.362   1.00 13.96 ? 57  ARG A CG  1 
ATOM   433 C CD  . ARG A 1 57 ? -10.736 5.940   9.405   1.00 16.08 ? 57  ARG A CD  1 
ATOM   434 N NE  . ARG A 1 57 ? -9.487  5.510   9.994   1.00 27.02 ? 57  ARG A NE  1 
ATOM   435 C CZ  . ARG A 1 57 ? -8.671  6.060   10.838  1.00 27.18 ? 57  ARG A CZ  1 
ATOM   436 N NH1 . ARG A 1 57 ? -8.851  7.280   11.367  1.00 29.89 ? 57  ARG A NH1 1 
ATOM   437 N NH2 . ARG A 1 57 ? -7.605  5.398   11.192  1.00 34.86 ? 57  ARG A NH2 1 
ATOM   438 N N   . GLN A 1 58 ? -10.805 4.842   3.641   1.00 9.95  ? 58  GLN A N   1 
ATOM   439 C CA  . GLN A 1 58 ? -10.189 5.109   2.321   1.00 10.19 ? 58  GLN A CA  1 
ATOM   440 C C   . GLN A 1 58 ? -9.807  6.575   2.222   1.00 10.37 ? 58  GLN A C   1 
ATOM   441 O O   . GLN A 1 58 ? -10.668 7.457   2.262   1.00 11.79 ? 58  GLN A O   1 
ATOM   442 C CB  . GLN A 1 58 ? -11.159 4.744   1.199   1.00 10.95 ? 58  GLN A CB  1 
ATOM   443 C CG  . GLN A 1 58 ? -10.656 5.056   -0.169  1.00 11.23 ? 58  GLN A CG  1 
ATOM   444 C CD  . GLN A 1 58 ? -11.568 4.680   -1.276  1.00 13.66 ? 58  GLN A CD  1 
ATOM   445 O OE1 . GLN A 1 58 ? -12.366 3.762   -1.145  1.00 17.86 ? 58  GLN A OE1 1 
ATOM   446 N NE2 . GLN A 1 58 ? -11.497 5.337   -2.390  1.00 15.21 ? 58  GLN A NE2 1 
ATOM   447 N N   . TYR A 1 59 ? -8.504  6.823   1.995   1.00 9.52  ? 59  TYR A N   1 
ATOM   448 C CA  . TYR A 1 59 ? -7.994  8.166   1.772   1.00 9.75  ? 59  TYR A CA  1 
ATOM   449 C C   . TYR A 1 59 ? -7.454  8.214   0.330   1.00 9.41  ? 59  TYR A C   1 
ATOM   450 O O   . TYR A 1 59 ? -6.669  7.377   -0.092  1.00 11.36 ? 59  TYR A O   1 
ATOM   451 C CB  . TYR A 1 59 ? -6.840  8.482   2.710   1.00 9.87  ? 59  TYR A CB  1 
ATOM   452 C CG  . TYR A 1 59 ? -7.201  8.547   4.184   1.00 10.12 ? 59  TYR A CG  1 
ATOM   453 C CD1 . TYR A 1 59 ? -7.261  7.412   4.940   1.00 10.97 ? 59  TYR A CD1 1 
ATOM   454 C CD2 . TYR A 1 59 ? -7.444  9.787   4.788   1.00 11.19 ? 59  TYR A CD2 1 
ATOM   455 C CE1 . TYR A 1 59 ? -7.570  7.467   6.269   1.00 12.25 ? 59  TYR A CE1 1 
ATOM   456 C CE2 . TYR A 1 59 ? -7.763  9.861   6.139   1.00 11.75 ? 59  TYR A CE2 1 
ATOM   457 C CZ  . TYR A 1 59 ? -7.820  8.706   6.869   1.00 12.44 ? 59  TYR A CZ  1 
ATOM   458 O OH  . TYR A 1 59 ? -8.134  8.738   8.197   1.00 15.57 ? 59  TYR A OH  1 
ATOM   459 N N   . ASP A 1 60 ? -7.859  9.218   -0.437  1.00 10.21 ? 60  ASP A N   1 
ATOM   460 C CA  . ASP A 1 60 ? -7.436  9.348   -1.823  1.00 10.14 ? 60  ASP A CA  1 
ATOM   461 C C   . ASP A 1 60 ? -6.287  10.322  -1.943  1.00 10.16 ? 60  ASP A C   1 
ATOM   462 O O   . ASP A 1 60 ? -6.036  11.194  -1.088  1.00 10.52 ? 60  ASP A O   1 
ATOM   463 C CB  . ASP A 1 60 ? -8.604  9.743   -2.721  1.00 11.96 ? 60  ASP A CB  1 
ATOM   464 C CG  . ASP A 1 60 ? -9.694  8.676   -2.746  1.00 14.18 ? 60  ASP A CG  1 
ATOM   465 O OD1 . ASP A 1 60 ? -9.396  7.473   -2.706  1.00 13.90 ? 60  ASP A OD1 1 
ATOM   466 O OD2 . ASP A 1 60 ? -10.886 9.047   -2.768  1.00 23.55 ? 60  ASP A OD2 1 
ATOM   467 N N   . GLN A 1 61 ? -5.541  10.196  -3.014  1.00 9.73  ? 61  GLN A N   1 
ATOM   468 C CA  . GLN A 1 61 ? -4.505  11.114  -3.432  1.00 11.28 ? 61  GLN A CA  1 
ATOM   469 C C   . GLN A 1 61 ? -3.480  11.362  -2.312  1.00 9.68  ? 61  GLN A C   1 
ATOM   470 O O   . GLN A 1 61 ? -3.118  12.477  -2.019  1.00 11.31 ? 61  GLN A O   1 
ATOM   471 C CB  . GLN A 1 61 ? -5.088  12.413  -4.001  1.00 13.47 ? 61  GLN A CB  1 
ATOM   472 C CG  . GLN A 1 61 ? -5.702  12.093  -5.381  1.00 17.52 ? 61  GLN A CG  1 
ATOM   473 C CD  . GLN A 1 61 ? -6.252  13.239  -6.177  1.00 21.06 ? 61  GLN A CD  1 
ATOM   474 O OE1 . GLN A 1 61 ? -6.019  14.427  -5.848  1.00 24.62 ? 61  GLN A OE1 1 
ATOM   475 N NE2 . GLN A 1 61 ? -7.001  12.869  -7.215  1.00 27.08 ? 61  GLN A NE2 1 
ATOM   476 N N   . ILE A 1 62 ? -2.984  10.267  -1.765  1.00 9.55  ? 62  ILE A N   1 
ATOM   477 C CA  . ILE A 1 62 ? -1.901  10.231  -0.762  1.00 9.41  ? 62  ILE A CA  1 
ATOM   478 C C   . ILE A 1 62 ? -0.598  9.955   -1.472  1.00 9.66  ? 62  ILE A C   1 
ATOM   479 O O   . ILE A 1 62 ? -0.477  9.087   -2.345  1.00 9.78  ? 62  ILE A O   1 
ATOM   480 C CB  . ILE A 1 62 ? -2.239  9.177   0.285   1.00 9.19  ? 62  ILE A CB  1 
ATOM   481 C CG1 . ILE A 1 62 ? -3.547  9.454   1.013   1.00 10.14 ? 62  ILE A CG1 1 
ATOM   482 C CG2 . ILE A 1 62 ? -1.079  8.990   1.262   1.00 10.24 ? 62  ILE A CG2 1 
ATOM   483 C CD1 . ILE A 1 62 ? -3.604  10.764  1.781   1.00 11.16 ? 62  ILE A CD1 1 
ATOM   484 N N   . ILE A 1 63 ? 0.446   10.673  -1.024  1.00 9.31  ? 63  ILE A N   1 
ATOM   485 C CA  . ILE A 1 63 ? 1.781   10.502  -1.554  1.00 9.61  ? 63  ILE A CA  1 
ATOM   486 C C   . ILE A 1 63 ? 2.590   9.519   -0.733  1.00 10.00 ? 63  ILE A C   1 
ATOM   487 O O   . ILE A 1 63 ? 2.652   9.667   0.490   1.00 11.94 ? 63  ILE A O   1 
ATOM   488 C CB  . ILE A 1 63 ? 2.562   11.835  -1.649  1.00 10.96 ? 63  ILE A CB  1 
ATOM   489 C CG1 . ILE A 1 63 ? 1.731   12.916  -2.335  1.00 12.14 ? 63  ILE A CG1 1 
ATOM   490 C CG2 . ILE A 1 63 ? 3.910   11.596  -2.313  1.00 14.49 ? 63  ILE A CG2 1 
ATOM   491 C CD1 . ILE A 1 63 ? 2.373   14.264  -2.512  1.00 18.31 ? 63  ILE A CD1 1 
ATOM   492 N N   . ILE A 1 64 ? 3.172   8.530   -1.347  1.00 9.93  ? 64  ILE A N   1 
ATOM   493 C CA  . ILE A 1 64 ? 4.122   7.640   -0.708  1.00 10.08 ? 64  ILE A CA  1 
ATOM   494 C C   . ILE A 1 64 ? 5.446   7.709   -1.474  1.00 10.38 ? 64  ILE A C   1 
ATOM   495 O O   . ILE A 1 64 ? 5.535   8.160   -2.621  1.00 11.65 ? 64  ILE A O   1 
ATOM   496 C CB  . ILE A 1 64 ? 3.625   6.201   -0.599  1.00 10.95 ? 64  ILE A CB  1 
ATOM   497 C CG1 . ILE A 1 64 ? 3.569   5.485   -1.948  1.00 11.55 ? 64  ILE A CG1 1 
ATOM   498 C CG2 . ILE A 1 64 ? 2.268   6.162   0.153   1.00 12.60 ? 64  ILE A CG2 1 
ATOM   499 C CD1 . ILE A 1 64 ? 3.224   4.011   -1.865  1.00 14.12 ? 64  ILE A CD1 1 
ATOM   500 N N   . GLU A 1 65 ? 6.504   7.239   -0.821  1.00 9.82  ? 65  GLU A N   1 
ATOM   501 C CA  . GLU A 1 65 ? 7.797   7.175   -1.484  1.00 10.82 ? 65  GLU A CA  1 
ATOM   502 C C   . GLU A 1 65 ? 8.445   5.837   -1.128  1.00 10.46 ? 65  GLU A C   1 
ATOM   503 O O   . GLU A 1 65 ? 8.476   5.440   0.017   1.00 11.09 ? 65  GLU A O   1 
ATOM   504 C CB  . GLU A 1 65 ? 8.715   8.331   -1.046  1.00 11.54 ? 65  GLU A CB  1 
ATOM   505 C CG  . GLU A 1 65 ? 10.005  8.398   -1.841  1.00 13.75 ? 65  GLU A CG  1 
ATOM   506 C CD  . GLU A 1 65 ? 10.872  9.523   -1.281  1.00 18.64 ? 65  GLU A CD  1 
ATOM   507 O OE1 . GLU A 1 65 ? 10.409  10.642  -1.048  1.00 21.31 ? 65  GLU A OE1 1 
ATOM   508 O OE2 . GLU A 1 65 ? 12.043  9.226   -0.991  1.00 28.06 ? 65  GLU A OE2 1 
ATOM   509 N N   . ILE A 1 66 ? 8.976   5.168   -2.160  1.00 11.04 ? 66  ILE A N   1 
ATOM   510 C CA  . ILE A 1 66 ? 9.627   3.865   -2.021  1.00 11.11 ? 66  ILE A CA  1 
ATOM   511 C C   . ILE A 1 66 ? 10.896  3.907   -2.879  1.00 12.41 ? 66  ILE A C   1 
ATOM   512 O O   . ILE A 1 66 ? 10.801  4.231   -4.057  1.00 12.95 ? 66  ILE A O   1 
ATOM   513 C CB  . ILE A 1 66 ? 8.723   2.722   -2.444  1.00 12.21 ? 66  ILE A CB  1 
ATOM   514 C CG1 . ILE A 1 66 ? 7.377   2.745   -1.797  1.00 14.60 ? 66  ILE A CG1 1 
ATOM   515 C CG2 . ILE A 1 66 ? 9.461   1.409   -2.169  1.00 15.20 ? 66  ILE A CG2 1 
ATOM   516 C CD1 . ILE A 1 66 ? 6.454   1.589   -2.099  1.00 15.09 ? 66  ILE A CD1 1 
ATOM   517 N N   . CYS A 1 67 ? 12.036  3.576   -2.242  1.00 14.12 ? 67  CYS A N   1 
ATOM   518 C CA  . CYS A 1 67 ? 13.299  3.566   -2.968  1.00 15.83 ? 67  CYS A CA  1 
ATOM   519 C C   . CYS A 1 67 ? 13.494  4.861   -3.742  1.00 15.63 ? 67  CYS A C   1 
ATOM   520 O O   . CYS A 1 67 ? 13.984  4.860   -4.865  1.00 19.16 ? 67  CYS A O   1 
ATOM   521 C CB  . CYS A 1 67 ? 13.449  2.312   -3.875  1.00 17.74 ? 67  CYS A CB  1 
ATOM   522 S SG  . CYS A 1 67 ? 13.227  0.747   -3.003  1.00 23.38 ? 67  CYS A SG  1 
ATOM   523 N N   . GLY A 1 68 ? 13.154  6.002   -3.140  1.00 16.23 ? 68  GLY A N   1 
ATOM   524 C CA  . GLY A 1 68 ? 13.422  7.292   -3.786  1.00 18.00 ? 68  GLY A CA  1 
ATOM   525 C C   . GLY A 1 68 ? 12.388  7.724   -4.803  1.00 17.33 ? 68  GLY A C   1 
ATOM   526 O O   . GLY A 1 68 ? 12.567  8.818   -5.347  1.00 20.99 ? 68  GLY A O   1 
ATOM   527 N N   . LYS A 1 69 ? 11.368  6.907   -5.045  1.00 15.43 ? 69  LYS A N   1 
ATOM   528 C CA  . LYS A 1 69 ? 10.361  7.170   -6.078  1.00 14.61 ? 69  LYS A CA  1 
ATOM   529 C C   . LYS A 1 69 ? 9.039   7.480   -5.430  1.00 12.66 ? 69  LYS A C   1 
ATOM   530 O O   . LYS A 1 69 ? 8.556   6.690   -4.606  1.00 12.67 ? 69  LYS A O   1 
ATOM   531 C CB  . LYS A 1 69 ? 10.218  6.006   -7.086  1.00 17.30 ? 69  LYS A CB  1 
ATOM   532 C CG  . LYS A 1 69 ? 9.522   6.335   -8.397  1.00 28.10 ? 69  LYS A CG  1 
ATOM   533 C CD  . LYS A 1 69 ? 9.474   5.223   -9.461  1.00 36.50 ? 69  LYS A CD  1 
ATOM   534 C CE  . LYS A 1 69 ? 9.424   5.852   -10.851 1.00 43.96 ? 69  LYS A CE  1 
ATOM   535 N NZ  . LYS A 1 69 ? 8.373   5.336   -11.764 1.00 53.27 ? 69  LYS A NZ  1 
ATOM   536 N N   . LYS A 1 70 ? 8.394   8.556   -5.826  1.00 14.16 ? 70  LYS A N   1 
ATOM   537 C CA  . LYS A 1 70 ? 7.114   8.959   -5.269  1.00 13.74 ? 70  LYS A CA  1 
ATOM   538 C C   . LYS A 1 70 ? 5.988   8.404   -6.115  1.00 12.72 ? 70  LYS A C   1 
ATOM   539 O O   . LYS A 1 70 ? 6.134   8.225   -7.313  1.00 17.77 ? 70  LYS A O   1 
ATOM   540 C CB  . LYS A 1 70 ? 7.012   10.487  -5.170  1.00 15.66 ? 70  LYS A CB  1 
ATOM   541 C CG  . LYS A 1 70 ? 8.049   11.076  -4.214  1.00 17.87 ? 70  LYS A CG  1 
ATOM   542 C CD  . LYS A 1 70 ? 7.870   12.577  -3.999  1.00 22.89 ? 70  LYS A CD  1 
ATOM   543 C CE  . LYS A 1 70 ? 9.148   13.307  -3.727  1.00 27.70 ? 70  LYS A CE  1 
ATOM   544 N NZ  . LYS A 1 70 ? 9.809   13.090  -2.471  1.00 33.94 ? 70  LYS A NZ  1 
ATOM   545 N N   . ALA A 1 71 ? 4.889   8.158   -5.470  1.00 11.32 ? 71  ALA A N   1 
ATOM   546 C CA  . ALA A 1 71 ? 3.699   7.659   -6.093  1.00 12.09 ? 71  ALA A CA  1 
ATOM   547 C C   . ALA A 1 71 ? 2.508   8.239   -5.352  1.00 10.95 ? 71  ALA A C   1 
ATOM   548 O O   . ALA A 1 71 ? 2.537   8.368   -4.144  1.00 12.25 ? 71  ALA A O   1 
ATOM   549 C CB  . ALA A 1 71 ? 3.584   6.151   -6.024  1.00 13.63 ? 71  ALA A CB  1 
ATOM   550 N N   . ILE A 1 72 ? 1.452   8.554   -6.098  1.00 9.92  ? 72  ILE A N   1 
ATOM   551 C CA  . ILE A 1 72 ? 0.251   9.144   -5.507  1.00 9.48  ? 72  ILE A CA  1 
ATOM   552 C C   . ILE A 1 72 ? -0.945  8.289   -5.790  1.00 9.38  ? 72  ILE A C   1 
ATOM   553 O O   . ILE A 1 72 ? -1.179  7.898   -6.923  1.00 10.61 ? 72  ILE A O   1 
ATOM   554 C CB  . ILE A 1 72 ? 0.071   10.576  -6.052  1.00 10.52 ? 72  ILE A CB  1 
ATOM   555 C CG1 . ILE A 1 72 ? 1.359   11.387  -5.845  1.00 13.26 ? 72  ILE A CG1 1 
ATOM   556 C CG2 . ILE A 1 72 ? -1.164  11.210  -5.445  1.00 13.32 ? 72  ILE A CG2 1 
ATOM   557 C CD1 . ILE A 1 72 ? 1.341   12.808  -6.274  1.00 15.64 ? 72  ILE A CD1 1 
ATOM   558 N N   . GLY A 1 73 ? -1.735  7.995   -4.767  1.00 9.34  ? 73  GLY A N   1 
ATOM   559 C CA  . GLY A 1 73 ? -2.876  7.155   -4.957  1.00 9.63  ? 73  GLY A CA  1 
ATOM   560 C C   . GLY A 1 73 ? -3.628  6.929   -3.661  1.00 8.98  ? 73  GLY A C   1 
ATOM   561 O O   . GLY A 1 73 ? -3.349  7.558   -2.625  1.00 10.24 ? 73  GLY A O   1 
ATOM   562 N N   . THR A 1 74 ? -4.571  6.007   -3.718  1.00 9.42  ? 74  THR A N   1 
ATOM   563 C CA  . THR A 1 74 ? -5.402  5.688   -2.560  1.00 9.28  ? 74  THR A CA  1 
ATOM   564 C C   . THR A 1 74 ? -4.672  4.840   -1.577  1.00 9.22  ? 74  THR A C   1 
ATOM   565 O O   . THR A 1 74 ? -4.062  3.819   -1.957  1.00 9.79  ? 74  THR A O   1 
ATOM   566 C CB  . THR A 1 74 ? -6.698  5.009   -3.080  1.00 9.86  ? 74  THR A CB  1 
ATOM   567 O OG1 . THR A 1 74 ? -7.395  5.945   -3.905  1.00 11.32 ? 74  THR A OG1 1 
ATOM   568 C CG2 . THR A 1 74 ? -7.559  4.564   -1.949  1.00 10.77 ? 74  THR A CG2 1 
ATOM   569 N N   . VAL A 1 75 ? -4.813  5.199   -0.307  1.00 9.18  ? 75  VAL A N   1 
ATOM   570 C CA  . VAL A 1 75 ? -4.314  4.380   0.773   1.00 9.53  ? 75  VAL A CA  1 
ATOM   571 C C   . VAL A 1 75 ? -5.492  4.016   1.686   1.00 9.49  ? 75  VAL A C   1 
ATOM   572 O O   . VAL A 1 75 ? -6.231  4.903   2.121   1.00 10.17 ? 75  VAL A O   1 
ATOM   573 C CB  . VAL A 1 75 ? -3.195  5.060   1.559   1.00 9.90  ? 75  VAL A CB  1 
ATOM   574 C CG1 . VAL A 1 75 ? -2.803  4.243   2.751   1.00 12.24 ? 75  VAL A CG1 1 
ATOM   575 C CG2 . VAL A 1 75 ? -2.005  5.327   0.626   1.00 11.39 ? 75  VAL A CG2 1 
ATOM   576 N N   . LEU A 1 76 ? -5.660  2.730   1.933   1.00 9.49  ? 76  LEU A N   1 
ATOM   577 C CA  . LEU A 1 76 ? -6.674  2.258   2.884   1.00 9.53  ? 76  LEU A CA  1 
ATOM   578 C C   . LEU A 1 76 ? -5.982  2.071   4.213   1.00 9.35  ? 76  LEU A C   1 
ATOM   579 O O   . LEU A 1 76 ? -4.937  1.442   4.300   1.00 12.24 ? 76  LEU A O   1 
ATOM   580 C CB  . LEU A 1 76 ? -7.242  0.933   2.428   1.00 10.24 ? 76  LEU A CB  1 
ATOM   581 C CG  . LEU A 1 76 ? -7.762  0.926   0.981   1.00 10.14 ? 76  LEU A CG  1 
ATOM   582 C CD1 . LEU A 1 76 ? -8.329  -0.441  0.656   1.00 11.99 ? 76  LEU A CD1 1 
ATOM   583 C CD2 . LEU A 1 76 ? -8.781  2.035   0.753   1.00 11.81 ? 76  LEU A CD2 1 
ATOM   584 N N   . VAL A 1 77 ? -6.573  2.625   5.270   1.00 9.74  ? 77  VAL A N   1 
ATOM   585 C CA  . VAL A 1 77 ? -6.009  2.548   6.594   1.00 10.04 ? 77  VAL A CA  1 
ATOM   586 C C   . VAL A 1 77 ? -6.894  1.680   7.446   1.00 10.63 ? 77  VAL A C   1 
ATOM   587 O O   . VAL A 1 77 ? -8.086  1.922   7.606   1.00 11.73 ? 77  VAL A O   1 
ATOM   588 C CB  . VAL A 1 77 ? -5.835  3.929   7.245   1.00 10.82 ? 77  VAL A CB  1 
ATOM   589 C CG1 . VAL A 1 77 ? -5.256  3.802   8.662   1.00 12.79 ? 77  VAL A CG1 1 
ATOM   590 C CG2 . VAL A 1 77 ? -4.952  4.840   6.365   1.00 11.83 ? 77  VAL A CG2 1 
ATOM   591 N N   . GLY A 1 78 ? -6.301  0.638   8.018   1.00 11.19 ? 78  GLY A N   1 
ATOM   592 C CA  . GLY A 1 78 ? -7.080  -0.261  8.877   1.00 14.72 ? 78  GLY A CA  1 
ATOM   593 C C   . GLY A 1 78 ? -6.171  -1.423  9.266   1.00 17.28 ? 78  GLY A C   1 
ATOM   594 O O   . GLY A 1 78 ? -5.010  -1.509  8.913   1.00 17.16 ? 78  GLY A O   1 
ATOM   595 N N   . PRO A 1 79 ? -6.736  -2.331  10.033  1.00 20.28 ? 79  PRO A N   1 
ATOM   596 C CA  . PRO A 1 79 ? -5.948  -3.447  10.553  1.00 22.12 ? 79  PRO A CA  1 
ATOM   597 C C   . PRO A 1 79 ? -5.495  -4.344  9.404   1.00 24.18 ? 79  PRO A C   1 
ATOM   598 O O   . PRO A 1 79 ? -6.240  -4.694  8.497   1.00 27.42 ? 79  PRO A O   1 
ATOM   599 C CB  . PRO A 1 79 ? -6.902  -4.169  11.493  1.00 27.89 ? 79  PRO A CB  1 
ATOM   600 C CG  . PRO A 1 79 ? -8.164  -3.392  11.500  1.00 29.24 ? 79  PRO A CG  1 
ATOM   601 C CD  . PRO A 1 79 ? -8.129  -2.292  10.488  1.00 25.03 ? 79  PRO A CD  1 
ATOM   602 N N   . THR A 1 80 ? -4.222  -4.717  9.403   1.00 23.19 ? 80  THR A N   1 
ATOM   603 C CA  . THR A 1 80 ? -3.710  -5.625  8.382   1.00 22.71 ? 80  THR A CA  1 
ATOM   604 C C   . THR A 1 80 ? -2.508  -6.302  9.028   1.00 22.52 ? 80  THR A C   1 
ATOM   605 O O   . THR A 1 80 ? -1.753  -5.574  9.686   1.00 24.51 ? 80  THR A O   1 
ATOM   606 C CB  . THR A 1 80 ? -3.424  -4.894  7.063   1.00 19.60 ? 80  THR A CB  1 
ATOM   607 O OG1 . THR A 1 80 ? -2.854  -5.831  6.146   1.00 20.42 ? 80  THR A OG1 1 
ATOM   608 C CG2 . THR A 1 80 ? -2.491  -3.695  7.213   1.00 19.27 ? 80  THR A CG2 1 
ATOM   609 N N   . PRO A 1 81 ? -2.315  -7.610  8.927   1.00 23.04 ? 81  PRO A N   1 
ATOM   610 C CA  . PRO A 1 81 ? -1.147  -8.289  9.500   1.00 23.21 ? 81  PRO A CA  1 
ATOM   611 C C   . PRO A 1 81 ? 0.201   -7.836  8.961   1.00 20.53 ? 81  PRO A C   1 
ATOM   612 O O   . PRO A 1 81 ? 1.207   -7.820  9.683   1.00 24.89 ? 81  PRO A O   1 
ATOM   613 C CB  . PRO A 1 81 ? -1.388  -9.773  9.083   1.00 28.77 ? 81  PRO A CB  1 
ATOM   614 C CG  . PRO A 1 81 ? -2.869  -9.873  8.988   1.00 29.98 ? 81  PRO A CG  1 
ATOM   615 C CD  . PRO A 1 81 ? -3.232  -8.595  8.291   1.00 26.31 ? 81  PRO A CD  1 
ATOM   616 N N   . VAL A 1 82 ? 0.228   -7.411  7.691   1.00 19.01 ? 82  VAL A N   1 
ATOM   617 C CA  . VAL A 1 82 ? 1.395   -6.871  7.029   1.00 19.28 ? 82  VAL A CA  1 
ATOM   618 C C   . VAL A 1 82 ? 0.884   -5.690  6.206   1.00 16.21 ? 82  VAL A C   1 
ATOM   619 O O   . VAL A 1 82 ? -0.186  -5.758  5.608   1.00 16.44 ? 82  VAL A O   1 
ATOM   620 C CB  . VAL A 1 82 ? 2.132   -7.887  6.125   1.00 19.70 ? 82  VAL A CB  1 
ATOM   621 C CG1 . VAL A 1 82 ? 1.192   -8.421  5.085   1.00 28.77 ? 82  VAL A CG1 1 
ATOM   622 C CG2 . VAL A 1 82 ? 3.353   -7.282  5.437   1.00 25.63 ? 82  VAL A CG2 1 
ATOM   623 N N   . ASN A 1 83 ? 1.618   -4.594  6.187   1.00 14.30 ? 83  ASN A N   1 
ATOM   624 C CA  . ASN A 1 83 ? 1.256   -3.477  5.319   1.00 11.07 ? 83  ASN A CA  1 
ATOM   625 C C   . ASN A 1 83 ? 1.510   -3.877  3.863   1.00 10.51 ? 83  ASN A C   1 
ATOM   626 O O   . ASN A 1 83 ? 2.500   -4.517  3.576   1.00 11.61 ? 83  ASN A O   1 
ATOM   627 C CB  . ASN A 1 83 ? 2.071   -2.255  5.685   1.00 11.02 ? 83  ASN A CB  1 
ATOM   628 C CG  . ASN A 1 83 ? 1.788   -1.779  7.096   1.00 11.93 ? 83  ASN A CG  1 
ATOM   629 O OD1 . ASN A 1 83 ? 0.642   -1.860  7.568   1.00 13.02 ? 83  ASN A OD1 1 
ATOM   630 N ND2 . ASN A 1 83 ? 2.844   -1.275  7.727   1.00 14.16 ? 83  ASN A ND2 1 
ATOM   631 N N   . ILE A 1 84 ? 0.574   -3.539  2.979   1.00 10.02 ? 84  ILE A N   1 
ATOM   632 C CA  . ILE A 1 84 ? 0.546   -4.013  1.612   1.00 10.26 ? 84  ILE A CA  1 
ATOM   633 C C   . ILE A 1 84 ? 0.633   -2.852  0.641   1.00 9.22  ? 84  ILE A C   1 
ATOM   634 O O   . ILE A 1 84 ? -0.206  -1.924  0.720   1.00 9.88  ? 84  ILE A O   1 
ATOM   635 C CB  . ILE A 1 84 ? -0.762  -4.818  1.370   1.00 11.90 ? 84  ILE A CB  1 
ATOM   636 C CG1 . ILE A 1 84 ? -0.867  -6.046  2.263   1.00 15.24 ? 84  ILE A CG1 1 
ATOM   637 C CG2 . ILE A 1 84 ? -0.926  -5.159  -0.094  1.00 14.00 ? 84  ILE A CG2 1 
ATOM   638 C CD1 . ILE A 1 84 ? 0.224   -7.044  1.986   1.00 24.35 ? 84  ILE A CD1 1 
ATOM   639 N N   . ILE A 1 85 ? 1.556   -2.901  -0.294  1.00 8.94  ? 85  ILE A N   1 
ATOM   640 C CA  . ILE A 1 85 ? 1.607   -2.003  -1.454  1.00 9.22  ? 85  ILE A CA  1 
ATOM   641 C C   . ILE A 1 85 ? 1.007   -2.777  -2.607  1.00 9.23  ? 85  ILE A C   1 
ATOM   642 O O   . ILE A 1 85 ? 1.638   -3.721  -3.138  1.00 10.06 ? 85  ILE A O   1 
ATOM   643 C CB  . ILE A 1 85 ? 3.023   -1.501  -1.756  1.00 9.60  ? 85  ILE A CB  1 
ATOM   644 C CG1 . ILE A 1 85 ? 3.773   -0.955  -0.540  1.00 10.53 ? 85  ILE A CG1 1 
ATOM   645 C CG2 . ILE A 1 85 ? 3.003   -0.499  -2.915  1.00 9.80  ? 85  ILE A CG2 1 
ATOM   646 C CD1 . ILE A 1 85 ? 3.052   0.122   0.215   1.00 11.91 ? 85  ILE A CD1 1 
ATOM   647 N N   . GLY A 1 86 ? -0.215  -2.433  -2.984  1.00 9.23  ? 86  GLY A N   1 
ATOM   648 C CA  . GLY A 1 86 ? -0.931  -3.118  -4.045  1.00 10.16 ? 86  GLY A CA  1 
ATOM   649 C C   . GLY A 1 86 ? -0.774  -2.458  -5.381  1.00 8.96  ? 86  GLY A C   1 
ATOM   650 O O   . GLY A 1 86 ? -0.070  -1.474  -5.559  1.00 9.61  ? 86  GLY A O   1 
ATOM   651 N N   . ARG A 1 87 ? -1.458  -3.038  -6.376  1.00 9.69  ? 87  ARG A N   1 
ATOM   652 C CA  . ARG A 1 87 ? -1.270  -2.638  -7.753  1.00 10.31 ? 87  ARG A CA  1 
ATOM   653 C C   . ARG A 1 87 ? -1.602  -1.174  -7.978  1.00 10.44 ? 87  ARG A C   1 
ATOM   654 O O   . ARG A 1 87 ? -1.022  -0.549  -8.861  1.00 10.96 ? 87  ARG A O   1 
ATOM   655 C CB  . ARG A 1 87 ? -2.076  -3.484  -8.751  1.00 10.65 ? 87  ARG A CB  1 
ATOM   656 C CG  . ARG A 1 87 ? -1.648  -4.951  -8.778  1.00 11.66 ? 87  ARG A CG  1 
ATOM   657 C CD  . ARG A 1 87 ? -2.317  -5.774  -9.867  1.00 11.26 ? 87  ARG A CD  1 
ATOM   658 N NE  . ARG A 1 87 ? -3.759  -5.845  -9.598  1.00 13.30 ? 87  ARG A NE  1 
ATOM   659 C CZ  . ARG A 1 87 ? -4.701  -5.076  -10.105 1.00 12.88 ? 87  ARG A CZ  1 
ATOM   660 N NH1 . ARG A 1 87 ? -4.446  -4.161  -11.006 1.00 14.41 ? 87  ARG A NH1 1 
ATOM   661 N NH2 . ARG A 1 87 ? -5.949  -5.267  -9.693  1.00 15.32 ? 87  ARG A NH2 1 
ATOM   662 N N   . ASN A 1 88 ? -2.539  -0.597  -7.238  1.00 9.99  ? 88  ASN A N   1 
ATOM   663 C CA  . ASN A 1 88 ? -2.860  0.813   -7.465  1.00 10.10 ? 88  ASN A CA  1 
ATOM   664 C C   . ASN A 1 88 ? -1.636  1.696   -7.269  1.00 9.69  ? 88  ASN A C   1 
ATOM   665 O O   . ASN A 1 88 ? -1.494  2.698   -7.995  1.00 12.66 ? 88  ASN A O   1 
ATOM   666 C CB  . ASN A 1 88 ? -3.995  1.269   -6.553  1.00 10.28 ? 88  ASN A CB  1 
ATOM   667 C CG  . ASN A 1 88 ? -3.551  1.458   -5.115  1.00 9.50  ? 88  ASN A CG  1 
ATOM   668 O OD1 . ASN A 1 88 ? -3.087  0.495   -4.490  1.00 9.93  ? 88  ASN A OD1 1 
ATOM   669 N ND2 . ASN A 1 88 ? -3.726  2.653   -4.600  1.00 9.85  ? 88  ASN A ND2 1 
ATOM   670 N N   . MET A 1 89 ? -0.763  1.364   -6.320  1.00 9.07  ? 89  MET A N   1 
ATOM   671 C CA  . MET A 1 89 ? 0.476   2.095   -6.111  1.00 9.54  ? 89  MET A CA  1 
ATOM   672 C C   . MET A 1 89 ? 1.628   1.560   -6.973  1.00 9.41  ? 89  MET A C   1 
ATOM   673 O O   . MET A 1 89 ? 2.446   2.337   -7.464  1.00 10.31 ? 89  MET A O   1 
ATOM   674 C CB  . MET A 1 89 ? 0.894   2.103   -4.637  1.00 9.13  ? 89  MET A CB  1 
ATOM   675 C CG  . MET A 1 89 ? 0.032   2.989   -3.762  1.00 9.84  ? 89  MET A CG  1 
ATOM   676 S SD  . MET A 1 89 ? 0.249   4.719   -4.165  1.00 11.20 ? 89  MET A SD  1 
ATOM   677 C CE  . MET A 1 89 ? -0.525  5.383   -2.716  1.00 11.48 ? 89  MET A CE  1 
ATOM   678 N N   . LEU A 1 90 ? 1.688   0.243   -7.177  1.00 9.75  ? 90  LEU A N   1 
ATOM   679 C CA  . LEU A 1 90 ? 2.750   -0.284  -8.046  1.00 10.22 ? 90  LEU A CA  1 
ATOM   680 C C   . LEU A 1 90 ? 2.676   0.278   -9.444  1.00 10.28 ? 90  LEU A C   1 
ATOM   681 O O   . LEU A 1 90 ? 3.722   0.607   -10.037 1.00 11.58 ? 90  LEU A O   1 
ATOM   682 C CB  . LEU A 1 90 ? 2.689   -1.805  -8.040  1.00 10.06 ? 90  LEU A CB  1 
ATOM   683 C CG  . LEU A 1 90 ? 2.911   -2.497  -6.690  1.00 10.24 ? 90  LEU A CG  1 
ATOM   684 C CD1 . LEU A 1 90 ? 2.618   -4.014  -6.741  1.00 12.17 ? 90  LEU A CD1 1 
ATOM   685 C CD2 . LEU A 1 90 ? 4.313   -2.258  -6.113  1.00 12.91 ? 90  LEU A CD2 1 
ATOM   686 N N   . THR A 1 91 ? 1.464   0.474   -9.955  1.00 11.34 ? 91  THR A N   1 
ATOM   687 C CA  . THR A 1 91 ? 1.343   1.068   -11.298 1.00 12.79 ? 91  THR A CA  1 
ATOM   688 C C   . THR A 1 91 ? 1.856   2.510   -11.322 1.00 12.00 ? 91  THR A C   1 
ATOM   689 O O   . THR A 1 91 ? 2.495   2.961   -12.253 1.00 13.97 ? 91  THR A O   1 
ATOM   690 C CB  . THR A 1 91 ? -0.120  1.064   -11.816 1.00 13.37 ? 91  THR A CB  1 
ATOM   691 O OG1 . THR A 1 91 ? -0.934  1.686   -10.902 1.00 16.28 ? 91  THR A OG1 1 
ATOM   692 C CG2 . THR A 1 91 ? -0.542  -0.387  -12.006 1.00 18.09 ? 91  THR A CG2 1 
ATOM   693 N N   . GLN A 1 92 ? 1.552   3.264   -10.256 1.00 12.27 ? 92  GLN A N   1 
ATOM   694 C CA  . GLN A 1 92 ? 2.003   4.659   -10.170 1.00 12.43 ? 92  GLN A CA  1 
ATOM   695 C C   . GLN A 1 92 ? 3.521   4.714   -10.080 1.00 12.97 ? 92  GLN A C   1 
ATOM   696 O O   . GLN A 1 92 ? 4.142   5.688   -10.540 1.00 16.62 ? 92  GLN A O   1 
ATOM   697 C CB  . GLN A 1 92 ? 1.382   5.357   -8.972  1.00 11.75 ? 92  GLN A CB  1 
ATOM   698 C CG  . GLN A 1 92 ? -0.109  5.548   -9.064  1.00 11.52 ? 92  GLN A CG  1 
ATOM   699 C CD  . GLN A 1 92 ? -0.505  6.360   -10.297 1.00 11.32 ? 92  GLN A CD  1 
ATOM   700 O OE1 . GLN A 1 92 ? 0.003   7.448   -10.517 1.00 12.08 ? 92  GLN A OE1 1 
ATOM   701 N NE2 . GLN A 1 92 ? -1.384  5.839   -11.112 1.00 13.75 ? 92  GLN A NE2 1 
ATOM   702 N N   . LEU A 1 93 ? 4.152   3.725   -9.498  1.00 13.30 ? 93  LEU A N   1 
ATOM   703 C CA  . LEU A 1 93 ? 5.625   3.635   -9.409  1.00 15.09 ? 93  LEU A CA  1 
ATOM   704 C C   . LEU A 1 93 ? 6.261   3.180   -10.720 1.00 16.30 ? 93  LEU A C   1 
ATOM   705 O O   . LEU A 1 93 ? 7.481   3.203   -10.845 1.00 18.72 ? 93  LEU A O   1 
ATOM   706 C CB  . LEU A 1 93 ? 6.047   2.671   -8.312  1.00 16.01 ? 93  LEU A CB  1 
ATOM   707 C CG  . LEU A 1 93 ? 5.799   3.130   -6.887  1.00 16.88 ? 93  LEU A CG  1 
ATOM   708 C CD1 . LEU A 1 93 ? 5.916   1.993   -5.882  1.00 22.51 ? 93  LEU A CD1 1 
ATOM   709 C CD2 . LEU A 1 93 ? 6.775   4.226   -6.532  1.00 17.24 ? 93  LEU A CD2 1 
ATOM   710 N N   . GLY A 1 94 ? 5.436   2.744   -11.666 1.00 15.10 ? 94  GLY A N   1 
ATOM   711 C CA  . GLY A 1 94 ? 5.984   2.207   -12.908 1.00 17.77 ? 94  GLY A CA  1 
ATOM   712 C C   . GLY A 1 94 ? 6.603   0.832   -12.699 1.00 16.87 ? 94  GLY A C   1 
ATOM   713 O O   . GLY A 1 94 ? 7.548   0.444   -13.375 1.00 18.90 ? 94  GLY A O   1 
ATOM   714 N N   . CYS A 1 95 ? 6.098   0.035   -11.751 1.00 14.33 ? 95  CYS A N   1 
ATOM   715 C CA  . CYS A 1 95 ? 6.616   -1.259  -11.416 1.00 14.44 ? 95  CYS A CA  1 
ATOM   716 C C   . CYS A 1 95 ? 6.047   -2.334  -12.316 1.00 14.71 ? 95  CYS A C   1 
ATOM   717 O O   . CYS A 1 95 ? 4.825   -2.368  -12.517 1.00 17.05 ? 95  CYS A O   1 
ATOM   718 C CB  . CYS A 1 95 ? 6.284   -1.565  -9.931  1.00 15.75 ? 95  CYS A CB  1 
ATOM   719 S SG  . CYS A 1 95 ? 7.042   -3.039  -9.290  1.00 15.98 ? 95  CYS A SG  1 
ATOM   720 N N   . THR A 1 96 ? 6.895   -3.165  -12.843 1.00 13.79 ? 96  THR A N   1 
ATOM   721 C CA  . THR A 1 96 ? 6.513   -4.300  -13.684 1.00 13.76 ? 96  THR A CA  1 
ATOM   722 C C   . THR A 1 96 ? 7.077   -5.583  -13.124 1.00 12.92 ? 96  THR A C   1 
ATOM   723 O O   . THR A 1 96 ? 8.018   -5.582  -12.370 1.00 13.87 ? 96  THR A O   1 
ATOM   724 C CB  . THR A 1 96 ? 7.009   -4.109  -15.130 1.00 14.73 ? 96  THR A CB  1 
ATOM   725 O OG1 . THR A 1 96 ? 8.427   -3.893  -15.132 1.00 15.84 ? 96  THR A OG1 1 
ATOM   726 C CG2 . THR A 1 96 ? 6.324   -2.931  -15.790 1.00 20.34 ? 96  THR A CG2 1 
ATOM   727 N N   . LEU A 1 97 ? 6.496   -6.718  -13.521 1.00 12.90 ? 97  LEU A N   1 
ATOM   728 C CA  . LEU A 1 97 ? 7.079   -8.041  -13.373 1.00 12.87 ? 97  LEU A CA  1 
ATOM   729 C C   . LEU A 1 97 ? 7.835   -8.399  -14.631 1.00 12.83 ? 97  LEU A C   1 
ATOM   730 O O   . LEU A 1 97 ? 7.339   -8.155  -15.750 1.00 15.96 ? 97  LEU A O   1 
ATOM   731 C CB  . LEU A 1 97 ? 6.007   -9.099  -13.145 1.00 14.63 ? 97  LEU A CB  1 
ATOM   732 C CG  . LEU A 1 97 ? 5.281   -9.013  -11.788 1.00 12.88 ? 97  LEU A CG  1 
ATOM   733 C CD1 . LEU A 1 97 ? 3.977   -9.802  -11.827 1.00 16.76 ? 97  LEU A CD1 1 
ATOM   734 C CD2 . LEU A 1 97 ? 6.235   -9.555  -10.729 1.00 15.12 ? 97  LEU A CD2 1 
ATOM   735 N N   . ASN A 1 98 ? 9.026   -8.957  -14.504 1.00 13.10 ? 98  ASN A N   1 
ATOM   736 C CA  . ASN A 1 98 ? 9.859   -9.254  -15.655 1.00 13.72 ? 98  ASN A CA  1 
ATOM   737 C C   . ASN A 1 98 ? 10.439  -10.638 -15.495 1.00 13.31 ? 98  ASN A C   1 
ATOM   738 O O   . ASN A 1 98 ? 11.029  -10.972 -14.472 1.00 14.93 ? 98  ASN A O   1 
ATOM   739 C CB  . ASN A 1 98 ? 11.009  -8.251  -15.776 1.00 15.92 ? 98  ASN A CB  1 
ATOM   740 C CG  . ASN A 1 98 ? 10.459  -6.873  -16.026 1.00 15.89 ? 98  ASN A CG  1 
ATOM   741 O OD1 . ASN A 1 98 ? 10.056  -6.150  -15.067 1.00 18.64 ? 98  ASN A OD1 1 
ATOM   742 N ND2 . ASN A 1 98 ? 10.368  -6.597  -17.283 1.00 19.63 ? 98  ASN A ND2 1 
ATOM   743 N N   . PHE A 1 99 ? 10.326  -11.442 -16.552 1.00 15.24 ? 99  PHE A N   1 
ATOM   744 C CA  . PHE A 1 99 ? 10.975  -12.746 -16.582 1.00 16.50 ? 99  PHE A CA  1 
ATOM   745 C C   . PHE A 1 99 ? 11.186  -13.160 -18.039 1.00 19.15 ? 99  PHE A C   1 
ATOM   746 O O   . PHE A 1 99 ? 11.721  -14.234 -18.271 1.00 23.02 ? 99  PHE A O   1 
ATOM   747 C CB  . PHE A 1 99 ? 10.225  -13.818 -15.801 1.00 16.68 ? 99  PHE A CB  1 
ATOM   748 C CG  . PHE A 1 99 ? 8.842   -14.246 -16.270 1.00 16.64 ? 99  PHE A CG  1 
ATOM   749 C CD1 . PHE A 1 99 ? 7.694   -13.508 -15.985 1.00 18.60 ? 99  PHE A CD1 1 
ATOM   750 C CD2 . PHE A 1 99 ? 8.684   -15.424 -16.985 1.00 17.26 ? 99  PHE A CD2 1 
ATOM   751 C CE1 . PHE A 1 99 ? 6.430   -13.926 -16.382 1.00 21.11 ? 99  PHE A CE1 1 
ATOM   752 C CE2 . PHE A 1 99 ? 7.420   -15.854 -17.400 1.00 19.20 ? 99  PHE A CE2 1 
ATOM   753 C CZ  . PHE A 1 99 ? 6.302   -15.108 -17.081 1.00 20.09 ? 99  PHE A CZ  1 
ATOM   754 O OXT . PHE A 1 99 ? 10.823  -12.393 -18.960 1.00 21.02 ? 99  PHE A OXT 1 
HETATM 755 C C1  . GOL B 2 .  ? 2.043   12.285  2.484   1.00 18.08 ? 300 GOL A C1  1 
HETATM 756 O O1  . GOL B 2 .  ? 2.001   10.894  2.681   1.00 14.38 ? 300 GOL A O1  1 
HETATM 757 C C2  . GOL B 2 .  ? 0.671   12.894  2.318   1.00 20.12 ? 300 GOL A C2  1 
HETATM 758 O O2  . GOL B 2 .  ? 0.112   12.741  1.002   1.00 13.23 ? 300 GOL A O2  1 
HETATM 759 C C3  . GOL B 2 .  ? -0.172  12.249  3.422   1.00 23.10 ? 300 GOL A C3  1 
HETATM 760 O O3  . GOL B 2 .  ? 0.366   12.846  4.627   1.00 31.32 ? 300 GOL A O3  1 
HETATM 761 C C1  . GOL C 2 .  ? 3.387   14.409  5.407   1.00 32.46 ? 301 GOL A C1  1 
HETATM 762 O O1  . GOL C 2 .  ? 2.787   14.989  4.256   1.00 30.19 ? 301 GOL A O1  1 
HETATM 763 C C2  . GOL C 2 .  ? 3.362   15.511  6.487   1.00 31.67 ? 301 GOL A C2  1 
HETATM 764 O O2  . GOL C 2 .  ? 3.784   14.921  7.711   1.00 27.38 ? 301 GOL A O2  1 
HETATM 765 C C3  . GOL C 2 .  ? 4.279   16.646  6.087   1.00 31.19 ? 301 GOL A C3  1 
HETATM 766 O O3  . GOL C 2 .  ? 5.100   16.394  4.957   1.00 28.46 ? 301 GOL A O3  1 
HETATM 767 O O   . HOH D 3 .  ? -1.164  -11.504 -2.150  0.50 29.40 ? 302 HOH A O   1 
HETATM 768 O O   . HOH D 3 .  ? 9.578   11.712  7.151   0.50 32.86 ? 303 HOH A O   1 
HETATM 769 O O   . HOH D 3 .  ? -1.313  16.269  -2.048  0.50 40.17 ? 304 HOH A O   1 
HETATM 770 O O   . HOH D 3 .  ? 12.180  -9.741  -2.279  1.00 18.11 ? 305 HOH A O   1 
HETATM 771 O O   . HOH D 3 .  ? 15.559  -11.764 -2.845  1.00 18.83 ? 306 HOH A O   1 
HETATM 772 O O   . HOH D 3 .  ? -6.429  8.321   -5.034  1.00 12.19 ? 307 HOH A O   1 
HETATM 773 O O   . HOH D 3 .  ? 2.266   0.257   13.391  1.00 50.63 ? 308 HOH A O   1 
HETATM 774 O O   . HOH D 3 .  ? -6.995  16.718  7.094   1.00 17.38 ? 309 HOH A O   1 
HETATM 775 O O   . HOH D 3 .  ? -3.660  -8.426  -8.508  1.00 13.24 ? 310 HOH A O   1 
HETATM 776 O O   . HOH D 3 .  ? 11.945  12.112  0.707   1.00 16.46 ? 311 HOH A O   1 
HETATM 777 O O   . HOH D 3 .  ? 18.161  -15.196 -8.859  1.00 15.31 ? 312 HOH A O   1 
HETATM 778 O O   . HOH D 3 .  ? -2.081  13.977  0.065   1.00 13.61 ? 313 HOH A O   1 
HETATM 779 O O   . HOH D 3 .  ? -5.792  -9.258  -6.906  1.00 18.45 ? 314 HOH A O   1 
HETATM 780 O O   . HOH D 3 .  ? -4.992  4.737   -6.327  1.00 11.92 ? 315 HOH A O   1 
HETATM 781 O O   . HOH D 3 .  ? 2.672   -1.403  -13.854 1.00 18.26 ? 316 HOH A O   1 
HETATM 782 O O   . HOH D 3 .  ? -7.022  12.340  1.242   1.00 15.22 ? 317 HOH A O   1 
HETATM 783 O O   . HOH D 3 .  ? 5.665   -0.672  9.535   1.00 23.65 ? 318 HOH A O   1 
HETATM 784 O O   . HOH D 3 .  ? -17.113 -0.710  0.350   1.00 27.20 ? 319 HOH A O   1 
HETATM 785 O O   . HOH D 3 .  ? -6.922  -7.663  -3.850  1.00 25.82 ? 320 HOH A O   1 
HETATM 786 O O   . HOH D 3 .  ? -9.693  -1.360  -6.373  1.00 35.15 ? 321 HOH A O   1 
HETATM 787 O O   . HOH D 3 .  ? 7.916   10.220  5.728   1.00 15.21 ? 322 HOH A O   1 
HETATM 788 O O   . HOH D 3 .  ? -7.173  1.417   -4.320  1.00 23.89 ? 323 HOH A O   1 
HETATM 789 O O   . HOH D 3 .  ? 7.970   6.773   11.577  1.00 22.66 ? 324 HOH A O   1 
HETATM 790 O O   . HOH D 3 .  ? -5.842  -1.602  -8.434  1.00 25.73 ? 325 HOH A O   1 
HETATM 791 O O   . HOH D 3 .  ? 13.626  -7.852  -1.045  1.00 24.28 ? 326 HOH A O   1 
HETATM 792 O O   . HOH D 3 .  ? 12.689  6.524   -0.391  1.00 20.73 ? 327 HOH A O   1 
HETATM 793 O O   . HOH D 3 .  ? 0.519   -4.049  9.487   1.00 22.83 ? 328 HOH A O   1 
HETATM 794 O O   . HOH D 3 .  ? 0.700   11.469  9.810   1.00 17.04 ? 329 HOH A O   1 
HETATM 795 O O   . HOH D 3 .  ? -7.903  13.204  7.751   1.00 18.54 ? 330 HOH A O   1 
HETATM 796 O O   . HOH D 3 .  ? 7.279   0.448   -16.645 1.00 46.28 ? 331 HOH A O   1 
HETATM 797 O O   . HOH D 3 .  ? 13.555  -0.308  1.129   1.00 26.18 ? 332 HOH A O   1 
HETATM 798 O O   . HOH D 3 .  ? -9.483  11.373  0.517   1.00 17.00 ? 333 HOH A O   1 
HETATM 799 O O   . HOH D 3 .  ? -8.659  -4.657  -1.018  1.00 35.10 ? 334 HOH A O   1 
HETATM 800 O O   . HOH D 3 .  ? 10.994  0.812   7.437   1.00 30.73 ? 335 HOH A O   1 
HETATM 801 O O   . HOH D 3 .  ? -5.009  -7.162  4.517   1.00 40.06 ? 336 HOH A O   1 
HETATM 802 O O   . HOH D 3 .  ? 12.121  -9.945  3.444   1.00 25.43 ? 337 HOH A O   1 
HETATM 803 O O   . HOH D 3 .  ? 9.295   2.605   -13.969 1.00 40.14 ? 338 HOH A O   1 
HETATM 804 O O   . HOH D 3 .  ? 9.610   10.447  -7.718  1.00 29.48 ? 339 HOH A O   1 
HETATM 805 O O   . HOH D 3 .  ? 2.847   1.242   -14.536 1.00 25.04 ? 340 HOH A O   1 
HETATM 806 O O   . HOH D 3 .  ? 11.295  -13.823 3.434   1.00 26.44 ? 341 HOH A O   1 
HETATM 807 O O   . HOH D 3 .  ? -11.096 9.122   12.381  1.00 36.30 ? 342 HOH A O   1 
HETATM 808 O O   . HOH D 3 .  ? -10.066 2.205   -3.491  1.00 33.93 ? 343 HOH A O   1 
HETATM 809 O O   . HOH D 3 .  ? -13.356 5.450   -4.769  1.00 49.08 ? 344 HOH A O   1 
HETATM 810 O O   . HOH D 3 .  ? -2.916  3.413   -10.668 1.00 27.51 ? 345 HOH A O   1 
HETATM 811 O O   . HOH D 3 .  ? 2.053   -0.076  10.464  1.00 21.67 ? 346 HOH A O   1 
HETATM 812 O O   . HOH D 3 .  ? -16.760 10.729  3.564   1.00 29.02 ? 347 HOH A O   1 
HETATM 813 O O   . HOH D 3 .  ? -3.324  7.110   -8.392  1.00 20.88 ? 348 HOH A O   1 
HETATM 814 O O   . HOH D 3 .  ? 13.714  -18.414 -1.241  1.00 39.04 ? 349 HOH A O   1 
HETATM 815 O O   . HOH D 3 .  ? 0.492   8.280   12.323  1.00 28.85 ? 350 HOH A O   1 
HETATM 816 O O   . HOH D 3 .  ? -15.069 3.226   -0.566  1.00 38.51 ? 351 HOH A O   1 
HETATM 817 O O   . HOH D 3 .  ? 6.447   -6.242  7.689   1.00 31.91 ? 352 HOH A O   1 
HETATM 818 O O   . HOH D 3 .  ? 11.339  -7.750  -19.405 1.00 27.95 ? 353 HOH A O   1 
HETATM 819 O O   . HOH D 3 .  ? -11.007 -6.316  -1.303  1.00 30.62 ? 354 HOH A O   1 
HETATM 820 O O   . HOH D 3 .  ? -10.763 -4.617  -5.763  1.00 39.25 ? 355 HOH A O   1 
HETATM 821 O O   . HOH D 3 .  ? -8.666  11.117  9.315   1.00 23.87 ? 356 HOH A O   1 
HETATM 822 O O   . HOH D 3 .  ? 9.947   15.032  -5.756  1.00 25.38 ? 357 HOH A O   1 
HETATM 823 O O   . HOH D 3 .  ? -5.866  11.291  10.441  1.00 38.25 ? 358 HOH A O   1 
HETATM 824 O O   . HOH D 3 .  ? -12.187 8.491   -0.056  1.00 26.92 ? 359 HOH A O   1 
HETATM 825 O O   . HOH D 3 .  ? -5.593  1.428   -2.021  1.00 11.36 ? 360 HOH A O   1 
HETATM 826 O O   . HOH D 3 .  ? 18.807  -9.967  -5.428  1.00 31.93 ? 361 HOH A O   1 
HETATM 827 O O   . HOH D 3 .  ? 12.536  2.720   0.273   1.00 21.59 ? 362 HOH A O   1 
HETATM 828 O O   . HOH D 3 .  ? -6.405  -5.357  -2.065  1.00 24.57 ? 363 HOH A O   1 
HETATM 829 O O   . HOH D 3 .  ? -13.216 12.544  6.712   1.00 33.77 ? 364 HOH A O   1 
HETATM 830 O O   . HOH D 3 .  ? -18.039 -9.683  7.037   1.00 18.31 ? 365 HOH A O   1 
HETATM 831 O O   . HOH D 3 .  ? -7.130  3.034   -6.660  1.00 22.09 ? 366 HOH A O   1 
HETATM 832 O O   . HOH D 3 .  ? -5.174  8.850   -7.426  1.00 21.46 ? 367 HOH A O   1 
HETATM 833 O O   . HOH D 3 .  ? 16.528  -7.936  -4.589  1.00 27.69 ? 368 HOH A O   1 
HETATM 834 O O   . HOH D 3 .  ? 15.976  -8.997  -2.137  1.00 33.23 ? 369 HOH A O   1 
HETATM 835 O O   . HOH D 3 .  ? 11.567  5.467   1.310   1.00 31.83 ? 370 HOH A O   1 
HETATM 836 O O   . HOH D 3 .  ? -11.979 -12.336 6.736   1.00 36.10 ? 371 HOH A O   1 
HETATM 837 O O   . HOH D 3 .  ? -10.663 -11.814 1.698   1.00 27.69 ? 372 HOH A O   1 
HETATM 838 O O   . HOH D 3 .  ? -12.269 -14.439 7.599   1.00 37.88 ? 373 HOH A O   1 
HETATM 839 O O   . HOH D 3 .  ? 3.654   8.238   -11.223 1.00 31.14 ? 374 HOH A O   1 
HETATM 840 O O   . HOH D 3 .  ? 13.259  -6.921  1.579   1.00 24.83 ? 375 HOH A O   1 
HETATM 841 O O   . HOH D 3 .  ? 4.290   -4.415  7.495   1.00 21.40 ? 376 HOH A O   1 
HETATM 842 O O   . HOH D 3 .  ? -16.590 11.010  0.951   1.00 39.42 ? 377 HOH A O   1 
HETATM 843 O O   . HOH D 3 .  ? -13.917 10.464  0.680   1.00 35.08 ? 378 HOH A O   1 
HETATM 844 O O   . HOH D 3 .  ? -12.285 7.480   -4.768  1.00 34.40 ? 379 HOH A O   1 
HETATM 845 O O   . HOH D 3 .  ? 5.830   -10.137 5.417   1.00 39.12 ? 380 HOH A O   1 
HETATM 846 O O   . HOH D 3 .  ? -6.743  9.028   12.371  1.00 46.94 ? 381 HOH A O   1 
HETATM 847 O O   . HOH D 3 .  ? -6.818  1.360   -8.705  1.00 32.29 ? 382 HOH A O   1 
HETATM 848 O O   . HOH D 3 .  ? 9.300   -1.236  -14.967 1.00 24.23 ? 383 HOH A O   1 
HETATM 849 O O   . HOH D 3 .  ? 6.871   14.424  4.692   1.00 17.89 ? 384 HOH A O   1 
HETATM 850 O O   . HOH D 3 .  ? 11.200  -17.645 0.479   1.00 41.60 ? 385 HOH A O   1 
HETATM 851 O O   . HOH D 3 .  ? -5.094  0.908   11.760  1.00 22.73 ? 386 HOH A O   1 
HETATM 852 O O   . HOH D 3 .  ? 2.350   6.273   12.526  1.00 35.40 ? 387 HOH A O   1 
HETATM 853 O O   . HOH D 3 .  ? -5.514  8.225   9.296   1.00 33.86 ? 388 HOH A O   1 
HETATM 854 O O   . HOH D 3 .  ? 1.622   9.047   -8.990  1.00 12.41 ? 389 HOH A O   1 
HETATM 855 O O   . HOH D 3 .  ? -9.470  4.796   -5.619  1.00 31.64 ? 390 HOH A O   1 
HETATM 856 O O   . HOH D 3 .  ? -3.362  -6.391  12.703  1.00 32.97 ? 391 HOH A O   1 
HETATM 857 O O   . HOH D 3 .  ? -7.148  10.452  -8.431  1.00 26.43 ? 392 HOH A O   1 
HETATM 858 O O   . HOH D 3 .  ? -3.474  4.641   -8.430  1.00 23.70 ? 393 HOH A O   1 
HETATM 859 O O   . HOH D 3 .  ? -4.690  16.249  8.748   1.00 27.66 ? 394 HOH A O   1 
HETATM 860 O O   . HOH D 3 .  ? 1.667   10.910  12.295  1.00 29.93 ? 395 HOH A O   1 
HETATM 861 O O   . HOH D 3 .  ? 3.844   -11.749 4.152   1.00 31.57 ? 396 HOH A O   1 
HETATM 862 O O   . HOH D 3 .  ? -5.154  -8.156  11.113  1.00 29.35 ? 397 HOH A O   1 
HETATM 863 O O   . HOH D 3 .  ? -18.788 -7.887  8.216   1.00 46.06 ? 398 HOH A O   1 
HETATM 864 O O   . HOH D 3 .  ? 12.627  -5.565  -1.251  1.00 32.24 ? 399 HOH A O   1 
HETATM 865 O O   . HOH D 3 .  ? 18.512  -2.848  -8.012  1.00 42.08 ? 400 HOH A O   1 
HETATM 866 O O   . HOH D 3 .  ? -4.168  -0.587  -10.536 1.00 39.01 ? 401 HOH A O   1 
HETATM 867 O O   . HOH D 3 .  ? -18.291 4.528   2.020   1.00 44.57 ? 402 HOH A O   1 
HETATM 868 O O   . HOH D 3 .  ? 2.525   -4.831  10.290  1.00 45.33 ? 403 HOH A O   1 
HETATM 869 O O   . HOH D 3 .  ? -4.856  16.120  -4.261  1.00 31.65 ? 404 HOH A O   1 
HETATM 870 O O   . HOH D 3 .  ? -21.217 -8.256  4.140   1.00 41.14 ? 405 HOH A O   1 
HETATM 871 O O   . HOH D 3 .  ? -14.054 17.012  -2.721  1.00 36.52 ? 406 HOH A O   1 
HETATM 872 O O   . HOH D 3 .  ? 13.574  -2.603  4.424   1.00 49.65 ? 407 HOH A O   1 
HETATM 873 O O   . HOH D 3 .  ? -4.933  2.075   -10.520 1.00 39.37 ? 408 HOH A O   1 
HETATM 874 O O   . HOH D 3 .  ? 11.480  11.084  -6.171  1.00 43.17 ? 409 HOH A O   1 
HETATM 875 O O   . HOH D 3 .  ? -15.647 17.511  3.500   1.00 49.46 ? 410 HOH A O   1 
HETATM 876 O O   . HOH D 3 .  ? 12.209  5.179   3.865   1.00 46.21 ? 411 HOH A O   1 
HETATM 877 O O   . HOH D 3 .  ? -8.032  -8.239  3.249   1.00 42.77 ? 412 HOH A O   1 
HETATM 878 O O   . HOH D 3 .  ? -15.451 10.802  7.138   1.00 49.14 ? 413 HOH A O   1 
HETATM 879 O O   . HOH D 3 .  ? -6.172  -7.185  6.565   1.00 79.93 ? 414 HOH A O   1 
HETATM 880 O O   . HOH D 3 .  ? -4.594  -0.703  13.844  1.00 48.21 ? 415 HOH A O   1 
HETATM 881 O O   . HOH D 3 .  ? 14.333  -9.832  -16.372 1.00 44.57 ? 416 HOH A O   1 
HETATM 882 O O   . HOH D 3 .  ? -9.660  -11.099 -1.003  1.00 51.81 ? 417 HOH A O   1 
HETATM 883 O O   . HOH D 3 .  ? 14.325  -6.447  -16.725 1.00 61.46 ? 418 HOH A O   1 
HETATM 884 O O   . HOH D 3 .  ? 12.729  -10.083 -18.718 1.00 42.61 ? 419 HOH A O   1 
HETATM 885 O O   . HOH D 3 .  ? -15.104 -2.445  -1.655  1.00 40.38 ? 420 HOH A O   1 
HETATM 886 O O   . HOH D 3 .  ? 7.338   7.576   -9.612  1.00 42.99 ? 421 HOH A O   1 
HETATM 887 O O   . HOH D 3 .  ? 9.749   3.264   -11.828 1.00 49.34 ? 422 HOH A O   1 
HETATM 888 O O   . HOH D 3 .  ? -6.408  3.562   12.328  1.00 35.91 ? 423 HOH A O   1 
HETATM 889 O O   . HOH D 3 .  ? -9.443  -9.578  4.464   1.00 48.40 ? 424 HOH A O   1 
HETATM 890 O O   . HOH D 3 .  ? 13.765  -7.921  4.339   1.00 40.24 ? 425 HOH A O   1 
HETATM 891 O O   . HOH D 3 .  ? 16.675  -5.509  -5.232  1.00 63.02 ? 426 HOH A O   1 
HETATM 892 O O   . HOH D 3 .  ? -20.793 -1.129  9.711   1.00 42.61 ? 427 HOH A O   1 
HETATM 893 O O   . HOH D 3 .  ? 13.300  11.825  -2.508  1.00 51.00 ? 428 HOH A O   1 
HETATM 894 O O   . HOH D 3 .  ? 14.638  10.755  5.380   1.00 43.75 ? 429 HOH A O   1 
HETATM 895 O O   . HOH D 3 .  ? 11.297  -2.528  5.790   1.00 56.45 ? 430 HOH A O   1 
HETATM 896 O O   . HOH D 3 .  ? 16.584  -1.066  -11.988 1.00 55.23 ? 431 HOH A O   1 
HETATM 897 O O   . HOH D 3 .  ? -18.979 0.758   2.933   1.00 56.78 ? 432 HOH A O   1 
HETATM 898 O O   . HOH D 3 .  ? -12.350 14.660  6.653   1.00 56.70 ? 433 HOH A O   1 
HETATM 899 O O   . HOH D 3 .  ? -13.237 -4.216  -1.846  1.00 49.17 ? 434 HOH A O   1 
HETATM 900 O O   . HOH D 3 .  ? 0.061   -10.606 0.937   1.00 57.76 ? 435 HOH A O   1 
HETATM 901 O O   . HOH D 3 .  ? -5.874  18.177  -5.901  0.50 43.07 ? 436 HOH A O   1 
HETATM 902 O O   . HOH D 3 .  ? -19.398 9.007   1.186   1.00 75.53 ? 437 HOH A O   1 
HETATM 903 O O   . HOH D 3 .  ? -17.839 12.883  4.531   1.00 45.11 ? 438 HOH A O   1 
HETATM 904 O O   . HOH D 3 .  ? 18.632  -7.467  -8.266  1.00 47.96 ? 439 HOH A O   1 
HETATM 905 O O   . HOH D 3 .  ? -1.377  6.578   13.856  1.00 45.48 ? 440 HOH A O   1 
HETATM 906 O O   . HOH D 3 .  ? 1.726   -2.296  11.759  1.00 47.83 ? 441 HOH A O   1 
HETATM 907 O O   . HOH D 3 .  ? -18.611 8.992   4.315   1.00 50.38 ? 442 HOH A O   1 
HETATM 908 O O   . HOH D 3 .  ? 2.865   -16.058 4.439   1.00 57.42 ? 443 HOH A O   1 
HETATM 909 O O   . HOH D 3 .  ? 15.574  2.452   -8.997  1.00 62.43 ? 444 HOH A O   1 
HETATM 910 O O   . HOH D 3 .  ? -11.055 -2.796  -3.723  1.00 52.55 ? 445 HOH A O   1 
HETATM 911 O O   . HOH D 3 .  ? -18.965 2.647   9.314   1.00 31.66 ? 446 HOH A O   1 
HETATM 912 O O   . HOH D 3 .  ? -13.966 2.505   -2.849  1.00 41.85 ? 447 HOH A O   1 
HETATM 913 O O   . HOH D 3 .  ? 0.779   -7.106  12.540  1.00 52.80 ? 448 HOH A O   1 
HETATM 914 O O   . HOH D 3 .  ? -9.084  13.652  -8.322  1.00 63.15 ? 449 HOH A O   1 
HETATM 915 O O   . HOH D 3 .  ? 11.916  -5.694  -20.367 1.00 49.05 ? 450 HOH A O   1 
HETATM 916 O O   . HOH D 3 .  ? 10.432  -11.638 5.777   1.00 51.97 ? 451 HOH A O   1 
HETATM 917 O O   . HOH D 3 .  ? 19.794  -12.571 -10.513 1.00 66.74 ? 452 HOH A O   1 
HETATM 918 O O   . HOH D 3 .  ? 9.565   0.604   10.000  1.00 56.44 ? 453 HOH A O   1 
HETATM 919 O O   . HOH D 3 .  ? 4.966   5.580   12.573  1.00 59.03 ? 454 HOH A O   1 
HETATM 920 O O   . HOH D 3 .  ? 12.911  -5.138  6.377   1.00 78.34 ? 455 HOH A O   1 
HETATM 921 O O   . HOH D 3 .  ? 6.977   7.676   14.210  1.00 64.41 ? 456 HOH A O   1 
HETATM 922 O O   . HOH D 3 .  ? 5.948   11.164  14.634  1.00 75.57 ? 457 HOH A O   1 
HETATM 923 O O   . HOH D 3 .  ? -13.468 12.570  -0.705  1.00 40.86 ? 458 HOH A O   1 
HETATM 924 O O   . HOH D 3 .  ? 10.317  -7.493  9.208   1.00 66.40 ? 459 HOH A O   1 
HETATM 925 O O   . HOH D 3 .  ? 7.843   -11.037 6.870   1.00 47.88 ? 460 HOH A O   1 
HETATM 926 O O   . HOH D 3 .  ? -18.865 0.749   5.518   1.00 62.87 ? 461 HOH A O   1 
HETATM 927 O O   . HOH D 3 .  ? -4.853  -4.948  -0.338  1.00 34.55 ? 462 HOH A O   1 
HETATM 928 O O   . HOH D 3 .  ? 5.261   -2.893  9.970   1.00 54.06 ? 463 HOH A O   1 
HETATM 929 O O   . HOH D 3 .  ? -3.276  -8.884  -0.032  1.00 48.86 ? 464 HOH A O   1 
HETATM 930 O O   . HOH D 3 .  ? -20.758 -5.015  5.742   1.00 42.05 ? 465 HOH A O   1 
HETATM 931 O O   . HOH D 3 .  ? 13.812  9.240   0.446   1.00 47.19 ? 466 HOH A O   1 
HETATM 932 O O   . HOH D 3 .  ? -8.490  2.954   10.207  1.00 33.38 ? 467 HOH A O   1 
# 
loop_
_atom_site_anisotrop.id 
_atom_site_anisotrop.type_symbol 
_atom_site_anisotrop.pdbx_label_atom_id 
_atom_site_anisotrop.pdbx_label_alt_id 
_atom_site_anisotrop.pdbx_label_comp_id 
_atom_site_anisotrop.pdbx_label_asym_id 
_atom_site_anisotrop.pdbx_label_seq_id 
_atom_site_anisotrop.pdbx_PDB_ins_code 
_atom_site_anisotrop.U[1][1] 
_atom_site_anisotrop.U[2][2] 
_atom_site_anisotrop.U[3][3] 
_atom_site_anisotrop.U[1][2] 
_atom_site_anisotrop.U[1][3] 
_atom_site_anisotrop.U[2][3] 
_atom_site_anisotrop.pdbx_auth_seq_id 
_atom_site_anisotrop.pdbx_auth_comp_id 
_atom_site_anisotrop.pdbx_auth_asym_id 
_atom_site_anisotrop.pdbx_auth_atom_id 
1   N N   . PRO A 1  ? 0.2023 0.2813 0.3878 -0.0404 0.0228  -0.1309 1   PRO A N   
2   C CA  . PRO A 1  ? 0.2136 0.2793 0.3602 -0.0445 0.0194  -0.1234 1   PRO A CA  
3   C C   . PRO A 1  ? 0.1881 0.2597 0.3427 -0.0455 0.0236  -0.0911 1   PRO A C   
4   O O   . PRO A 1  ? 0.2067 0.2387 0.3159 -0.0192 0.0163  -0.1122 1   PRO A O   
5   C CB  . PRO A 1  ? 0.2833 0.3859 0.3504 -0.0149 0.0022  -0.1219 1   PRO A CB  
6   C CG  . PRO A 1  ? 0.3426 0.3609 0.3508 0.0226  0.0556  -0.1348 1   PRO A CG  
7   C CD  . PRO A 1  ? 0.3100 0.3100 0.3770 -0.0081 0.0549  -0.1487 1   PRO A CD  
8   N N   . GLN A 2  ? 0.2102 0.2530 0.3003 -0.0355 0.0168  -0.0780 2   GLN A N   
9   C CA  . GLN A 2  ? 0.2007 0.2508 0.2314 -0.0561 0.0312  -0.0562 2   GLN A CA  
10  C C   . GLN A 2  ? 0.2156 0.2851 0.2405 -0.0343 0.0018  -0.0382 2   GLN A C   
11  O O   . GLN A 2  ? 0.2232 0.4261 0.3474 0.0024  -0.0176 0.0229  2   GLN A O   
12  C CB  . GLN A 2  ? 0.2425 0.2445 0.2743 -0.0145 0.0514  -0.0499 2   GLN A CB  
13  C CG  . GLN A 2  ? 0.2753 0.2367 0.3322 0.0002  0.0126  -0.0589 2   GLN A CG  
14  C CD  . GLN A 2  ? 0.2756 0.2941 0.4069 -0.0142 0.0331  -0.1358 2   GLN A CD  
15  O OE1 . GLN A 2  ? 0.3296 0.4998 0.5357 0.1040  0.0360  -0.1410 2   GLN A OE1 
16  N NE2 . GLN A 2  ? 0.3620 0.6635 0.3722 -0.0041 0.0493  -0.1778 2   GLN A NE2 
17  N N   . ILE A 3  ? 0.2374 0.2375 0.2327 -0.0467 0.0052  -0.0203 3   ILE A N   
18  C CA  . ILE A 3  ? 0.2246 0.2223 0.2288 -0.0044 -0.0147 -0.0253 3   ILE A CA  
19  C C   . ILE A 3  ? 0.2027 0.2228 0.2185 -0.0153 -0.0197 -0.0187 3   ILE A C   
20  O O   . ILE A 3  ? 0.1960 0.2319 0.2070 0.0126  -0.0159 -0.0455 3   ILE A O   
21  C CB  . ILE A 3  ? 0.2092 0.2171 0.2149 -0.0429 -0.0148 -0.0375 3   ILE A CB  
22  C CG1 . ILE A 3  ? 0.2698 0.1848 0.2943 -0.0097 0.0119  -0.0226 3   ILE A CG1 
23  C CG2 . ILE A 3  ? 0.2809 0.1674 0.2522 0.0025  0.0254  -0.0357 3   ILE A CG2 
24  C CD1 . ILE A 3  ? 0.2628 0.1823 0.4150 0.0270  0.0277  0.0161  3   ILE A CD1 
25  N N   . THR A 4  ? 0.2046 0.2340 0.2102 0.0117  -0.0181 -0.0483 4   THR A N   
26  C CA  . THR A 4  ? 0.1743 0.2332 0.2466 0.0198  -0.0042 -0.0576 4   THR A CA  
27  C C   . THR A 4  ? 0.1861 0.2149 0.2046 0.0123  -0.0385 -0.0606 4   THR A C   
28  O O   . THR A 4  ? 0.2208 0.2140 0.2023 -0.0135 -0.0200 -0.0687 4   THR A O   
29  C CB  . THR A 4  ? 0.1609 0.2525 0.2904 0.0190  -0.0459 -0.0247 4   THR A CB  
30  O OG1 . THR A 4  ? 0.1965 0.3668 0.3049 0.0532  -0.0489 -0.0980 4   THR A OG1 
31  C CG2 . THR A 4  ? 0.1827 0.5182 0.3484 0.0707  0.0311  0.0058  4   THR A CG2 
32  N N   . LEU A 5  ? 0.1692 0.2058 0.2073 0.0273  -0.0284 -0.0584 5   LEU A N   
33  C CA  . LEU A 5  ? 0.1606 0.1804 0.2022 0.0431  -0.0367 -0.0470 5   LEU A CA  
34  C C   . LEU A 5  ? 0.1726 0.1865 0.1927 0.0611  -0.0404 -0.0583 5   LEU A C   
35  O O   . LEU A 5  ? 0.1727 0.1482 0.1775 0.0711  -0.0531 -0.0606 5   LEU A O   
36  C CB  . LEU A 5  ? 0.1598 0.1413 0.1915 0.0472  -0.0311 -0.0564 5   LEU A CB  
37  C CG  . LEU A 5  ? 0.1347 0.1263 0.2067 0.0345  -0.0256 -0.0615 5   LEU A CG  
38  C CD1 . LEU A 5  ? 0.1623 0.1680 0.1702 0.0584  -0.0216 -0.0644 5   LEU A CD1 
39  C CD2 . LEU A 5  ? 0.1639 0.1581 0.1945 0.0496  -0.0354 -0.0740 5   LEU A CD2 
40  N N   . TRP A 6  ? 0.1758 0.1773 0.2447 0.0612  -0.0631 -0.0690 6   TRP A N   
41  C CA  . TRP A 6  ? 0.1919 0.1789 0.2464 0.0722  -0.0617 -0.0727 6   TRP A CA  
42  C C   . TRP A 6  ? 0.2336 0.1704 0.2380 0.0883  -0.0745 -0.0704 6   TRP A C   
43  O O   . TRP A 6  ? 0.3275 0.1716 0.2457 0.1262  -0.0518 -0.0550 6   TRP A O   
44  C CB  . TRP A 6  ? 0.1903 0.1779 0.2826 0.0792  -0.1004 -0.1052 6   TRP A CB  
45  C CG  . TRP A 6  ? 0.1514 0.1732 0.3299 0.0688  -0.0777 -0.1111 6   TRP A CG  
46  C CD1 . TRP A 6  ? 0.1641 0.2063 0.3397 0.0456  -0.0496 -0.1161 6   TRP A CD1 
47  C CD2 . TRP A 6  ? 0.1659 0.1885 0.3514 0.0519  -0.0649 -0.1424 6   TRP A CD2 
48  N NE1 . TRP A 6  ? 0.1490 0.2101 0.3702 0.0517  -0.0417 -0.1409 6   TRP A NE1 
49  C CE2 . TRP A 6  ? 0.1943 0.2195 0.3818 0.0574  -0.0340 -0.1455 6   TRP A CE2 
50  C CE3 . TRP A 6  ? 0.2014 0.1915 0.4153 0.0204  -0.0442 -0.1554 6   TRP A CE3 
51  C CZ2 . TRP A 6  ? 0.2124 0.2048 0.4013 0.0379  0.0115  -0.1443 6   TRP A CZ2 
52  C CZ3 . TRP A 6  ? 0.2656 0.1942 0.4176 0.0033  0.0083  -0.1466 6   TRP A CZ3 
53  C CH2 . TRP A 6  ? 0.2389 0.2262 0.4495 0.0076  0.0359  -0.1390 6   TRP A CH2 
54  N N   . LYS A 7  ? 0.2184 0.1678 0.2527 0.0897  -0.0686 -0.0688 7   LYS A N   
55  C CA  . LYS A 7  ? 0.2835 0.1812 0.2330 0.1257  -0.0917 -0.0822 7   LYS A CA  
56  C C   . LYS A 7  ? 0.2292 0.0954 0.2004 0.0608  -0.0587 -0.0541 7   LYS A C   
57  O O   . LYS A 7  ? 0.2146 0.1306 0.1923 0.0522  -0.0643 -0.0498 7   LYS A O   
58  C CB  . LYS A 7  ? 0.2427 0.3391 0.2944 0.0969  -0.1050 -0.1242 7   LYS A CB  
59  C CG  . LYS A 7  ? 0.3944 0.3884 0.4196 -0.0246 -0.1202 -0.0977 7   LYS A CG  
60  C CD  . LYS A 7  ? 0.4380 0.5028 0.5115 -0.0785 -0.1814 -0.1080 7   LYS A CD  
61  C CE  . LYS A 7  ? 0.4928 0.5183 0.5931 -0.1219 -0.1643 -0.1341 7   LYS A CE  
62  N NZ  . LYS A 7  ? 0.4726 0.6058 0.7813 -0.1253 -0.2198 -0.1570 7   LYS A NZ  
63  N N   . ARG A 8  ? 0.2280 0.1025 0.1829 0.0440  -0.0676 -0.0378 8   ARG A N   
64  C CA  . ARG A 8  ? 0.2006 0.1023 0.1766 0.0336  -0.0563 -0.0361 8   ARG A CA  
65  C C   . ARG A 8  ? 0.2026 0.0866 0.1810 0.0356  -0.0564 -0.0561 8   ARG A C   
66  O O   . ARG A 8  ? 0.1957 0.1001 0.2073 0.0429  -0.0669 -0.0594 8   ARG A O   
67  C CB  . ARG A 8  ? 0.2545 0.1053 0.1688 0.0355  -0.0459 -0.0426 8   ARG A CB  
68  C CG  . ARG A 8  ? 0.2592 0.1378 0.1938 0.0054  -0.0335 -0.0349 8   ARG A CG  
69  C CD  . ARG A 8  ? 0.4381 0.2219 0.1921 -0.0646 0.0171  -0.0566 8   ARG A CD  
70  N NE  . ARG A 8  ? 0.5502 0.2608 0.2370 -0.1090 0.0645  -0.0279 8   ARG A NE  
71  C CZ  . ARG A 8  ? 0.6498 0.3517 0.2237 -0.1747 0.0749  -0.0443 8   ARG A CZ  
72  N NH1 . ARG A 8  ? 0.8187 0.3762 0.2502 -0.0546 0.0568  -0.0837 8   ARG A NH1 
73  N NH2 . ARG A 8  ? 0.6773 0.4019 0.2933 -0.2151 0.0853  0.0093  8   ARG A NH2 
74  N N   . PRO A 9  ? 0.1839 0.0764 0.1746 0.0290  -0.0460 -0.0516 9   PRO A N   
75  C CA  . PRO A 9  ? 0.1685 0.0804 0.1892 0.0303  -0.0392 -0.0549 9   PRO A CA  
76  C C   . PRO A 9  ? 0.1537 0.0710 0.1777 0.0200  -0.0311 -0.0457 9   PRO A C   
77  O O   . PRO A 9  ? 0.1622 0.0867 0.1796 0.0322  -0.0391 -0.0420 9   PRO A O   
78  C CB  . PRO A 9  ? 0.1818 0.1072 0.1676 0.0052  -0.0257 -0.0411 9   PRO A CB  
79  C CG  . PRO A 9  ? 0.1775 0.0921 0.1664 0.0196  -0.0399 -0.0372 9   PRO A CG  
80  C CD  . PRO A 9  ? 0.1926 0.0838 0.1597 0.0172  -0.0376 -0.0475 9   PRO A CD  
81  N N   . LEU A 10 ? 0.1836 0.0999 0.1899 0.0341  -0.0568 -0.0565 10  LEU A N   
82  C CA  . LEU A 10 ? 0.1836 0.0895 0.1935 0.0283  -0.0565 -0.0569 10  LEU A CA  
83  C C   . LEU A 10 ? 0.1770 0.1025 0.1996 0.0276  -0.0312 -0.0694 10  LEU A C   
84  O O   . LEU A 10 ? 0.1697 0.1442 0.2821 0.0306  -0.0370 -0.0733 10  LEU A O   
85  C CB  . LEU A 10 ? 0.2094 0.1536 0.1774 0.0360  -0.0248 -0.0526 10  LEU A CB  
86  C CG  . LEU A 10 ? 0.2682 0.1762 0.1899 0.0086  -0.0448 -0.0296 10  LEU A CG  
87  C CD1 . LEU A 10 ? 0.3686 0.2866 0.2605 0.1267  -0.0144 0.0735  10  LEU A CD1 
88  C CD2 . LEU A 10 ? 0.2332 0.2562 0.2210 -0.0234 -0.0472 0.0447  10  LEU A CD2 
89  N N   . VAL A 11 ? 0.1744 0.0894 0.1804 0.0162  -0.0308 -0.0459 11  VAL A N   
90  C CA  . VAL A 11 ? 0.1827 0.1085 0.1828 -0.0033 -0.0182 -0.0382 11  VAL A CA  
91  C C   . VAL A 11 ? 0.1834 0.0883 0.1709 -0.0002 -0.0256 -0.0229 11  VAL A C   
92  O O   . VAL A 11 ? 0.1871 0.1010 0.1807 -0.0040 -0.0276 -0.0551 11  VAL A O   
93  C CB  . VAL A 11 ? 0.2120 0.1247 0.1712 -0.0194 -0.0214 -0.0339 11  VAL A CB  
94  C CG1 . VAL A 11 ? 0.2777 0.2213 0.1993 -0.0350 0.0211  -0.0764 11  VAL A CG1 
95  C CG2 . VAL A 11 ? 0.2309 0.1373 0.2435 0.0039  -0.0634 -0.0332 11  VAL A CG2 
96  N N   . SER A 12 ? 0.1584 0.1146 0.2188 0.0102  -0.0185 -0.0648 12  SER A N   
97  C CA  . SER A 12 ? 0.1778 0.1103 0.2334 0.0260  -0.0415 -0.0659 12  SER A CA  
98  C C   . SER A 12 ? 0.1850 0.1158 0.1990 0.0112  0.0022  -0.0324 12  SER A C   
99  O O   . SER A 12 ? 0.2613 0.1805 0.2325 0.0271  0.0583  -0.0154 12  SER A O   
100 C CB  . SER A 12 ? 0.2099 0.1643 0.2650 -0.0049 -0.0577 -0.1007 12  SER A CB  
101 O OG  . SER A 12 ? 0.2832 0.1935 0.3152 0.0140  -0.0546 -0.1302 12  SER A OG  
102 N N   . ILE A 13 ? 0.1839 0.0867 0.1558 0.0207  -0.0245 -0.0356 13  ILE A N   
103 C CA  . ILE A 13 ? 0.2154 0.0871 0.1464 0.0108  -0.0290 -0.0313 13  ILE A CA  
104 C C   . ILE A 13 ? 0.2095 0.0835 0.1599 0.0180  -0.0071 -0.0259 13  ILE A C   
105 O O   . ILE A 13 ? 0.3144 0.0880 0.1533 -0.0002 0.0079  -0.0338 13  ILE A O   
106 C CB  . ILE A 13 ? 0.2026 0.1123 0.1945 0.0436  -0.0501 -0.0454 13  ILE A CB  
107 C CG1 . ILE A 13 ? 0.2357 0.1988 0.2638 -0.0375 0.0003  -0.0818 13  ILE A CG1 
108 C CG2 . ILE A 13 ? 0.2628 0.1060 0.2338 0.0072  -0.0583 -0.0525 13  ILE A CG2 
109 C CD1 . ILE A 13 ? 0.2133 0.2519 0.3402 -0.0441 0.0109  -0.1587 13  ILE A CD1 
110 N N   . LYS A 14 ? 0.1710 0.0816 0.1325 0.0079  -0.0222 -0.0368 14  LYS A N   
111 C CA  . LYS A 14 ? 0.1712 0.0847 0.1480 0.0084  -0.0263 -0.0410 14  LYS A CA  
112 C C   . LYS A 14 ? 0.1795 0.0661 0.1138 0.0161  -0.0170 -0.0201 14  LYS A C   
113 O O   . LYS A 14 ? 0.1678 0.1085 0.1131 0.0105  -0.0146 -0.0411 14  LYS A O   
114 C CB  . LYS A 14 ? 0.1778 0.0815 0.1683 0.0155  -0.0309 -0.0231 14  LYS A CB  
115 C CG  . LYS A 14 ? 0.1737 0.1083 0.2324 0.0023  -0.0212 -0.0215 14  LYS A CG  
116 C CD  . LYS A 14 ? 0.1952 0.0963 0.2505 -0.0053 -0.0017 -0.0455 14  LYS A CD  
117 C CE  . LYS A 14 ? 0.1774 0.1226 0.3759 0.0012  0.0013  -0.0491 14  LYS A CE  
118 N NZ  . LYS A 14 ? 0.2072 0.1300 0.4506 -0.0239 -0.0078 -0.0476 14  LYS A NZ  
119 N N   . VAL A 15 ? 0.1717 0.0992 0.1095 0.0018  -0.0217 -0.0311 15  VAL A N   
120 C CA  . VAL A 15 ? 0.1767 0.0888 0.1366 0.0121  -0.0250 -0.0444 15  VAL A CA  
121 C C   . VAL A 15 ? 0.1853 0.0855 0.1406 0.0048  -0.0257 -0.0430 15  VAL A C   
122 O O   . VAL A 15 ? 0.1870 0.0843 0.1364 0.0133  -0.0178 -0.0357 15  VAL A O   
123 C CB  . VAL A 15 ? 0.1667 0.0949 0.1479 0.0096  -0.0006 -0.0453 15  VAL A CB  
124 C CG1 . VAL A 15 ? 0.1873 0.1092 0.1728 -0.0015 0.0027  -0.0207 15  VAL A CG1 
125 C CG2 . VAL A 15 ? 0.1658 0.1414 0.1970 0.0160  -0.0115 -0.0621 15  VAL A CG2 
126 N N   . GLY A 16 ? 0.2009 0.1173 0.1487 0.0405  -0.0204 -0.0444 16  GLY A N   
127 C CA  . GLY A 16 ? 0.2089 0.1007 0.1274 0.0113  -0.0054 -0.0356 16  GLY A CA  
128 C C   . GLY A 16 ? 0.2158 0.0940 0.1440 0.0052  -0.0067 -0.0376 16  GLY A C   
129 O O   . GLY A 16 ? 0.2273 0.1329 0.1434 0.0041  -0.0130 -0.0520 16  GLY A O   
130 N N   . GLY A 17 ? 0.2114 0.0994 0.1489 0.0147  -0.0120 -0.0315 17  GLY A N   
131 C CA  . GLY A 17 ? 0.2118 0.0940 0.1613 0.0131  -0.0088 -0.0384 17  GLY A CA  
132 C C   . GLY A 17 ? 0.2425 0.0975 0.1591 0.0248  -0.0359 -0.0558 17  GLY A C   
133 O O   . GLY A 17 ? 0.2367 0.1443 0.2160 -0.0208 -0.0632 -0.0431 17  GLY A O   
134 N N   . GLN A 18 ? 0.2162 0.0958 0.1459 0.0153  -0.0181 -0.0391 18  GLN A N   
135 C CA  . GLN A 18 ? 0.2020 0.1107 0.1310 0.0165  -0.0398 -0.0337 18  GLN A CA  
136 C C   . GLN A 18 ? 0.2090 0.1081 0.1459 0.0116  -0.0462 -0.0448 18  GLN A C   
137 O O   . GLN A 18 ? 0.2071 0.1103 0.1414 0.0144  -0.0202 -0.0407 18  GLN A O   
138 C CB  . GLN A 18 ? 0.2432 0.1327 0.1572 0.0024  -0.0153 -0.0122 18  GLN A CB  
139 C CG  . GLN A 18 ? 0.2831 0.1524 0.1863 0.0026  0.0311  -0.0132 18  GLN A CG  
140 C CD  . GLN A 18 ? 0.3503 0.1869 0.1723 0.0372  0.0182  -0.0321 18  GLN A CD  
141 O OE1 . GLN A 18 ? 0.4690 0.2726 0.2827 0.1126  -0.1028 -0.0578 18  GLN A OE1 
142 N NE2 . GLN A 18 ? 0.4477 0.2931 0.2494 0.0694  0.0529  -0.1147 18  GLN A NE2 
143 N N   . ILE A 19 ? 0.2351 0.1023 0.1558 0.0196  -0.0455 -0.0403 19  ILE A N   
144 C CA  . ILE A 19 ? 0.2526 0.1079 0.1818 0.0152  -0.0296 -0.0440 19  ILE A CA  
145 C C   . ILE A 19 ? 0.2884 0.0986 0.1602 0.0149  -0.0329 -0.0338 19  ILE A C   
146 O O   . ILE A 19 ? 0.4007 0.1258 0.1614 0.0223  -0.0446 -0.0161 19  ILE A O   
147 C CB  . ILE A 19 ? 0.2360 0.1906 0.3428 0.0318  -0.0177 -0.0587 19  ILE A CB  
148 C CG1 . ILE A 19 ? 0.2557 0.2330 0.3996 -0.0232 0.0149  -0.0797 19  ILE A CG1 
149 C CG2 . ILE A 19 ? 0.2484 0.2411 0.3495 0.0439  -0.0198 -0.1023 19  ILE A CG2 
150 C CD1 . ILE A 19 ? 0.4346 0.3932 0.4103 -0.0023 0.0314  0.0479  19  ILE A CD1 
151 N N   . LYS A 20 ? 0.2685 0.0986 0.1529 0.0047  -0.0374 -0.0166 20  LYS A N   
152 C CA  . LYS A 20 ? 0.2709 0.1044 0.1504 0.0047  -0.0097 -0.0302 20  LYS A CA  
153 C C   . LYS A 20 ? 0.2580 0.1087 0.1607 0.0245  -0.0278 -0.0249 20  LYS A C   
154 O O   . LYS A 20 ? 0.3539 0.1124 0.2465 0.0644  0.0803  -0.0069 20  LYS A O   
155 C CB  . LYS A 20 ? 0.2489 0.1347 0.2182 0.0048  0.0138  -0.0358 20  LYS A CB  
156 C CG  . LYS A 20 ? 0.2851 0.1461 0.2343 0.0094  0.0269  -0.0501 20  LYS A CG  
157 C CD  . LYS A 20 ? 0.3414 0.1690 0.2268 0.0386  0.0328  -0.0541 20  LYS A CD  
158 C CE  . LYS A 20 ? 0.3241 0.2085 0.2464 0.0504  0.0534  -0.0188 20  LYS A CE  
159 N NZ  . LYS A 20 ? 0.3446 0.3026 0.2206 0.0429  0.0234  -0.0070 20  LYS A NZ  
160 N N   . GLU A 21 ? 0.2326 0.1106 0.1470 0.0080  -0.0218 -0.0344 21  GLU A N   
161 C CA  . GLU A 21 ? 0.2214 0.1113 0.1651 0.0136  -0.0445 -0.0469 21  GLU A CA  
162 C C   . GLU A 21 ? 0.1940 0.0847 0.1420 0.0214  -0.0203 -0.0251 21  GLU A C   
163 O O   . GLU A 21 ? 0.2151 0.1379 0.1427 0.0108  -0.0038 -0.0254 21  GLU A O   
164 C CB  . GLU A 21 ? 0.2210 0.1300 0.1874 0.0100  -0.0709 -0.0403 21  GLU A CB  
165 C CG  . GLU A 21 ? 0.3601 0.1596 0.2884 0.0872  -0.0976 -0.0713 21  GLU A CG  
166 C CD  . GLU A 21 ? 0.3683 0.2044 0.3759 0.1022  -0.1036 -0.0191 21  GLU A CD  
167 O OE1 . GLU A 21 ? 0.5701 0.2792 0.4158 0.0175  -0.1008 0.0478  21  GLU A OE1 
168 O OE2 . GLU A 21 ? 0.3727 0.4000 0.6906 0.1179  -0.1786 0.0128  21  GLU A OE2 
169 N N   . ALA A 22 ? 0.1804 0.0885 0.1492 0.0205  -0.0175 -0.0456 22  ALA A N   
170 C CA  . ALA A 22 ? 0.1693 0.0851 0.1471 0.0182  -0.0165 -0.0279 22  ALA A CA  
171 C C   . ALA A 22 ? 0.1641 0.0728 0.1568 0.0129  -0.0250 -0.0279 22  ALA A C   
172 O O   . ALA A 22 ? 0.1824 0.0978 0.2117 0.0095  0.0084  -0.0603 22  ALA A O   
173 C CB  . ALA A 22 ? 0.2166 0.0901 0.1424 0.0368  -0.0311 -0.0367 22  ALA A CB  
174 N N   . LEU A 23 ? 0.1575 0.0872 0.1580 0.0263  -0.0235 -0.0437 23  LEU A N   
175 C CA  . LEU A 23 ? 0.1594 0.0903 0.1420 0.0216  -0.0139 -0.0480 23  LEU A CA  
176 C C   . LEU A 23 ? 0.1588 0.0725 0.1520 0.0216  -0.0112 -0.0410 23  LEU A C   
177 O O   . LEU A 23 ? 0.1642 0.0986 0.1621 0.0356  -0.0189 -0.0444 23  LEU A O   
178 C CB  . LEU A 23 ? 0.2037 0.0897 0.1635 0.0112  -0.0244 -0.0338 23  LEU A CB  
179 C CG  . LEU A 23 ? 0.2284 0.0761 0.1689 0.0060  -0.0143 -0.0262 23  LEU A CG  
180 C CD1 . LEU A 23 ? 0.2214 0.1138 0.2321 0.0130  0.0027  -0.0557 23  LEU A CD1 
181 C CD2 . LEU A 23 ? 0.2300 0.1200 0.2115 -0.0229 0.0044  -0.0628 23  LEU A CD2 
182 N N   . LEU A 24 ? 0.1522 0.0832 0.1423 0.0111  -0.0212 -0.0397 24  LEU A N   
183 C CA  . LEU A 24 ? 0.1596 0.0885 0.1442 0.0164  -0.0197 -0.0363 24  LEU A CA  
184 C C   . LEU A 24 ? 0.1585 0.0812 0.1396 0.0207  -0.0414 -0.0284 24  LEU A C   
185 O O   . LEU A 24 ? 0.1583 0.1009 0.1998 0.0265  -0.0369 -0.0632 24  LEU A O   
186 C CB  . LEU A 24 ? 0.1604 0.1038 0.1473 0.0099  -0.0211 -0.0423 24  LEU A CB  
187 C CG  . LEU A 24 ? 0.1667 0.0954 0.1493 0.0070  -0.0112 -0.0422 24  LEU A CG  
188 C CD1 . LEU A 24 ? 0.1584 0.1604 0.1621 -0.0004 -0.0181 -0.0183 24  LEU A CD1 
189 C CD2 . LEU A 24 ? 0.1653 0.0994 0.2550 0.0142  -0.0598 -0.0515 24  LEU A CD2 
190 N N   . ASP A 25 ? 0.1608 0.0842 0.1495 0.0289  -0.0419 -0.0499 25  ASP A N   
191 C CA  . ASP A 25 ? 0.1571 0.0830 0.1604 0.0241  -0.0301 -0.0403 25  ASP A CA  
192 C C   . ASP A 25 ? 0.1407 0.0876 0.1477 0.0042  -0.0150 -0.0472 25  ASP A C   
193 O O   . ASP A 25 ? 0.1507 0.0789 0.1833 0.0156  -0.0326 -0.0416 25  ASP A O   
194 C CB  . ASP A 25 ? 0.1768 0.1185 0.1462 0.0191  -0.0314 -0.0369 25  ASP A CB  
195 C CG  . ASP A 25 ? 0.1595 0.1394 0.2023 0.0079  -0.0401 -0.0115 25  ASP A CG  
196 O OD1 . ASP A 25 ? 0.2163 0.1133 0.2251 -0.0222 -0.0420 -0.0102 25  ASP A OD1 
197 O OD2 . ASP A 25 ? 0.2592 0.1775 0.2388 -0.0232 0.0065  -0.0019 25  ASP A OD2 
198 N N   . THR A 26 ? 0.1544 0.0934 0.1470 0.0085  -0.0168 -0.0399 26  THR A N   
199 C CA  . THR A 26 ? 0.1652 0.0619 0.1449 0.0073  -0.0340 -0.0375 26  THR A CA  
200 C C   . THR A 26 ? 0.1638 0.0599 0.1673 0.0097  -0.0168 -0.0429 26  THR A C   
201 O O   . THR A 26 ? 0.1643 0.1082 0.1836 0.0109  -0.0352 -0.0522 26  THR A O   
202 C CB  . THR A 26 ? 0.1551 0.0700 0.1374 0.0290  -0.0357 -0.0213 26  THR A CB  
203 O OG1 . THR A 26 ? 0.1665 0.0686 0.1487 0.0191  -0.0129 -0.0238 26  THR A OG1 
204 C CG2 . THR A 26 ? 0.1762 0.0738 0.1536 0.0123  -0.0254 -0.0258 26  THR A CG2 
205 N N   . GLY A 27 ? 0.1642 0.0610 0.1947 0.0102  -0.0100 -0.0322 27  GLY A N   
206 C CA  . GLY A 27 ? 0.1744 0.0720 0.2252 0.0078  0.0054  -0.0296 27  GLY A CA  
207 C C   . GLY A 27 ? 0.1613 0.0981 0.2234 -0.0055 -0.0017 -0.0637 27  GLY A C   
208 O O   . GLY A 27 ? 0.1658 0.1270 0.3041 -0.0119 0.0071  -0.0629 27  GLY A O   
209 N N   . ALA A 28 ? 0.1596 0.0742 0.2033 0.0122  -0.0013 -0.0340 28  ALA A N   
210 C CA  . ALA A 28 ? 0.1474 0.0889 0.1869 0.0099  -0.0028 -0.0332 28  ALA A CA  
211 C C   . ALA A 28 ? 0.1353 0.0788 0.1876 0.0085  -0.0071 -0.0390 28  ALA A C   
212 O O   . ALA A 28 ? 0.1445 0.0872 0.1818 -0.0024 -0.0122 -0.0351 28  ALA A O   
213 C CB  . ALA A 28 ? 0.1820 0.1059 0.1784 0.0229  -0.0114 -0.0357 28  ALA A CB  
214 N N   . ASP A 29 ? 0.1347 0.0868 0.1943 0.0054  -0.0078 -0.0455 29  ASP A N   
215 C CA  . ASP A 29 ? 0.1426 0.0977 0.1891 0.0078  -0.0258 -0.0432 29  ASP A CA  
216 C C   . ASP A 29 ? 0.1411 0.0909 0.1944 0.0134  -0.0039 -0.0523 29  ASP A C   
217 O O   . ASP A 29 ? 0.1668 0.1016 0.1954 0.0044  -0.0312 -0.0291 29  ASP A O   
218 C CB  . ASP A 29 ? 0.1478 0.1234 0.2381 0.0134  -0.0427 -0.0530 29  ASP A CB  
219 C CG  . ASP A 29 ? 0.1727 0.2163 0.2384 -0.0351 -0.0171 -0.1123 29  ASP A CG  
220 O OD1 . ASP A 29 ? 0.1756 0.1285 0.2770 -0.0111 -0.0148 -0.0701 29  ASP A OD1 
221 O OD2 . ASP A 29 ? 0.1901 0.2843 0.4012 -0.0586 0.0187  -0.1978 29  ASP A OD2 
222 N N   . ASP A 30 ? 0.1428 0.0791 0.1948 0.0007  -0.0115 -0.0396 30  ASP A N   
223 C CA  . ASP A 30 ? 0.1632 0.0787 0.1757 0.0051  -0.0091 -0.0383 30  ASP A CA  
224 C C   . ASP A 30 ? 0.1571 0.0645 0.1696 0.0078  0.0016  -0.0309 30  ASP A C   
225 O O   . ASP A 30 ? 0.1832 0.0777 0.2176 0.0130  -0.0431 -0.0395 30  ASP A O   
226 C CB  . ASP A 30 ? 0.1642 0.1053 0.2194 0.0110  0.0041  -0.0509 30  ASP A CB  
227 C CG  . ASP A 30 ? 0.1700 0.1552 0.2775 0.0095  -0.0202 -0.0432 30  ASP A CG  
228 O OD1 . ASP A 30 ? 0.2290 0.1651 0.2699 0.0273  -0.0509 -0.0439 30  ASP A OD1 
229 O OD2 . ASP A 30 ? 0.2189 0.3136 0.3848 -0.0821 -0.0386 0.0099  30  ASP A OD2 
230 N N   . THR A 31 ? 0.1672 0.0752 0.1512 0.0141  -0.0138 -0.0267 31  THR A N   
231 C CA  . THR A 31 ? 0.1348 0.0741 0.1391 0.0186  0.0060  -0.0176 31  THR A CA  
232 C C   . THR A 31 ? 0.1369 0.0627 0.1408 0.0219  0.0073  -0.0233 31  THR A C   
233 O O   . THR A 31 ? 0.1464 0.0778 0.1680 0.0253  0.0216  -0.0196 31  THR A O   
234 C CB  . THR A 31 ? 0.1466 0.0692 0.1360 0.0189  -0.0008 -0.0110 31  THR A CB  
235 O OG1 . THR A 31 ? 0.1518 0.0718 0.1372 0.0080  0.0061  -0.0257 31  THR A OG1 
236 C CG2 . THR A 31 ? 0.1717 0.0844 0.1297 0.0040  0.0084  -0.0248 31  THR A CG2 
237 N N   . VAL A 32 ? 0.1609 0.0751 0.1389 0.0194  -0.0055 -0.0291 32  VAL A N   
238 C CA  . VAL A 32 ? 0.1707 0.0767 0.1496 0.0212  0.0159  -0.0151 32  VAL A CA  
239 C C   . VAL A 32 ? 0.1589 0.1031 0.1094 0.0223  0.0415  -0.0049 32  VAL A C   
240 O O   . VAL A 32 ? 0.1947 0.1052 0.1356 0.0454  0.0185  -0.0160 32  VAL A O   
241 C CB  . VAL A 32 ? 0.1919 0.1062 0.2027 -0.0058 0.0286  -0.0139 32  VAL A CB  
242 C CG1 . VAL A 32 ? 0.2785 0.1482 0.2209 -0.0412 0.0714  0.0001  32  VAL A CG1 
243 C CG2 . VAL A 32 ? 0.1833 0.1474 0.2546 -0.0122 0.0118  -0.0464 32  VAL A CG2 
244 N N   . ILE A 33 ? 0.1637 0.1033 0.1369 0.0278  0.0126  -0.0201 33  ILE A N   
245 C CA  . ILE A 33 ? 0.1726 0.1378 0.1423 0.0163  0.0063  -0.0190 33  ILE A CA  
246 C C   . ILE A 33 ? 0.1645 0.1212 0.1455 0.0142  -0.0079 -0.0315 33  ILE A C   
247 O O   . ILE A 33 ? 0.2098 0.2241 0.1551 0.0835  0.0080  -0.0091 33  ILE A O   
248 C CB  . ILE A 33 ? 0.2337 0.1613 0.1407 -0.0244 -0.0191 -0.0052 33  ILE A CB  
249 C CG1 . ILE A 33 ? 0.2274 0.2274 0.1508 -0.0505 -0.0006 0.0094  33  ILE A CG1 
250 C CG2 . ILE A 33 ? 0.2426 0.1797 0.1736 -0.0188 -0.0292 -0.0153 33  ILE A CG2 
251 C CD1 . ILE A 33 ? 0.3628 0.2577 0.2112 -0.0736 -0.0062 0.0615  33  ILE A CD1 
252 N N   . GLU A 34 ? 0.1580 0.1006 0.1470 0.0140  0.0022  -0.0235 34  GLU A N   
253 C CA  . GLU A 34 ? 0.2859 0.1264 0.1488 0.0118  0.0317  -0.0255 34  GLU A CA  
254 C C   . GLU A 34 ? 0.3114 0.1568 0.1456 -0.0463 0.0877  -0.0304 34  GLU A C   
255 O O   . GLU A 34 ? 0.3011 0.2085 0.2077 -0.0405 0.0549  -0.0278 34  GLU A O   
256 C CB  . GLU A 34 ? 0.4742 0.1642 0.1900 0.0151  0.0368  0.0266  34  GLU A CB  
257 C CG  . GLU A 34 ? 0.5635 0.2528 0.2002 -0.0133 0.0579  0.0428  34  GLU A CG  
258 C CD  . GLU A 34 ? 0.6205 0.2704 0.2167 -0.0534 -0.0184 0.0905  34  GLU A CD  
259 O OE1 . GLU A 34 ? 0.9078 0.3442 0.4269 -0.0642 -0.2839 0.1287  34  GLU A OE1 
260 O OE2 . GLU A 34 ? 0.5031 0.2520 0.2569 0.0015  0.0782  0.0016  34  GLU A OE2 
261 N N   . GLU A 35 ? 0.3537 0.1033 0.2020 0.0165  0.0850  -0.0184 35  GLU A N   
262 C CA  . GLU A 35 ? 0.5245 0.1638 0.2106 -0.0114 0.0913  -0.0576 35  GLU A CA  
263 C C   . GLU A 35 ? 0.4504 0.1336 0.1705 -0.0135 0.0094  -0.0720 35  GLU A C   
264 O O   . GLU A 35 ? 0.4507 0.1777 0.2035 0.0248  -0.0249 -0.0260 35  GLU A O   
265 C CB  . GLU A 35 ? 0.6774 0.2386 0.1840 -0.0809 0.0097  -0.0042 35  GLU A CB  
266 C CG  . GLU A 35 ? 0.8257 0.3823 0.3557 -0.1543 0.0575  0.1237  35  GLU A CG  
267 C CD  . GLU A 35 ? 0.9424 0.4791 0.4554 -0.1189 0.0532  0.2354  35  GLU A CD  
268 O OE1 . GLU A 35 ? 0.9983 0.7674 0.6160 0.0703  0.0268  0.2602  35  GLU A OE1 
269 O OE2 . GLU A 35 ? 1.1742 0.6426 0.5284 -0.2248 0.0697  0.3317  35  GLU A OE2 
270 N N   . ILE A 36 ? 0.4057 0.1602 0.2633 -0.0868 -0.0665 -0.0298 36  ILE A N   
271 C CA  . ILE A 36 ? 0.3191 0.1746 0.2688 -0.0721 -0.0958 -0.0005 36  ILE A CA  
272 C C   . ILE A 36 ? 0.2806 0.1852 0.2498 -0.0787 -0.0408 -0.0053 36  ILE A C   
273 O O   . ILE A 36 ? 0.2754 0.2576 0.2985 -0.0739 -0.0522 -0.0487 36  ILE A O   
274 C CB  . ILE A 36 ? 0.3086 0.1495 0.3044 -0.0224 -0.0709 0.0114  36  ILE A CB  
275 C CG1 . ILE A 36 ? 0.3076 0.1613 0.3240 -0.0022 -0.0554 0.0363  36  ILE A CG1 
276 C CG2 . ILE A 36 ? 0.2450 0.2453 0.2210 -0.0005 -0.0249 0.0216  36  ILE A CG2 
277 C CD1 . ILE A 36 ? 0.2317 0.2327 0.2766 0.0043  0.0083  0.0548  36  ILE A CD1 
278 N N   . ALA A 37 ? 0.2789 0.1803 0.1653 -0.0701 -0.0300 0.0170  37  ALA A N   
279 C CA  . ALA A 37 ? 0.2607 0.1955 0.1642 -0.0562 -0.0203 -0.0214 37  ALA A CA  
280 C C   . ALA A 37 ? 0.2330 0.1425 0.1685 -0.0322 -0.0226 -0.0209 37  ALA A C   
281 O O   . ALA A 37 ? 0.2253 0.1785 0.1753 -0.0265 -0.0326 -0.0019 37  ALA A O   
282 C CB  . ALA A 37 ? 0.2997 0.2735 0.1696 -0.0196 -0.0271 -0.0635 37  ALA A CB  
283 N N   . LEU A 38 ? 0.2006 0.1420 0.1568 -0.0043 0.0125  -0.0296 38  LEU A N   
284 C CA  . LEU A 38 ? 0.1718 0.1175 0.1596 -0.0104 0.0131  -0.0209 38  LEU A CA  
285 C C   . LEU A 38 ? 0.1826 0.1182 0.1787 -0.0090 0.0152  -0.0361 38  LEU A C   
286 O O   . LEU A 38 ? 0.1875 0.1383 0.1913 0.0091  0.0202  -0.0428 38  LEU A O   
287 C CB  . LEU A 38 ? 0.1714 0.1270 0.1556 0.0066  0.0232  -0.0300 38  LEU A CB  
288 C CG  . LEU A 38 ? 0.1769 0.1117 0.1551 0.0007  0.0135  -0.0086 38  LEU A CG  
289 C CD1 . LEU A 38 ? 0.1838 0.0961 0.1612 -0.0127 0.0216  -0.0110 38  LEU A CD1 
290 C CD2 . LEU A 38 ? 0.1586 0.1507 0.1603 -0.0042 0.0063  -0.0308 38  LEU A CD2 
291 N N   . PRO A 39 ? 0.1630 0.1062 0.2027 -0.0026 -0.0012 -0.0292 39  PRO A N   
292 C CA  . PRO A 39 ? 0.1854 0.0995 0.2225 0.0066  -0.0066 -0.0455 39  PRO A CA  
293 C C   . PRO A 39 ? 0.1591 0.1066 0.2088 0.0024  0.0121  -0.0342 39  PRO A C   
294 O O   . PRO A 39 ? 0.1768 0.1079 0.2112 0.0061  -0.0095 -0.0322 39  PRO A O   
295 C CB  . PRO A 39 ? 0.1874 0.1090 0.2794 -0.0112 -0.0477 -0.0058 39  PRO A CB  
296 C CG  . PRO A 39 ? 0.1960 0.1563 0.2536 -0.0087 -0.0001 0.0264  39  PRO A CG  
297 C CD  . PRO A 39 ? 0.1559 0.1467 0.1908 -0.0019 -0.0047 0.0070  39  PRO A CD  
298 N N   . GLY A 40 ? 0.1835 0.1129 0.2433 0.0156  -0.0024 -0.0322 40  GLY A N   
299 C CA  . GLY A 40 ? 0.1757 0.1146 0.2134 0.0210  0.0138  -0.0204 40  GLY A CA  
300 C C   . GLY A 40 ? 0.1874 0.0881 0.2359 0.0066  0.0139  -0.0364 40  GLY A C   
301 O O   . GLY A 40 ? 0.1667 0.1360 0.2555 0.0024  0.0185  -0.0065 40  GLY A O   
302 N N   . ARG A 41 ? 0.1898 0.0798 0.2837 -0.0016 -0.0057 0.0083  41  ARG A N   
303 C CA  . ARG A 41 ? 0.2051 0.0847 0.2952 -0.0221 0.0077  -0.0140 41  ARG A CA  
304 C C   . ARG A 41 ? 0.2105 0.0861 0.2853 -0.0152 0.0785  -0.0204 41  ARG A C   
305 O O   . ARG A 41 ? 0.5298 0.1234 0.2784 -0.0560 0.1450  -0.0177 41  ARG A O   
306 C CB  . ARG A 41 ? 0.1877 0.1266 0.3833 -0.0171 -0.0058 0.0151  41  ARG A CB  
307 C CG  . ARG A 41 ? 0.1906 0.1951 0.4709 -0.0166 0.0302  0.0320  41  ARG A CG  
308 C CD  . ARG A 41 ? 0.2127 0.3932 0.5123 -0.0556 -0.0743 0.0562  41  ARG A CD  
309 N NE  . ARG A 41 ? 0.3341 0.5138 0.5081 -0.0996 -0.0758 0.1014  41  ARG A NE  
310 C CZ  . ARG A 41 ? 0.3855 0.4850 0.5280 -0.0454 -0.0710 0.1173  41  ARG A CZ  
311 N NH1 . ARG A 41 ? 0.3323 0.5048 0.6537 -0.0598 -0.1736 0.0509  41  ARG A NH1 
312 N NH2 . ARG A 41 ? 0.4419 0.5712 0.6270 0.0572  0.0890  0.1808  41  ARG A NH2 
313 N N   . TRP A 42 ? 0.1966 0.0851 0.2350 -0.0003 0.0589  -0.0382 42  TRP A N   
314 C CA  . TRP A 42 ? 0.1845 0.0776 0.2634 -0.0007 0.0207  -0.0158 42  TRP A CA  
315 C C   . TRP A 42 ? 0.1778 0.0770 0.2904 0.0016  0.0281  0.0194  42  TRP A C   
316 O O   . TRP A 42 ? 0.1963 0.0932 0.3504 0.0205  0.0417  0.0037  42  TRP A O   
317 C CB  . TRP A 42 ? 0.1710 0.1364 0.2664 0.0242  0.0393  0.0038  42  TRP A CB  
318 C CG  . TRP A 42 ? 0.2166 0.1726 0.2726 0.0464  0.0613  0.0160  42  TRP A CG  
319 C CD1 . TRP A 42 ? 0.2608 0.3030 0.2588 0.0046  0.0681  -0.0340 42  TRP A CD1 
320 C CD2 . TRP A 42 ? 0.2281 0.2129 0.2863 0.0662  0.0637  0.0667  42  TRP A CD2 
321 N NE1 . TRP A 42 ? 0.2916 0.3551 0.2724 0.0307  0.0871  -0.0181 42  TRP A NE1 
322 C CE2 . TRP A 42 ? 0.2632 0.2419 0.3118 0.1032  0.1089  0.0453  42  TRP A CE2 
323 C CE3 . TRP A 42 ? 0.2114 0.2437 0.3143 0.0338  0.0657  0.1052  42  TRP A CE3 
324 C CZ2 . TRP A 42 ? 0.3163 0.3005 0.3245 0.1030  0.1289  0.0741  42  TRP A CZ2 
325 C CZ3 . TRP A 42 ? 0.2444 0.2789 0.3515 0.0559  0.1064  0.1190  42  TRP A CZ3 
326 C CH2 . TRP A 42 ? 0.2888 0.2870 0.3425 0.0969  0.1183  0.1283  42  TRP A CH2 
327 N N   . LYS A 43 ? 0.1538 0.0727 0.3732 0.0074  0.0040  0.0033  43  LYS A N   
328 C CA  . LYS A 43 ? 0.1550 0.1030 0.4460 0.0025  -0.0093 0.0066  43  LYS A CA  
329 C C   . LYS A 43 ? 0.1515 0.0955 0.4494 -0.0035 0.0308  0.0036  43  LYS A C   
330 O O   . LYS A 43 ? 0.1549 0.0978 0.3092 0.0054  0.0155  0.0010  43  LYS A O   
331 C CB  . LYS A 43 ? 0.1539 0.1786 0.4877 0.0187  -0.0469 0.0125  43  LYS A CB  
332 C CG  . LYS A 43 ? 0.2326 0.1956 0.4371 0.0448  -0.0685 0.0195  43  LYS A CG  
333 C CD  . LYS A 43 ? 0.3070 0.2515 0.4964 0.0372  -0.1357 0.0142  43  LYS A CD  
334 C CE  . LYS A 43 ? 0.3840 0.3305 0.4546 0.0361  -0.1571 -0.0289 43  LYS A CE  
335 N NZ  . LYS A 43 ? 0.5368 0.5055 0.5219 0.1096  -0.2565 -0.0664 43  LYS A NZ  
336 N N   . PRO A 44 ? 0.1672 0.1220 0.5657 -0.0167 0.0863  0.0005  44  PRO A N   
337 C CA  . PRO A 44 ? 0.2225 0.1220 0.4861 -0.0272 0.0876  0.0049  44  PRO A CA  
338 C C   . PRO A 44 ? 0.2518 0.1099 0.4684 -0.0279 -0.0220 0.0245  44  PRO A C   
339 O O   . PRO A 44 ? 0.2461 0.1336 0.6181 -0.0066 -0.1337 0.0092  44  PRO A O   
340 C CB  . PRO A 44 ? 0.2476 0.1942 0.6333 -0.0092 0.1527  0.0681  44  PRO A CB  
341 C CG  . PRO A 44 ? 0.2167 0.2137 0.7049 -0.0275 0.1411  0.0945  44  PRO A CG  
342 C CD  . PRO A 44 ? 0.1990 0.1668 0.6565 -0.0061 0.1348  0.0180  44  PRO A CD  
343 N N   . LYS A 45 ? 0.2338 0.0976 0.3325 -0.0377 -0.0357 0.0163  45  LYS A N   
344 C CA  . LYS A 45 ? 0.2172 0.1221 0.2848 -0.0429 -0.0770 0.0297  45  LYS A CA  
345 C C   . LYS A 45 ? 0.1931 0.1078 0.2161 -0.0252 -0.0417 -0.0058 45  LYS A C   
346 O O   . LYS A 45 ? 0.2097 0.1166 0.1812 -0.0462 -0.0285 -0.0007 45  LYS A O   
347 C CB  . LYS A 45 ? 0.2809 0.1215 0.2802 -0.0405 -0.0406 0.0500  45  LYS A CB  
348 C CG  . LYS A 45 ? 0.3157 0.1387 0.3065 -0.0153 -0.0308 0.0344  45  LYS A CG  
349 C CD  . LYS A 45 ? 0.3652 0.2251 0.3146 -0.0171 0.0086  0.0410  45  LYS A CD  
350 C CE  . LYS A 45 ? 0.4202 0.3261 0.3110 -0.0181 0.0105  -0.0146 45  LYS A CE  
351 N NZ  . LYS A 45 ? 0.4652 0.3681 0.3678 -0.0724 -0.0515 -0.0078 45  LYS A NZ  
352 N N   . MET A 46 ? 0.2250 0.1197 0.2397 -0.0383 -0.0749 0.0077  46  MET A N   
353 C CA  . MET A 46 ? 0.2342 0.1065 0.2442 -0.0310 -0.0657 -0.0063 46  MET A CA  
354 C C   . MET A 46 ? 0.2930 0.1387 0.1784 -0.0300 -0.0730 -0.0314 46  MET A C   
355 O O   . MET A 46 ? 0.4273 0.2390 0.1851 -0.0142 -0.1160 -0.0190 46  MET A O   
356 C CB  . MET A 46 ? 0.2593 0.1445 0.3113 -0.0692 -0.0723 0.0049  46  MET A CB  
357 C CG  . MET A 46 ? 0.2026 0.1849 0.4159 -0.0448 -0.0759 -0.0068 46  MET A CG  
358 S SD  . MET A 46 ? 0.2443 0.1969 0.3788 -0.0191 0.0084  -0.0361 46  MET A SD  
359 C CE  . MET A 46 ? 0.3203 0.1615 0.3013 -0.0777 -0.0415 -0.0774 46  MET A CE  
360 N N   . ILE A 47 ? 0.2619 0.1172 0.1380 -0.0332 -0.0163 -0.0163 47  ILE A N   
361 C CA  . ILE A 47 ? 0.2944 0.1172 0.1282 -0.0569 0.0195  -0.0292 47  ILE A CA  
362 C C   . ILE A 47 ? 0.2483 0.1156 0.1455 -0.0590 0.0282  -0.0361 47  ILE A C   
363 O O   . ILE A 47 ? 0.2461 0.1104 0.1424 -0.0489 0.0185  -0.0267 47  ILE A O   
364 C CB  . ILE A 47 ? 0.3001 0.1173 0.1742 -0.0674 0.0498  -0.0288 47  ILE A CB  
365 C CG1 . ILE A 47 ? 0.2490 0.1262 0.1991 -0.0662 0.0391  -0.0525 47  ILE A CG1 
366 C CG2 . ILE A 47 ? 0.4356 0.1332 0.2370 -0.1100 0.0198  -0.0043 47  ILE A CG2 
367 C CD1 . ILE A 47 ? 0.2352 0.1650 0.3457 -0.0550 0.0580  -0.1318 47  ILE A CD1 
368 N N   . GLY A 48 ? 0.2969 0.1113 0.1740 -0.0750 0.0621  -0.0433 48  GLY A N   
369 C CA  . GLY A 48 ? 0.2788 0.1143 0.2084 -0.0695 0.0259  -0.0377 48  GLY A CA  
370 C C   . GLY A 48 ? 0.2872 0.1293 0.1673 -0.0800 0.0249  -0.0293 48  GLY A C   
371 O O   . GLY A 48 ? 0.3715 0.2212 0.1682 -0.1137 0.0359  -0.0297 48  GLY A O   
372 N N   . GLY A 49 ? 0.2649 0.1166 0.1764 -0.0610 0.0198  -0.0079 49  GLY A N   
373 C CA  . GLY A 49 ? 0.2549 0.1282 0.1934 -0.0497 0.0170  -0.0204 49  GLY A CA  
374 C C   . GLY A 49 ? 0.2623 0.1246 0.1834 -0.0537 0.0374  -0.0313 49  GLY A C   
375 O O   . GLY A 49 ? 0.2782 0.1443 0.2281 -0.0771 -0.0051 -0.0137 49  GLY A O   
376 N N   . ILE A 50 ? 0.2686 0.1134 0.1976 -0.0545 0.0070  -0.0350 50  ILE A N   
377 C CA  . ILE A 50 ? 0.2821 0.1109 0.1889 -0.0550 0.0286  -0.0256 50  ILE A CA  
378 C C   . ILE A 50 ? 0.3122 0.1223 0.1858 -0.0652 0.0095  -0.0328 50  ILE A C   
379 O O   . ILE A 50 ? 0.3162 0.1820 0.2102 -0.0393 -0.0060 -0.0578 50  ILE A O   
380 C CB  . ILE A 50 ? 0.2912 0.1200 0.2224 -0.0441 0.0336  -0.0293 50  ILE A CB  
381 C CG1 . ILE A 50 ? 0.3581 0.1566 0.2509 -0.0696 0.0969  -0.0059 50  ILE A CG1 
382 C CG2 . ILE A 50 ? 0.3918 0.1193 0.2634 -0.0201 0.0843  -0.0220 50  ILE A CG2 
383 C CD1 . ILE A 50 ? 0.4478 0.2700 0.4719 -0.0131 0.2442  0.0014  50  ILE A CD1 
384 N N   . GLY A 51 ? 0.3146 0.1002 0.1479 -0.0463 0.0235  -0.0417 51  GLY A N   
385 C CA  . GLY A 51 ? 0.3447 0.0978 0.1477 -0.0140 0.0169  -0.0387 51  GLY A CA  
386 C C   . GLY A 51 ? 0.3112 0.0783 0.1316 -0.0234 -0.0042 -0.0372 51  GLY A C   
387 O O   . GLY A 51 ? 0.2557 0.0922 0.1415 -0.0237 -0.0071 -0.0273 51  GLY A O   
388 N N   . GLY A 52 ? 0.2690 0.0842 0.1497 -0.0343 0.0049  -0.0279 52  GLY A N   
389 C CA  . GLY A 52 ? 0.2032 0.0803 0.1557 -0.0296 -0.0075 -0.0218 52  GLY A CA  
390 C C   . GLY A 52 ? 0.1968 0.0861 0.1501 -0.0206 -0.0109 -0.0061 52  GLY A C   
391 O O   . GLY A 52 ? 0.2296 0.0995 0.1560 -0.0319 0.0105  -0.0296 52  GLY A O   
392 N N   . PHE A 53 ? 0.1858 0.0833 0.1480 -0.0239 -0.0063 -0.0127 53  PHE A N   
393 C CA  . PHE A 53 ? 0.1881 0.0861 0.1394 -0.0266 -0.0104 -0.0116 53  PHE A CA  
394 C C   . PHE A 53 ? 0.1768 0.0840 0.1351 -0.0176 0.0008  -0.0174 53  PHE A C   
395 O O   . PHE A 53 ? 0.2171 0.0918 0.1404 -0.0376 0.0143  -0.0221 53  PHE A O   
396 C CB  . PHE A 53 ? 0.2362 0.1070 0.1579 -0.0055 -0.0341 -0.0066 53  PHE A CB  
397 C CG  . PHE A 53 ? 0.2874 0.0931 0.1804 -0.0177 -0.0691 -0.0086 53  PHE A CG  
398 C CD1 . PHE A 53 ? 0.2873 0.1414 0.2571 -0.0289 -0.0981 -0.0067 53  PHE A CD1 
399 C CD2 . PHE A 53 ? 0.3066 0.1269 0.1569 0.0213  -0.0644 -0.0143 53  PHE A CD2 
400 C CE1 . PHE A 53 ? 0.3404 0.1515 0.2821 -0.0373 -0.1333 -0.0152 53  PHE A CE1 
401 C CE2 . PHE A 53 ? 0.3996 0.1977 0.1826 -0.0298 -0.0912 -0.0264 53  PHE A CE2 
402 C CZ  . PHE A 53 ? 0.3818 0.1762 0.2542 -0.0088 -0.1359 -0.0164 53  PHE A CZ  
403 N N   . ILE A 54 ? 0.2260 0.0847 0.1268 -0.0453 0.0094  -0.0195 54  ILE A N   
404 C CA  . ILE A 54 ? 0.2632 0.0768 0.1325 -0.0427 -0.0126 -0.0167 54  ILE A CA  
405 C C   . ILE A 54 ? 0.2012 0.0792 0.1243 -0.0361 0.0082  -0.0186 54  ILE A C   
406 O O   . ILE A 54 ? 0.2152 0.0934 0.1193 -0.0214 0.0070  -0.0154 54  ILE A O   
407 C CB  . ILE A 54 ? 0.2902 0.1566 0.2994 0.0189  -0.1449 -0.0256 54  ILE A CB  
408 C CG1 . ILE A 54 ? 0.3707 0.1794 0.4167 0.0154  -0.1550 0.0396  54  ILE A CG1 
409 C CG2 . ILE A 54 ? 0.2739 0.2510 0.2464 -0.0268 -0.0547 -0.0719 54  ILE A CG2 
410 C CD1 . ILE A 54 ? 0.5257 0.3885 0.3433 -0.1780 -0.2514 0.1034  54  ILE A CD1 
411 N N   . LYS A 55 ? 0.2029 0.0764 0.1212 -0.0396 0.0186  -0.0202 55  LYS A N   
412 C CA  . LYS A 55 ? 0.2001 0.0788 0.1511 -0.0327 0.0233  -0.0203 55  LYS A CA  
413 C C   . LYS A 55 ? 0.2004 0.0767 0.1382 -0.0293 0.0261  -0.0338 55  LYS A C   
414 O O   . LYS A 55 ? 0.2451 0.0906 0.1443 -0.0414 -0.0033 -0.0216 55  LYS A O   
415 C CB  . LYS A 55 ? 0.2075 0.1114 0.1909 -0.0259 0.0408  -0.0301 55  LYS A CB  
416 C CG  . LYS A 55 ? 0.2595 0.1333 0.2254 0.0194  0.0401  -0.0269 55  LYS A CG  
417 C CD  . LYS A 55 ? 0.2635 0.1794 0.3359 0.0231  0.0915  -0.0524 55  LYS A CD  
418 C CE  . LYS A 55 ? 0.3046 0.2307 0.4085 -0.0209 0.1282  -0.0441 55  LYS A CE  
419 N NZ  . LYS A 55 ? 0.3291 0.4644 0.4663 -0.0363 0.1859  -0.1119 55  LYS A NZ  
420 N N   . VAL A 56 ? 0.1819 0.0812 0.1348 -0.0232 0.0275  -0.0263 56  VAL A N   
421 C CA  . VAL A 56 ? 0.1847 0.0752 0.1406 -0.0179 0.0129  -0.0229 56  VAL A CA  
422 C C   . VAL A 56 ? 0.1727 0.0780 0.1424 -0.0170 0.0146  -0.0220 56  VAL A C   
423 O O   . VAL A 56 ? 0.1795 0.0898 0.1782 -0.0185 -0.0002 -0.0161 56  VAL A O   
424 C CB  . VAL A 56 ? 0.1660 0.0855 0.1721 -0.0177 0.0152  -0.0308 56  VAL A CB  
425 C CG1 . VAL A 56 ? 0.2212 0.0790 0.1902 -0.0075 0.0255  -0.0358 56  VAL A CG1 
426 C CG2 . VAL A 56 ? 0.2062 0.1206 0.1520 -0.0380 0.0406  -0.0247 56  VAL A CG2 
427 N N   . ARG A 57 ? 0.1587 0.0695 0.1567 -0.0055 0.0084  -0.0127 57  ARG A N   
428 C CA  . ARG A 57 ? 0.1411 0.0730 0.1621 -0.0040 0.0154  -0.0114 57  ARG A CA  
429 C C   . ARG A 57 ? 0.1438 0.0643 0.1581 -0.0175 0.0186  -0.0278 57  ARG A C   
430 O O   . ARG A 57 ? 0.1439 0.0999 0.1621 -0.0035 0.0181  -0.0351 57  ARG A O   
431 C CB  . ARG A 57 ? 0.1796 0.0809 0.1687 -0.0097 0.0487  -0.0321 57  ARG A CB  
432 C CG  . ARG A 57 ? 0.2522 0.0998 0.1782 -0.0063 0.0853  -0.0166 57  ARG A CG  
433 C CD  . ARG A 57 ? 0.2798 0.1403 0.1911 -0.0301 0.1086  -0.0456 57  ARG A CD  
434 N NE  . ARG A 57 ? 0.3313 0.4571 0.2383 0.0453  0.0383  -0.1528 57  ARG A NE  
435 C CZ  . ARG A 57 ? 0.2968 0.4128 0.3231 -0.0399 0.0474  -0.1054 57  ARG A CZ  
436 N NH1 . ARG A 57 ? 0.3827 0.4246 0.3286 -0.0744 0.1011  -0.1244 57  ARG A NH1 
437 N NH2 . ARG A 57 ? 0.3561 0.5857 0.3829 0.0504  -0.0166 -0.1449 57  ARG A NH2 
438 N N   . GLN A 58 ? 0.1326 0.0823 0.1631 0.0028  0.0270  -0.0181 58  GLN A N   
439 C CA  . GLN A 58 ? 0.1310 0.0826 0.1736 -0.0090 0.0196  -0.0056 58  GLN A CA  
440 C C   . GLN A 58 ? 0.1414 0.0787 0.1737 -0.0047 0.0114  -0.0223 58  GLN A C   
441 O O   . GLN A 58 ? 0.1473 0.0885 0.2122 0.0108  0.0220  -0.0094 58  GLN A O   
442 C CB  . GLN A 58 ? 0.1501 0.0920 0.1740 -0.0133 0.0129  -0.0200 58  GLN A CB  
443 C CG  . GLN A 58 ? 0.1510 0.0967 0.1789 -0.0036 0.0075  -0.0081 58  GLN A CG  
444 C CD  . GLN A 58 ? 0.2053 0.1366 0.1770 -0.0406 0.0055  -0.0188 58  GLN A CD  
445 O OE1 . GLN A 58 ? 0.2573 0.1754 0.2459 -0.0987 -0.0311 0.0030  58  GLN A OE1 
446 N NE2 . GLN A 58 ? 0.2423 0.1449 0.1907 -0.0501 -0.0327 0.0007  58  GLN A NE2 
447 N N   . TYR A 59 ? 0.1338 0.0600 0.1681 -0.0065 0.0068  -0.0208 59  TYR A N   
448 C CA  . TYR A 59 ? 0.1469 0.0719 0.1518 -0.0098 0.0197  -0.0252 59  TYR A CA  
449 C C   . TYR A 59 ? 0.1312 0.0705 0.1558 -0.0024 0.0156  -0.0239 59  TYR A C   
450 O O   . TYR A 59 ? 0.1844 0.0812 0.1663 0.0233  0.0414  -0.0178 59  TYR A O   
451 C CB  . TYR A 59 ? 0.1497 0.0667 0.1586 -0.0084 0.0201  -0.0370 59  TYR A CB  
452 C CG  . TYR A 59 ? 0.1444 0.0832 0.1569 -0.0175 0.0182  -0.0379 59  TYR A CG  
453 C CD1 . TYR A 59 ? 0.1487 0.1016 0.1665 -0.0036 0.0149  -0.0179 59  TYR A CD1 
454 C CD2 . TYR A 59 ? 0.1656 0.0971 0.1626 -0.0152 0.0212  -0.0506 59  TYR A CD2 
455 C CE1 . TYR A 59 ? 0.1771 0.1157 0.1725 -0.0102 0.0285  -0.0175 59  TYR A CE1 
456 C CE2 . TYR A 59 ? 0.1718 0.1074 0.1676 -0.0118 0.0210  -0.0556 59  TYR A CE2 
457 C CZ  . TYR A 59 ? 0.1736 0.1313 0.1677 -0.0114 0.0350  -0.0305 59  TYR A CZ  
458 O OH  . TYR A 59 ? 0.2116 0.2118 0.1682 -0.0018 0.0389  -0.0297 59  TYR A OH  
459 N N   . ASP A 60 ? 0.1491 0.0781 0.1608 0.0092  0.0094  -0.0175 60  ASP A N   
460 C CA  . ASP A 60 ? 0.1455 0.0740 0.1657 0.0081  0.0130  -0.0173 60  ASP A CA  
461 C C   . ASP A 60 ? 0.1566 0.0662 0.1632 0.0092  0.0135  -0.0215 60  ASP A C   
462 O O   . ASP A 60 ? 0.1669 0.0685 0.1644 0.0165  0.0017  -0.0325 60  ASP A O   
463 C CB  . ASP A 60 ? 0.1737 0.1068 0.1739 0.0129  -0.0077 -0.0110 60  ASP A CB  
464 C CG  . ASP A 60 ? 0.1706 0.1401 0.2280 0.0032  -0.0252 -0.0254 60  ASP A CG  
465 O OD1 . ASP A 60 ? 0.1991 0.1311 0.1978 -0.0298 -0.0155 -0.0112 60  ASP A OD1 
466 O OD2 . ASP A 60 ? 0.1713 0.2174 0.5060 0.0064  -0.0470 -0.0321 60  ASP A OD2 
467 N N   . GLN A 61 ? 0.1431 0.0784 0.1482 0.0001  -0.0002 -0.0254 61  GLN A N   
468 C CA  . GLN A 61 ? 0.1694 0.1026 0.1565 -0.0234 0.0007  -0.0042 61  GLN A CA  
469 C C   . GLN A 61 ? 0.1549 0.0720 0.1410 -0.0130 0.0187  -0.0168 61  GLN A C   
470 O O   . GLN A 61 ? 0.1790 0.0693 0.1815 -0.0109 -0.0057 -0.0143 61  GLN A O   
471 C CB  . GLN A 61 ? 0.1699 0.1164 0.2256 -0.0154 -0.0094 0.0256  61  GLN A CB  
472 C CG  . GLN A 61 ? 0.2445 0.1736 0.2476 0.0115  -0.0504 0.0179  61  GLN A CG  
473 C CD  . GLN A 61 ? 0.3705 0.1941 0.2356 0.0376  -0.0659 0.0116  61  GLN A CD  
474 O OE1 . GLN A 61 ? 0.4243 0.1668 0.3443 -0.0310 -0.0280 0.0698  61  GLN A OE1 
475 N NE2 . GLN A 61 ? 0.4211 0.3331 0.2748 0.0331  -0.1272 0.0240  61  GLN A NE2 
476 N N   . ILE A 62 ? 0.1747 0.0665 0.1214 -0.0137 0.0037  -0.0265 62  ILE A N   
477 C CA  . ILE A 62 ? 0.1648 0.0712 0.1214 -0.0161 0.0111  -0.0269 62  ILE A CA  
478 C C   . ILE A 62 ? 0.1688 0.0863 0.1119 -0.0134 0.0075  -0.0212 62  ILE A C   
479 O O   . ILE A 62 ? 0.1609 0.0833 0.1277 -0.0222 0.0093  -0.0381 62  ILE A O   
480 C CB  . ILE A 62 ? 0.1591 0.0670 0.1232 -0.0037 0.0109  -0.0209 62  ILE A CB  
481 C CG1 . ILE A 62 ? 0.1508 0.0846 0.1498 -0.0191 0.0192  -0.0176 62  ILE A CG1 
482 C CG2 . ILE A 62 ? 0.1611 0.0755 0.1525 0.0000  0.0038  -0.0203 62  ILE A CG2 
483 C CD1 . ILE A 62 ? 0.1474 0.1102 0.1665 -0.0009 0.0210  -0.0418 62  ILE A CD1 
484 N N   . ILE A 63 ? 0.1562 0.0747 0.1230 0.0027  0.0044  -0.0327 63  ILE A N   
485 C CA  . ILE A 63 ? 0.1552 0.0958 0.1139 0.0003  0.0079  -0.0247 63  ILE A CA  
486 C C   . ILE A 63 ? 0.1562 0.1107 0.1131 0.0081  -0.0055 -0.0309 63  ILE A C   
487 O O   . ILE A 63 ? 0.2084 0.1262 0.1190 0.0321  -0.0125 -0.0377 63  ILE A O   
488 C CB  . ILE A 63 ? 0.1720 0.1041 0.1403 -0.0142 0.0050  -0.0366 63  ILE A CB  
489 C CG1 . ILE A 63 ? 0.2126 0.0965 0.1520 -0.0305 -0.0151 -0.0206 63  ILE A CG1 
490 C CG2 . ILE A 63 ? 0.1839 0.1555 0.2110 -0.0399 0.0457  -0.0221 63  ILE A CG2 
491 C CD1 . ILE A 63 ? 0.2878 0.1183 0.2895 -0.0576 -0.0301 0.0182  63  ILE A CD1 
492 N N   . ILE A 64 ? 0.1554 0.1059 0.1160 0.0150  -0.0112 -0.0313 64  ILE A N   
493 C CA  . ILE A 64 ? 0.1612 0.1022 0.1197 0.0045  -0.0245 -0.0226 64  ILE A CA  
494 C C   . ILE A 64 ? 0.1682 0.0836 0.1426 0.0220  -0.0107 -0.0232 64  ILE A C   
495 O O   . ILE A 64 ? 0.1539 0.1414 0.1472 0.0054  -0.0133 -0.0063 64  ILE A O   
496 C CB  . ILE A 64 ? 0.1648 0.1000 0.1511 0.0014  -0.0284 -0.0273 64  ILE A CB  
497 C CG1 . ILE A 64 ? 0.1727 0.0966 0.1697 -0.0112 -0.0214 -0.0286 64  ILE A CG1 
498 C CG2 . ILE A 64 ? 0.1969 0.1299 0.1520 -0.0102 -0.0053 0.0056  64  ILE A CG2 
499 C CD1 . ILE A 64 ? 0.2274 0.0888 0.2202 0.0075  -0.0395 -0.0354 64  ILE A CD1 
500 N N   . GLU A 65 ? 0.1539 0.0833 0.1358 0.0033  -0.0176 -0.0364 65  GLU A N   
501 C CA  . GLU A 65 ? 0.1569 0.0944 0.1599 0.0032  -0.0140 -0.0306 65  GLU A CA  
502 C C   . GLU A 65 ? 0.1506 0.1026 0.1443 0.0053  -0.0024 -0.0387 65  GLU A C   
503 O O   . GLU A 65 ? 0.1706 0.1031 0.1476 0.0143  -0.0142 -0.0329 65  GLU A O   
504 C CB  . GLU A 65 ? 0.1637 0.1091 0.1655 -0.0054 -0.0160 -0.0333 65  GLU A CB  
505 C CG  . GLU A 65 ? 0.1681 0.1305 0.2239 -0.0156 0.0060  -0.0257 65  GLU A CG  
506 C CD  . GLU A 65 ? 0.2044 0.1828 0.3211 -0.0567 0.0191  -0.0840 65  GLU A CD  
507 O OE1 . GLU A 65 ? 0.3192 0.1620 0.3286 -0.0449 -0.0212 -0.0585 65  GLU A OE1 
508 O OE2 . GLU A 65 ? 0.1962 0.3238 0.5462 -0.0408 -0.0193 -0.2044 65  GLU A OE2 
509 N N   . ILE A 66 ? 0.1797 0.0868 0.1532 0.0057  -0.0057 -0.0422 66  ILE A N   
510 C CA  . ILE A 66 ? 0.1749 0.1042 0.1430 0.0214  -0.0154 -0.0388 66  ILE A CA  
511 C C   . ILE A 66 ? 0.1772 0.1183 0.1760 0.0216  0.0004  -0.0400 66  ILE A C   
512 O O   . ILE A 66 ? 0.1696 0.1463 0.1761 0.0023  0.0071  -0.0384 66  ILE A O   
513 C CB  . ILE A 66 ? 0.2117 0.0907 0.1615 0.0034  0.0062  -0.0289 66  ILE A CB  
514 C CG1 . ILE A 66 ? 0.1908 0.1407 0.2234 -0.0081 0.0016  -0.0357 66  ILE A CG1 
515 C CG2 . ILE A 66 ? 0.2426 0.0988 0.2362 0.0233  0.0281  -0.0133 66  ILE A CG2 
516 C CD1 . ILE A 66 ? 0.2434 0.1151 0.2148 -0.0268 -0.0372 0.0242  66  ILE A CD1 
517 N N   . CYS A 67 ? 0.1850 0.1542 0.1975 0.0462  -0.0015 -0.0459 67  CYS A N   
518 C CA  . CYS A 67 ? 0.1841 0.2097 0.2076 0.0577  -0.0011 -0.0517 67  CYS A CA  
519 C C   . CYS A 67 ? 0.1547 0.2171 0.2222 0.0245  0.0163  -0.0582 67  CYS A C   
520 O O   . CYS A 67 ? 0.1956 0.2934 0.2390 0.0018  0.0430  -0.0468 67  CYS A O   
521 C CB  . CYS A 67 ? 0.1954 0.2199 0.2588 0.0765  0.0128  -0.0735 67  CYS A CB  
522 S SG  . CYS A 67 ? 0.3327 0.2104 0.3449 0.1039  0.0055  -0.0577 67  CYS A SG  
523 N N   . GLY A 68 ? 0.1655 0.1935 0.2580 0.0042  0.0044  -0.0562 68  GLY A N   
524 C CA  . GLY A 68 ? 0.1808 0.2141 0.2889 -0.0330 0.0053  -0.0379 68  GLY A CA  
525 C C   . GLY A 68 ? 0.2039 0.2105 0.2440 -0.0335 0.0165  -0.0285 68  GLY A C   
526 O O   . GLY A 68 ? 0.2340 0.2483 0.3154 -0.0914 -0.0230 0.0146  68  GLY A O   
527 N N   . LYS A 69 ? 0.1746 0.1692 0.2425 -0.0042 0.0178  -0.0190 69  LYS A N   
528 C CA  . LYS A 69 ? 0.1895 0.1630 0.2025 -0.0202 0.0330  -0.0096 69  LYS A CA  
529 C C   . LYS A 69 ? 0.1670 0.1463 0.1678 -0.0279 0.0038  -0.0141 69  LYS A C   
530 O O   . LYS A 69 ? 0.1898 0.1402 0.1514 -0.0048 0.0114  -0.0169 69  LYS A O   
531 C CB  . LYS A 69 ? 0.2105 0.2147 0.2321 -0.0136 0.0396  -0.0522 69  LYS A CB  
532 C CG  . LYS A 69 ? 0.4315 0.3776 0.2585 -0.0529 -0.0548 -0.0510 69  LYS A CG  
533 C CD  . LYS A 69 ? 0.5978 0.5293 0.2599 -0.0854 -0.0077 -0.1245 69  LYS A CD  
534 C CE  . LYS A 69 ? 0.7062 0.6988 0.2654 -0.0643 -0.0690 -0.0925 69  LYS A CE  
535 N NZ  . LYS A 69 ? 0.7950 0.8654 0.3636 -0.0922 -0.1535 -0.1126 69  LYS A NZ  
536 N N   . LYS A 70 ? 0.1890 0.1666 0.1823 -0.0178 0.0205  0.0147  70  LYS A N   
537 C CA  . LYS A 70 ? 0.1709 0.1672 0.1841 -0.0158 -0.0017 0.0222  70  LYS A CA  
538 C C   . LYS A 70 ? 0.1804 0.1707 0.1323 0.0028  0.0233  -0.0007 70  LYS A C   
539 O O   . LYS A 70 ? 0.1866 0.3457 0.1431 -0.0086 0.0332  -0.0152 70  LYS A O   
540 C CB  . LYS A 70 ? 0.2031 0.1747 0.2172 0.0022  -0.0252 -0.0020 70  LYS A CB  
541 C CG  . LYS A 70 ? 0.2412 0.2166 0.2212 -0.0208 -0.0325 -0.0203 70  LYS A CG  
542 C CD  . LYS A 70 ? 0.3524 0.2088 0.3083 -0.0604 0.0173  -0.0447 70  LYS A CD  
543 C CE  . LYS A 70 ? 0.3645 0.2635 0.4245 -0.1035 0.0558  -0.0359 70  LYS A CE  
544 N NZ  . LYS A 70 ? 0.2988 0.5067 0.4842 -0.0174 -0.0117 -0.1394 70  LYS A NZ  
545 N N   . ALA A 71 ? 0.1508 0.1624 0.1169 0.0074  0.0012  -0.0098 71  ALA A N   
546 C CA  . ALA A 71 ? 0.1659 0.1846 0.1088 0.0227  -0.0132 -0.0389 71  ALA A CA  
547 C C   . ALA A 71 ? 0.1549 0.1387 0.1225 -0.0002 -0.0059 -0.0442 71  ALA A C   
548 O O   . ALA A 71 ? 0.1743 0.1684 0.1228 0.0353  -0.0117 -0.0382 71  ALA A O   
549 C CB  . ALA A 71 ? 0.1558 0.1809 0.1814 0.0193  -0.0147 -0.0719 71  ALA A CB  
550 N N   . ILE A 72 ? 0.1495 0.1164 0.1112 -0.0111 0.0051  -0.0297 72  ILE A N   
551 C CA  . ILE A 72 ? 0.1539 0.0838 0.1225 -0.0063 0.0011  -0.0154 72  ILE A CA  
552 C C   . ILE A 72 ? 0.1491 0.0813 0.1262 -0.0008 -0.0021 -0.0143 72  ILE A C   
553 O O   . ILE A 72 ? 0.1646 0.1118 0.1269 -0.0100 -0.0028 -0.0260 72  ILE A O   
554 C CB  . ILE A 72 ? 0.1652 0.0903 0.1440 -0.0147 0.0038  -0.0075 72  ILE A CB  
555 C CG1 . ILE A 72 ? 0.2414 0.1071 0.1552 -0.0657 -0.0024 -0.0198 72  ILE A CG1 
556 C CG2 . ILE A 72 ? 0.2410 0.0956 0.1696 0.0334  0.0415  0.0075  72  ILE A CG2 
557 C CD1 . ILE A 72 ? 0.2893 0.1092 0.1960 -0.0639 -0.0029 -0.0071 72  ILE A CD1 
558 N N   . GLY A 73 ? 0.1486 0.0752 0.1310 -0.0078 -0.0027 -0.0177 73  GLY A N   
559 C CA  . GLY A 73 ? 0.1484 0.0784 0.1391 -0.0071 0.0041  -0.0261 73  GLY A CA  
560 C C   . GLY A 73 ? 0.1658 0.0441 0.1314 -0.0021 -0.0011 -0.0159 73  GLY A C   
561 O O   . GLY A 73 ? 0.1677 0.0831 0.1383 -0.0023 0.0013  -0.0301 73  GLY A O   
562 N N   . THR A 74 ? 0.1480 0.0657 0.1444 0.0015  0.0162  -0.0293 74  THR A N   
563 C CA  . THR A 74 ? 0.1336 0.0719 0.1471 0.0057  0.0142  -0.0291 74  THR A CA  
564 C C   . THR A 74 ? 0.1498 0.0536 0.1471 0.0021  0.0107  -0.0278 74  THR A C   
565 O O   . THR A 74 ? 0.1626 0.0641 0.1454 0.0022  0.0159  -0.0359 74  THR A O   
566 C CB  . THR A 74 ? 0.1603 0.0789 0.1355 -0.0135 0.0034  -0.0217 74  THR A CB  
567 O OG1 . THR A 74 ? 0.1628 0.0946 0.1728 -0.0098 -0.0211 -0.0150 74  THR A OG1 
568 C CG2 . THR A 74 ? 0.1473 0.1002 0.1619 -0.0102 0.0159  -0.0178 74  THR A CG2 
569 N N   . VAL A 75 ? 0.1448 0.0612 0.1428 -0.0009 0.0190  -0.0288 75  VAL A N   
570 C CA  . VAL A 75 ? 0.1325 0.0816 0.1479 0.0090  0.0154  -0.0253 75  VAL A CA  
571 C C   . VAL A 75 ? 0.1506 0.0722 0.1380 0.0155  0.0155  -0.0153 75  VAL A C   
572 O O   . VAL A 75 ? 0.1638 0.0758 0.1468 0.0183  0.0205  -0.0222 75  VAL A O   
573 C CB  . VAL A 75 ? 0.1563 0.0722 0.1478 0.0040  0.0082  -0.0366 75  VAL A CB  
574 C CG1 . VAL A 75 ? 0.1837 0.1083 0.1731 0.0112  -0.0211 -0.0244 75  VAL A CG1 
575 C CG2 . VAL A 75 ? 0.1399 0.0994 0.1936 0.0003  0.0192  -0.0474 75  VAL A CG2 
576 N N   . LEU A 76 ? 0.1576 0.0717 0.1311 0.0163  0.0161  -0.0190 76  LEU A N   
577 C CA  . LEU A 76 ? 0.1431 0.0775 0.1416 0.0002  0.0111  -0.0235 76  LEU A CA  
578 C C   . LEU A 76 ? 0.1399 0.0820 0.1332 -0.0014 0.0227  -0.0096 76  LEU A C   
579 O O   . LEU A 76 ? 0.1760 0.1431 0.1458 0.0490  0.0058  -0.0289 76  LEU A O   
580 C CB  . LEU A 76 ? 0.1698 0.0732 0.1460 0.0015  0.0064  -0.0171 76  LEU A CB  
581 C CG  . LEU A 76 ? 0.1584 0.0801 0.1468 -0.0088 0.0117  -0.0296 76  LEU A CG  
582 C CD1 . LEU A 76 ? 0.1971 0.0839 0.1746 -0.0243 0.0113  -0.0341 76  LEU A CD1 
583 C CD2 . LEU A 76 ? 0.1952 0.0950 0.1585 0.0144  -0.0077 -0.0095 76  LEU A CD2 
584 N N   . VAL A 77 ? 0.1404 0.0921 0.1375 0.0080  0.0038  -0.0251 77  VAL A N   
585 C CA  . VAL A 77 ? 0.1560 0.0866 0.1387 0.0025  0.0083  -0.0270 77  VAL A CA  
586 C C   . VAL A 77 ? 0.1697 0.0949 0.1393 -0.0107 -0.0009 -0.0265 77  VAL A C   
587 O O   . VAL A 77 ? 0.1633 0.1122 0.1699 -0.0125 0.0193  -0.0335 77  VAL A O   
588 C CB  . VAL A 77 ? 0.1744 0.0795 0.1570 -0.0073 0.0069  -0.0350 77  VAL A CB  
589 C CG1 . VAL A 77 ? 0.2165 0.1185 0.1510 -0.0293 0.0015  -0.0245 77  VAL A CG1 
590 C CG2 . VAL A 77 ? 0.1978 0.0921 0.1596 -0.0133 -0.0011 -0.0155 77  VAL A CG2 
591 N N   . GLY A 78 ? 0.1757 0.1033 0.1462 -0.0057 0.0151  -0.0079 78  GLY A N   
592 C CA  . GLY A 78 ? 0.2173 0.1519 0.1900 -0.0130 0.0375  0.0183  78  GLY A CA  
593 C C   . GLY A 78 ? 0.2644 0.1421 0.2502 -0.0013 0.0351  0.0464  78  GLY A C   
594 O O   . GLY A 78 ? 0.2335 0.1186 0.2997 -0.0080 0.0054  0.0411  78  GLY A O   
595 N N   . PRO A 79 ? 0.3405 0.1400 0.2900 0.0021  0.1048  0.0365  79  PRO A N   
596 C CA  . PRO A 79 ? 0.4200 0.1602 0.2602 0.0267  0.1126  0.0624  79  PRO A CA  
597 C C   . PRO A 79 ? 0.4396 0.1611 0.3180 0.0363  0.0895  0.0135  79  PRO A C   
598 O O   . PRO A 79 ? 0.4339 0.2371 0.3706 0.0216  0.0870  -0.0448 79  PRO A O   
599 C CB  . PRO A 79 ? 0.4704 0.2099 0.3792 0.0068  0.1625  0.1012  79  PRO A CB  
600 C CG  . PRO A 79 ? 0.4682 0.2100 0.4328 0.0079  0.2127  0.0895  79  PRO A CG  
601 C CD  . PRO A 79 ? 0.3657 0.1953 0.3901 -0.0132 0.1535  0.0600  79  PRO A CD  
602 N N   . THR A 80 ? 0.4071 0.1752 0.2987 -0.0231 0.1304  0.0074  80  THR A N   
603 C CA  . THR A 80 ? 0.3852 0.1735 0.3042 -0.0245 0.1045  0.0044  80  THR A CA  
604 C C   . THR A 80 ? 0.4264 0.1895 0.2397 -0.0003 0.0728  -0.0296 80  THR A C   
605 O O   . THR A 80 ? 0.5358 0.2103 0.1851 -0.0403 0.0368  -0.0033 80  THR A O   
606 C CB  . THR A 80 ? 0.2974 0.1831 0.2640 -0.0587 0.0676  -0.0134 80  THR A CB  
607 O OG1 . THR A 80 ? 0.3189 0.1989 0.2583 -0.0217 0.0107  -0.0330 80  THR A OG1 
608 C CG2 . THR A 80 ? 0.2883 0.1986 0.2454 -0.0644 0.0255  -0.0172 80  THR A CG2 
609 N N   . PRO A 81 ? 0.4180 0.1829 0.2745 -0.0277 0.0615  0.0036  81  PRO A N   
610 C CA  . PRO A 81 ? 0.4269 0.1919 0.2632 -0.0128 0.0890  0.0294  81  PRO A CA  
611 C C   . PRO A 81 ? 0.4141 0.1683 0.1974 -0.0305 0.0494  -0.0003 81  PRO A C   
612 O O   . PRO A 81 ? 0.4658 0.2818 0.1978 -0.0860 0.0162  0.0316  81  PRO A O   
613 C CB  . PRO A 81 ? 0.4922 0.1633 0.4377 -0.0497 0.0965  0.0772  81  PRO A CB  
614 C CG  . PRO A 81 ? 0.4994 0.2112 0.4285 -0.0753 0.0801  0.0432  81  PRO A CG  
615 C CD  . PRO A 81 ? 0.4349 0.2029 0.3618 -0.0826 0.0741  0.0129  81  PRO A CD  
616 N N   . VAL A 82 ? 0.3759 0.1533 0.1931 -0.0211 0.0431  -0.0097 82  VAL A N   
617 C CA  . VAL A 82 ? 0.3539 0.1341 0.2444 0.0245  0.0543  0.0313  82  VAL A CA  
618 C C   . VAL A 82 ? 0.2932 0.1236 0.1990 0.0144  0.0228  -0.0057 82  VAL A C   
619 O O   . VAL A 82 ? 0.2951 0.1626 0.1669 -0.0354 0.0329  -0.0135 82  VAL A O   
620 C CB  . VAL A 82 ? 0.3599 0.1479 0.2408 0.0764  0.0358  0.0534  82  VAL A CB  
621 C CG1 . VAL A 82 ? 0.5683 0.2644 0.2603 -0.0011 -0.0108 -0.0127 82  VAL A CG1 
622 C CG2 . VAL A 82 ? 0.4544 0.2332 0.2861 0.0584  0.1307  0.0474  82  VAL A CG2 
623 N N   . ASN A 83 ? 0.2712 0.1125 0.1597 0.0239  -0.0167 -0.0127 83  ASN A N   
624 C CA  . ASN A 83 ? 0.1717 0.1077 0.1413 0.0305  -0.0021 -0.0255 83  ASN A CA  
625 C C   . ASN A 83 ? 0.1546 0.0990 0.1456 0.0172  -0.0090 -0.0258 83  ASN A C   
626 O O   . ASN A 83 ? 0.1773 0.1174 0.1465 0.0334  0.0002  -0.0320 83  ASN A O   
627 C CB  . ASN A 83 ? 0.1730 0.1094 0.1365 0.0358  -0.0142 -0.0336 83  ASN A CB  
628 C CG  . ASN A 83 ? 0.1898 0.1301 0.1335 0.0418  -0.0174 -0.0370 83  ASN A CG  
629 O OD1 . ASN A 83 ? 0.2047 0.1380 0.1521 0.0327  0.0017  -0.0406 83  ASN A OD1 
630 N ND2 . ASN A 83 ? 0.2123 0.1851 0.1408 0.0225  -0.0225 -0.0529 83  ASN A ND2 
631 N N   . ILE A 84 ? 0.1632 0.0926 0.1249 0.0124  0.0002  -0.0189 84  ILE A N   
632 C CA  . ILE A 84 ? 0.1893 0.0724 0.1281 0.0091  0.0014  -0.0186 84  ILE A CA  
633 C C   . ILE A 84 ? 0.1491 0.0719 0.1294 0.0135  -0.0067 -0.0149 84  ILE A C   
634 O O   . ILE A 84 ? 0.1445 0.0897 0.1410 0.0240  0.0012  -0.0152 84  ILE A O   
635 C CB  . ILE A 84 ? 0.2143 0.0936 0.1443 -0.0244 -0.0003 -0.0135 84  ILE A CB  
636 C CG1 . ILE A 84 ? 0.2563 0.1119 0.2107 -0.0358 -0.0204 0.0189  84  ILE A CG1 
637 C CG2 . ILE A 84 ? 0.2501 0.1198 0.1622 0.0056  -0.0310 -0.0373 84  ILE A CG2 
638 C CD1 . ILE A 84 ? 0.4228 0.1408 0.3616 0.0743  -0.0309 0.0034  84  ILE A CD1 
639 N N   . ILE A 85 ? 0.1387 0.0743 0.1268 0.0165  -0.0058 -0.0223 85  ILE A N   
640 C CA  . ILE A 85 ? 0.1529 0.0711 0.1265 0.0067  -0.0100 -0.0222 85  ILE A CA  
641 C C   . ILE A 85 ? 0.1533 0.0726 0.1247 0.0141  -0.0148 -0.0181 85  ILE A C   
642 O O   . ILE A 85 ? 0.1488 0.0798 0.1537 0.0202  -0.0111 -0.0359 85  ILE A O   
643 C CB  . ILE A 85 ? 0.1527 0.0817 0.1302 0.0065  -0.0060 -0.0233 85  ILE A CB  
644 C CG1 . ILE A 85 ? 0.1607 0.0915 0.1477 0.0081  -0.0247 -0.0264 85  ILE A CG1 
645 C CG2 . ILE A 85 ? 0.1540 0.0766 0.1420 0.0044  -0.0141 -0.0214 85  ILE A CG2 
646 C CD1 . ILE A 85 ? 0.1992 0.1019 0.1515 0.0048  -0.0263 -0.0447 85  ILE A CD1 
647 N N   . GLY A 86 ? 0.1426 0.0712 0.1372 0.0110  -0.0063 -0.0267 86  GLY A N   
648 C CA  . GLY A 86 ? 0.1514 0.0840 0.1506 0.0030  -0.0172 -0.0288 86  GLY A CA  
649 C C   . GLY A 86 ? 0.1257 0.0737 0.1410 0.0174  -0.0080 -0.0344 86  GLY A C   
650 O O   . GLY A 86 ? 0.1462 0.0711 0.1480 -0.0011 -0.0200 -0.0392 86  GLY A O   
651 N N   . ARG A 87 ? 0.1452 0.0681 0.1550 0.0015  -0.0176 -0.0387 87  ARG A N   
652 C CA  . ARG A 87 ? 0.1622 0.0807 0.1487 -0.0027 -0.0144 -0.0477 87  ARG A CA  
653 C C   . ARG A 87 ? 0.1795 0.0759 0.1412 -0.0036 -0.0133 -0.0487 87  ARG A C   
654 O O   . ARG A 87 ? 0.1691 0.0948 0.1526 -0.0120 -0.0050 -0.0424 87  ARG A O   
655 C CB  . ARG A 87 ? 0.1672 0.0743 0.1633 -0.0019 -0.0324 -0.0427 87  ARG A CB  
656 C CG  . ARG A 87 ? 0.1794 0.0860 0.1775 0.0215  -0.0303 -0.0701 87  ARG A CG  
657 C CD  . ARG A 87 ? 0.1896 0.0769 0.1614 0.0036  -0.0278 -0.0475 87  ARG A CD  
658 N NE  . ARG A 87 ? 0.1865 0.0891 0.2301 0.0019  -0.0485 -0.0492 87  ARG A NE  
659 C CZ  . ARG A 87 ? 0.1952 0.0922 0.2017 0.0040  -0.0669 -0.0642 87  ARG A CZ  
660 N NH1 . ARG A 87 ? 0.2287 0.1058 0.2131 0.0085  -0.0715 -0.0514 87  ARG A NH1 
661 N NH2 . ARG A 87 ? 0.1947 0.1431 0.2441 0.0131  -0.0617 -0.0574 87  ARG A NH2 
662 N N   . ASN A 88 ? 0.1666 0.0706 0.1424 -0.0076 -0.0097 -0.0394 88  ASN A N   
663 C CA  . ASN A 88 ? 0.1698 0.0800 0.1337 0.0069  -0.0311 -0.0354 88  ASN A CA  
664 C C   . ASN A 88 ? 0.1744 0.0605 0.1332 0.0052  -0.0225 -0.0343 88  ASN A C   
665 O O   . ASN A 88 ? 0.2163 0.1133 0.1515 -0.0246 -0.0448 0.0045  88  ASN A O   
666 C CB  . ASN A 88 ? 0.1679 0.0812 0.1415 0.0180  -0.0336 -0.0251 88  ASN A CB  
667 C CG  . ASN A 88 ? 0.1468 0.0770 0.1372 0.0082  -0.0137 -0.0233 88  ASN A CG  
668 O OD1 . ASN A 88 ? 0.1649 0.0755 0.1367 0.0070  -0.0106 -0.0139 88  ASN A OD1 
669 N ND2 . ASN A 88 ? 0.1761 0.0747 0.1233 0.0076  -0.0079 -0.0239 88  ASN A ND2 
670 N N   . MET A 89 ? 0.1534 0.0669 0.1245 0.0054  -0.0104 -0.0256 89  MET A N   
671 C CA  . MET A 89 ? 0.1531 0.0702 0.1390 0.0100  -0.0163 -0.0240 89  MET A CA  
672 C C   . MET A 89 ? 0.1546 0.0656 0.1375 0.0037  -0.0107 -0.0192 89  MET A C   
673 O O   . MET A 89 ? 0.1701 0.0741 0.1477 0.0017  0.0007  -0.0195 89  MET A O   
674 C CB  . MET A 89 ? 0.1411 0.0677 0.1379 -0.0027 -0.0067 -0.0258 89  MET A CB  
675 C CG  . MET A 89 ? 0.1608 0.0691 0.1440 -0.0010 0.0017  -0.0294 89  MET A CG  
676 S SD  . MET A 89 ? 0.2023 0.0732 0.1500 0.0018  0.0036  -0.0326 89  MET A SD  
677 C CE  . MET A 89 ? 0.1945 0.0861 0.1554 0.0147  0.0106  -0.0381 89  MET A CE  
678 N N   . LEU A 90 ? 0.1559 0.0719 0.1428 -0.0008 0.0046  -0.0323 90  LEU A N   
679 C CA  . LEU A 90 ? 0.1562 0.0824 0.1497 -0.0024 0.0020  -0.0420 90  LEU A CA  
680 C C   . LEU A 90 ? 0.1702 0.0745 0.1459 0.0058  0.0095  -0.0495 90  LEU A C   
681 O O   . LEU A 90 ? 0.1792 0.0950 0.1658 0.0054  0.0128  -0.0125 90  LEU A O   
682 C CB  . LEU A 90 ? 0.1427 0.0821 0.1577 -0.0037 0.0055  -0.0355 90  LEU A CB  
683 C CG  . LEU A 90 ? 0.1585 0.0891 0.1414 0.0190  0.0103  -0.0431 90  LEU A CG  
684 C CD1 . LEU A 90 ? 0.2023 0.0796 0.1806 0.0103  0.0027  -0.0236 90  LEU A CD1 
685 C CD2 . LEU A 90 ? 0.1839 0.1040 0.2026 0.0132  -0.0334 -0.0214 90  LEU A CD2 
686 N N   . THR A 91 ? 0.1805 0.0781 0.1723 0.0196  -0.0035 -0.0309 91  THR A N   
687 C CA  . THR A 91 ? 0.2253 0.0932 0.1674 -0.0102 -0.0338 -0.0345 91  THR A CA  
688 C C   . THR A 91 ? 0.2184 0.0840 0.1537 -0.0002 -0.0106 -0.0419 91  THR A C   
689 O O   . THR A 91 ? 0.2657 0.0967 0.1683 0.0134  0.0214  -0.0262 91  THR A O   
690 C CB  . THR A 91 ? 0.2192 0.1040 0.1845 -0.0083 -0.0274 -0.0414 91  THR A CB  
691 O OG1 . THR A 91 ? 0.2547 0.1898 0.1741 0.0416  -0.0302 -0.0349 91  THR A OG1 
692 C CG2 . THR A 91 ? 0.2367 0.1216 0.3289 -0.0268 -0.0833 -0.0760 91  THR A CG2 
693 N N   . GLN A 92 ? 0.2235 0.0903 0.1522 0.0095  -0.0099 -0.0393 92  GLN A N   
694 C CA  . GLN A 92 ? 0.2574 0.0746 0.1403 0.0130  -0.0167 -0.0257 92  GLN A CA  
695 C C   . GLN A 92 ? 0.2463 0.0777 0.1688 0.0044  0.0067  -0.0246 92  GLN A C   
696 O O   . GLN A 92 ? 0.2869 0.1093 0.2352 -0.0030 0.0218  0.0022  92  GLN A O   
697 C CB  . GLN A 92 ? 0.2318 0.0760 0.1385 0.0287  -0.0308 -0.0195 92  GLN A CB  
698 C CG  . GLN A 92 ? 0.2174 0.0752 0.1451 -0.0047 -0.0336 -0.0029 92  GLN A CG  
699 C CD  . GLN A 92 ? 0.2253 0.0933 0.1115 -0.0002 -0.0355 -0.0152 92  GLN A CD  
700 O OE1 . GLN A 92 ? 0.2488 0.0816 0.1286 0.0055  -0.0430 -0.0087 92  GLN A OE1 
701 N NE2 . GLN A 92 ? 0.2509 0.1275 0.1442 -0.0313 -0.0541 0.0018  92  GLN A NE2 
702 N N   . LEU A 93 ? 0.2263 0.0817 0.1972 0.0016  -0.0096 -0.0270 93  LEU A N   
703 C CA  . LEU A 93 ? 0.2284 0.0925 0.2524 -0.0195 -0.0135 -0.0082 93  LEU A CA  
704 C C   . LEU A 93 ? 0.2179 0.1245 0.2771 0.0129  0.0072  -0.0036 93  LEU A C   
705 O O   . LEU A 93 ? 0.2162 0.1518 0.3433 -0.0089 0.0097  -0.0015 93  LEU A O   
706 C CB  . LEU A 93 ? 0.2344 0.1043 0.2696 -0.0111 -0.0388 -0.0028 93  LEU A CB  
707 C CG  . LEU A 93 ? 0.2353 0.1497 0.2564 -0.0370 -0.0518 -0.0040 93  LEU A CG  
708 C CD1 . LEU A 93 ? 0.3923 0.1901 0.2728 -0.0826 -0.1207 0.0279  93  LEU A CD1 
709 C CD2 . LEU A 93 ? 0.2044 0.1597 0.2908 -0.0296 -0.0186 -0.0387 93  LEU A CD2 
710 N N   . GLY A 94 ? 0.2260 0.1170 0.2306 0.0033  0.0259  0.0043  94  GLY A N   
711 C CA  . GLY A 94 ? 0.2947 0.1194 0.2612 0.0066  0.0644  -0.0056 94  GLY A CA  
712 C C   . GLY A 94 ? 0.2402 0.1309 0.2700 0.0022  0.0661  0.0024  94  GLY A C   
713 O O   . GLY A 94 ? 0.2848 0.1799 0.2535 0.0307  0.0843  0.0102  94  GLY A O   
714 N N   . CYS A 95 ? 0.2171 0.1031 0.2241 -0.0030 0.0405  -0.0274 95  CYS A N   
715 C CA  . CYS A 95 ? 0.2127 0.1066 0.2295 0.0019  0.0450  -0.0313 95  CYS A CA  
716 C C   . CYS A 95 ? 0.1950 0.0899 0.2739 0.0203  0.0167  -0.0286 95  CYS A C   
717 O O   . CYS A 95 ? 0.2026 0.1217 0.3234 0.0149  0.0074  -0.0369 95  CYS A O   
718 C CB  . CYS A 95 ? 0.2259 0.1186 0.2541 0.0114  0.0792  0.0020  95  CYS A CB  
719 S SG  . CYS A 95 ? 0.2355 0.1342 0.2375 0.0176  0.0178  -0.0298 95  CYS A SG  
720 N N   . THR A 96 ? 0.1943 0.1157 0.2138 0.0030  0.0198  -0.0348 96  THR A N   
721 C CA  . THR A 96 ? 0.1954 0.1116 0.2158 0.0054  0.0005  -0.0374 96  THR A CA  
722 C C   . THR A 96 ? 0.1889 0.1158 0.1860 -0.0015 0.0071  -0.0299 96  THR A C   
723 O O   . THR A 96 ? 0.1958 0.1160 0.2152 -0.0046 -0.0040 -0.0249 96  THR A O   
724 C CB  . THR A 96 ? 0.2552 0.0995 0.2052 -0.0072 -0.0166 -0.0236 96  THR A CB  
725 O OG1 . THR A 96 ? 0.2624 0.1325 0.2070 -0.0110 0.0303  -0.0193 96  THR A OG1 
726 C CG2 . THR A 96 ? 0.3562 0.1407 0.2759 0.0379  -0.0456 0.0078  96  THR A CG2 
727 N N   . LEU A 97 ? 0.1923 0.1162 0.1818 0.0034  -0.0044 -0.0172 97  LEU A N   
728 C CA  . LEU A 97 ? 0.1989 0.1072 0.1828 -0.0004 0.0137  -0.0202 97  LEU A CA  
729 C C   . LEU A 97 ? 0.1875 0.1281 0.1719 -0.0107 0.0073  -0.0248 97  LEU A C   
730 O O   . LEU A 97 ? 0.2512 0.1778 0.1774 0.0228  -0.0019 -0.0241 97  LEU A O   
731 C CB  . LEU A 97 ? 0.2507 0.1226 0.1825 -0.0318 0.0387  -0.0236 97  LEU A CB  
732 C CG  . LEU A 97 ? 0.2020 0.1141 0.1732 0.0062  0.0154  -0.0294 97  LEU A CG  
733 C CD1 . LEU A 97 ? 0.2159 0.1919 0.2289 -0.0398 0.0291  -0.0481 97  LEU A CD1 
734 C CD2 . LEU A 97 ? 0.2302 0.1618 0.1826 0.0219  0.0087  -0.0156 97  LEU A CD2 
735 N N   . ASN A 98 ? 0.1954 0.1287 0.1738 -0.0116 0.0208  -0.0227 98  ASN A N   
736 C CA  . ASN A 98 ? 0.2101 0.1348 0.1762 -0.0184 0.0371  -0.0247 98  ASN A CA  
737 C C   . ASN A 98 ? 0.2109 0.1409 0.1539 -0.0124 0.0368  -0.0209 98  ASN A C   
738 O O   . ASN A 98 ? 0.2396 0.1501 0.1776 -0.0240 0.0101  -0.0163 98  ASN A O   
739 C CB  . ASN A 98 ? 0.2374 0.1462 0.2212 -0.0286 0.0496  0.0021  98  ASN A CB  
740 C CG  . ASN A 98 ? 0.2357 0.1415 0.2263 -0.0307 0.0390  -0.0158 98  ASN A CG  
741 O OD1 . ASN A 98 ? 0.2572 0.1745 0.2766 -0.0253 0.0480  -0.0528 98  ASN A OD1 
742 N ND2 . ASN A 98 ? 0.3340 0.1686 0.2433 -0.0050 0.0519  0.0244  98  ASN A ND2 
743 N N   . PHE A 99 ? 0.2665 0.1472 0.1653 0.0149  0.0212  -0.0260 99  PHE A N   
744 C CA  . PHE A 99 ? 0.2735 0.1533 0.2003 0.0165  0.0518  -0.0270 99  PHE A CA  
745 C C   . PHE A 99 ? 0.3331 0.1891 0.2052 0.0175  0.0475  -0.0620 99  PHE A C   
746 O O   . PHE A 99 ? 0.3861 0.2032 0.2854 0.0418  0.0786  -0.0667 99  PHE A O   
747 C CB  . PHE A 99 ? 0.2876 0.1353 0.2108 0.0060  0.0275  -0.0321 99  PHE A CB  
748 C CG  . PHE A 99 ? 0.2879 0.1376 0.2070 0.0038  0.0176  -0.0100 99  PHE A CG  
749 C CD1 . PHE A 99 ? 0.2931 0.1777 0.2361 0.0184  -0.0045 -0.0238 99  PHE A CD1 
750 C CD2 . PHE A 99 ? 0.2765 0.1626 0.2168 -0.0237 0.0445  -0.0229 99  PHE A CD2 
751 C CE1 . PHE A 99 ? 0.2878 0.2514 0.2629 0.0055  -0.0005 -0.0211 99  PHE A CE1 
752 C CE2 . PHE A 99 ? 0.3046 0.1656 0.2594 -0.0342 -0.0100 0.0120  99  PHE A CE2 
753 C CZ  . PHE A 99 ? 0.2770 0.2305 0.2558 -0.0398 -0.0012 0.0062  99  PHE A CZ  
754 O OXT . PHE A 99 ? 0.3901 0.2080 0.2004 0.0098  0.0674  -0.0397 99  PHE A OXT 
755 C C1  . GOL B .  ? 0.2580 0.1759 0.2529 -0.0379 -0.0707 0.0148  300 GOL A C1  
756 O O1  . GOL B .  ? 0.2401 0.1505 0.1557 0.0453  -0.0237 -0.0421 300 GOL A O1  
757 C C2  . GOL B .  ? 0.3455 0.2130 0.2060 0.0859  -0.0493 -0.0255 300 GOL A C2  
758 O O2  . GOL B .  ? 0.1831 0.1517 0.1678 0.0137  0.0028  -0.0495 300 GOL A O2  
759 C C3  . GOL B .  ? 0.3515 0.3541 0.1720 0.1516  0.0372  -0.0484 300 GOL A C3  
760 O O3  . GOL B .  ? 0.3328 0.6261 0.2310 0.0854  -0.0038 -0.0869 300 GOL A O3  
761 C C1  . GOL C .  ? 0.4683 0.3190 0.4459 -0.0629 -0.0958 0.0474  301 GOL A C1  
762 O O1  . GOL C .  ? 0.3707 0.3005 0.4758 -0.1035 -0.1271 0.0354  301 GOL A O1  
763 C C2  . GOL C .  ? 0.4372 0.3150 0.4511 -0.0931 -0.0983 0.0468  301 GOL A C2  
764 O O2  . GOL C .  ? 0.4414 0.1528 0.4460 -0.0095 -0.0439 0.0125  301 GOL A O2  
765 C C3  . GOL C .  ? 0.4532 0.2935 0.4383 -0.0573 -0.0509 0.0667  301 GOL A C3  
766 O O3  . GOL C .  ? 0.3753 0.3077 0.3985 -0.0771 -0.1229 -0.0028 301 GOL A O3  
767 O O   . HOH D .  ? 0.3711 0.3785 0.3674 -0.0280 0.0682  0.0094  302 HOH A O   
768 O O   . HOH D .  ? 0.3972 0.3489 0.5025 -0.1204 -0.0156 0.1002  303 HOH A O   
769 O O   . HOH D .  ? 0.4586 0.5106 0.5571 -0.1399 0.0740  0.1314  304 HOH A O   
770 O O   . HOH D .  ? 0.2701 0.1983 0.2196 0.0812  -0.0078 -0.0495 305 HOH A O   
771 O O   . HOH D .  ? 0.2740 0.1935 0.2478 -0.0380 -0.0557 -0.0708 306 HOH A O   
772 O O   . HOH D .  ? 0.2007 0.1026 0.1598 -0.0046 -0.0041 -0.0124 307 HOH A O   
773 O O   . HOH D .  ? 0.6870 0.7040 0.5329 0.1837  0.0180  -0.1123 308 HOH A O   
774 O O   . HOH D .  ? 0.2900 0.1136 0.2566 0.0311  0.0309  -0.0181 309 HOH A O   
775 O O   . HOH D .  ? 0.1767 0.1054 0.2209 0.0177  -0.0414 -0.0302 310 HOH A O   
776 O O   . HOH D .  ? 0.1954 0.1727 0.2574 0.0000  0.0066  -0.0639 311 HOH A O   
777 O O   . HOH D .  ? 0.1468 0.1932 0.2419 -0.0095 -0.0538 -0.0498 312 HOH A O   
778 O O   . HOH D .  ? 0.1646 0.1232 0.2292 0.0041  -0.0203 -0.0644 313 HOH A O   
779 O O   . HOH D .  ? 0.2504 0.1774 0.2733 -0.0031 -0.0070 -0.0370 314 HOH A O   
780 O O   . HOH D .  ? 0.2121 0.0864 0.1543 0.0307  -0.0477 -0.0415 315 HOH A O   
781 O O   . HOH D .  ? 0.3037 0.1458 0.2444 -0.0040 -0.0575 -0.0156 316 HOH A O   
782 O O   . HOH D .  ? 0.2317 0.1086 0.2379 0.0403  -0.0216 -0.0521 317 HOH A O   
783 O O   . HOH D .  ? 0.4434 0.2292 0.2262 0.0011  0.0446  0.0034  318 HOH A O   
784 O O   . HOH D .  ? 0.3816 0.2607 0.3911 -0.0498 -0.1859 0.0412  319 HOH A O   
785 O O   . HOH D .  ? 0.2304 0.2702 0.4805 -0.0463 0.0773  0.0157  320 HOH A O   
786 O O   . HOH D .  ? 0.4759 0.4518 0.4079 -0.0263 -0.1226 -0.0840 321 HOH A O   
787 O O   . HOH D .  ? 0.2518 0.1225 0.2037 -0.0066 0.0122  -0.0295 322 HOH A O   
788 O O   . HOH D .  ? 0.3604 0.2246 0.3227 -0.0879 -0.1312 -0.0025 323 HOH A O   
789 O O   . HOH D .  ? 0.3812 0.2876 0.1924 0.0696  -0.0926 -0.0613 324 HOH A O   
790 O O   . HOH D .  ? 0.4048 0.2754 0.2977 -0.1230 -0.0995 0.0407  325 HOH A O   
791 O O   . HOH D .  ? 0.3209 0.2364 0.3650 0.0486  -0.0741 -0.0417 326 HOH A O   
792 O O   . HOH D .  ? 0.3261 0.2214 0.2402 0.0087  -0.0173 -0.0406 327 HOH A O   
793 O O   . HOH D .  ? 0.3805 0.2443 0.2426 0.0284  0.0465  0.0384  328 HOH A O   
794 O O   . HOH D .  ? 0.2436 0.1801 0.2240 -0.0029 -0.0123 -0.0423 329 HOH A O   
795 O O   . HOH D .  ? 0.2681 0.1700 0.2666 -0.0068 0.0771  -0.0540 330 HOH A O   
796 O O   . HOH D .  ? 0.5257 0.5002 0.7327 -0.1820 0.0151  0.0891  331 HOH A O   
797 O O   . HOH D .  ? 0.2108 0.3094 0.4747 -0.0312 0.0000  -0.1509 332 HOH A O   
798 O O   . HOH D .  ? 0.2385 0.1434 0.2640 0.0371  0.0253  -0.0565 333 HOH A O   
799 O O   . HOH D .  ? 0.4333 0.4777 0.4225 -0.1331 0.1231  0.0569  334 HOH A O   
800 O O   . HOH D .  ? 0.4481 0.3668 0.3527 0.0279  -0.0868 -0.0103 335 HOH A O   
801 O O   . HOH D .  ? 0.5431 0.5652 0.4141 -0.0665 0.0706  -0.1150 336 HOH A O   
802 O O   . HOH D .  ? 0.4159 0.3007 0.2498 0.1441  -0.1225 -0.0708 337 HOH A O   
803 O O   . HOH D .  ? 0.5639 0.3729 0.5882 0.0253  0.0441  0.0455  338 HOH A O   
804 O O   . HOH D .  ? 0.3707 0.3503 0.3990 -0.0289 0.1228  0.1259  339 HOH A O   
805 O O   . HOH D .  ? 0.4056 0.3091 0.2366 -0.0342 -0.0453 -0.0478 340 HOH A O   
806 O O   . HOH D .  ? 0.4402 0.2836 0.2809 0.0879  -0.1028 0.0319  341 HOH A O   
807 O O   . HOH D .  ? 0.5710 0.2883 0.5197 -0.0212 0.2255  0.0511  342 HOH A O   
808 O O   . HOH D .  ? 0.4192 0.3466 0.5233 -0.0628 -0.0298 -0.1524 343 HOH A O   
809 O O   . HOH D .  ? 0.6484 0.7577 0.4588 -0.0172 -0.2375 -0.1333 344 HOH A O   
810 O O   . HOH D .  ? 0.2685 0.1470 0.6297 0.0157  -0.0236 -0.0212 345 HOH A O   
811 O O   . HOH D .  ? 0.4292 0.2330 0.1613 -0.0451 -0.0306 -0.0511 346 HOH A O   
812 O O   . HOH D .  ? 0.2687 0.3186 0.5153 0.0783  0.0063  0.0301  347 HOH A O   
813 O O   . HOH D .  ? 0.2264 0.2870 0.2800 0.0074  -0.0251 -0.1236 348 HOH A O   
814 O O   . HOH D .  ? 0.5512 0.2845 0.6476 0.1632  -0.0150 -0.1027 349 HOH A O   
815 O O   . HOH D .  ? 0.4931 0.3151 0.2881 -0.0242 -0.1418 -0.0303 350 HOH A O   
816 O O   . HOH D .  ? 0.5339 0.3295 0.5998 -0.0670 -0.1665 0.0610  351 HOH A O   
817 O O   . HOH D .  ? 0.4541 0.3247 0.4338 0.0932  0.0191  0.0552  352 HOH A O   
818 O O   . HOH D .  ? 0.4493 0.3120 0.3005 0.0349  0.0442  -0.0001 353 HOH A O   
819 O O   . HOH D .  ? 0.6320 0.2912 0.2404 -0.1514 0.1133  -0.0437 354 HOH A O   
820 O O   . HOH D .  ? 0.4742 0.5085 0.5084 0.0505  -0.0106 0.0228  355 HOH A O   
821 O O   . HOH D .  ? 0.3730 0.2772 0.2569 -0.0144 0.0542  -0.1123 356 HOH A O   
822 O O   . HOH D .  ? 0.3570 0.2506 0.3569 0.0499  -0.0688 -0.0083 357 HOH A O   
823 O O   . HOH D .  ? 0.4932 0.5573 0.4031 0.2368  0.0384  0.0242  358 HOH A O   
824 O O   . HOH D .  ? 0.3324 0.2681 0.4226 -0.0055 -0.0502 0.0477  359 HOH A O   
825 O O   . HOH D .  ? 0.1675 0.0701 0.1938 0.0119  0.0238  -0.0064 360 HOH A O   
826 O O   . HOH D .  ? 0.2872 0.3263 0.5998 0.0307  -0.0656 -0.0535 361 HOH A O   
827 O O   . HOH D .  ? 0.2403 0.3212 0.2589 -0.0138 -0.0489 -0.0025 362 HOH A O   
828 O O   . HOH D .  ? 0.3952 0.1883 0.3500 0.0586  0.0663  0.0147  363 HOH A O   
829 O O   . HOH D .  ? 0.4906 0.3631 0.4292 0.1409  0.1614  -0.0361 364 HOH A O   
830 O O   . HOH D .  ? 0.2485 0.1734 0.2737 -0.0055 0.0072  0.0009  365 HOH A O   
831 O O   . HOH D .  ? 0.2893 0.2572 0.2928 -0.0192 -0.0630 -0.0577 366 HOH A O   
832 O O   . HOH D .  ? 0.3268 0.2337 0.2550 0.0180  0.0450  0.0082  367 HOH A O   
833 O O   . HOH D .  ? 0.2930 0.3591 0.4001 -0.0058 -0.0924 -0.0645 368 HOH A O   
834 O O   . HOH D .  ? 0.4429 0.4060 0.4137 0.1411  -0.0265 -0.0587 369 HOH A O   
835 O O   . HOH D .  ? 0.4937 0.2495 0.4663 0.0252  0.1214  -0.1654 370 HOH A O   
836 O O   . HOH D .  ? 0.4244 0.5522 0.3949 0.1456  -0.0595 -0.1564 371 HOH A O   
837 O O   . HOH D .  ? 0.3531 0.1534 0.5457 -0.0532 -0.0043 -0.0639 372 HOH A O   
838 O O   . HOH D .  ? 0.3446 0.7715 0.3231 -0.2443 -0.0310 -0.0760 373 HOH A O   
839 O O   . HOH D .  ? 0.4355 0.2241 0.5235 -0.0107 -0.1124 0.1277  374 HOH A O   
840 O O   . HOH D .  ? 0.3481 0.2390 0.3565 0.0656  -0.0536 -0.0789 375 HOH A O   
841 O O   . HOH D .  ? 0.2871 0.2907 0.2355 0.0679  -0.0344 0.0519  376 HOH A O   
842 O O   . HOH D .  ? 0.5487 0.3162 0.6331 0.0216  -0.0545 0.0308  377 HOH A O   
843 O O   . HOH D .  ? 0.4620 0.3673 0.5036 0.0592  -0.0396 0.0929  378 HOH A O   
844 O O   . HOH D .  ? 0.4058 0.4189 0.4825 -0.1561 -0.1791 0.1451  379 HOH A O   
845 O O   . HOH D .  ? 0.5983 0.5449 0.3431 -0.0491 0.1014  -0.1162 380 HOH A O   
846 O O   . HOH D .  ? 0.6403 0.5385 0.6047 -0.0452 0.0328  -0.0397 381 HOH A O   
847 O O   . HOH D .  ? 0.4510 0.3917 0.3842 -0.0504 -0.1190 -0.1180 382 HOH A O   
848 O O   . HOH D .  ? 0.4003 0.2698 0.2506 -0.1113 0.0284  -0.0575 383 HOH A O   
849 O O   . HOH D .  ? 0.2580 0.1968 0.2251 0.0013  0.0305  -0.0383 384 HOH A O   
850 O O   . HOH D .  ? 0.4984 0.3320 0.7502 0.0646  -0.0787 0.1782  385 HOH A O   
851 O O   . HOH D .  ? 0.3690 0.2142 0.2803 -0.0081 0.0925  -0.0409 386 HOH A O   
852 O O   . HOH D .  ? 0.5636 0.3764 0.4051 0.0205  -0.0459 0.0193  387 HOH A O   
853 O O   . HOH D .  ? 0.3708 0.5175 0.3981 -0.1875 -0.0685 0.0472  388 HOH A O   
854 O O   . HOH D .  ? 0.2044 0.1463 0.1207 -0.0246 -0.0048 -0.0145 389 HOH A O   
855 O O   . HOH D .  ? 0.4206 0.4361 0.3457 -0.1476 -0.0529 -0.0832 390 HOH A O   
856 O O   . HOH D .  ? 0.5185 0.3068 0.4272 -0.0449 0.0491  -0.0022 391 HOH A O   
857 O O   . HOH D .  ? 0.3010 0.4380 0.2654 0.0186  -0.0496 -0.0586 392 HOH A O   
858 O O   . HOH D .  ? 0.2970 0.2624 0.3410 0.0342  0.0141  0.0803  393 HOH A O   
859 O O   . HOH D .  ? 0.4303 0.2659 0.3546 0.1076  0.1185  0.0543  394 HOH A O   
860 O O   . HOH D .  ? 0.4667 0.3466 0.3238 -0.0413 0.0698  -0.0349 395 HOH A O   
861 O O   . HOH D .  ? 0.5146 0.3841 0.3009 0.0319  -0.0295 -0.0938 396 HOH A O   
862 O O   . HOH D .  ? 0.3076 0.4465 0.3611 0.0729  0.1378  0.0415  397 HOH A O   
863 O O   . HOH D .  ? 0.6610 0.8109 0.2781 -0.1147 0.0089  -0.1963 398 HOH A O   
864 O O   . HOH D .  ? 0.4313 0.4459 0.3476 0.0119  0.0803  -0.1451 399 HOH A O   
865 O O   . HOH D .  ? 0.3940 0.5081 0.6968 -0.0468 -0.1010 -0.0738 400 HOH A O   
866 O O   . HOH D .  ? 0.5986 0.3868 0.4966 -0.1670 -0.0967 0.0179  401 HOH A O   
867 O O   . HOH D .  ? 0.3238 0.5055 0.8641 0.0869  -0.1122 0.0443  402 HOH A O   
868 O O   . HOH D .  ? 0.5749 0.7054 0.4421 0.0728  -0.0860 0.0555  403 HOH A O   
869 O O   . HOH D .  ? 0.4312 0.3142 0.4570 -0.0177 0.0730  0.0139  404 HOH A O   
870 O O   . HOH D .  ? 0.5194 0.5471 0.4968 0.0699  -0.0153 0.0394  405 HOH A O   
871 O O   . HOH D .  ? 0.5458 0.3946 0.4471 0.0601  -0.0306 -0.0662 406 HOH A O   
872 O O   . HOH D .  ? 0.5549 0.6091 0.7227 0.1476  -0.1765 -0.0134 407 HOH A O   
873 O O   . HOH D .  ? 0.4836 0.4117 0.6004 -0.1230 -0.1526 0.2656  408 HOH A O   
874 O O   . HOH D .  ? 0.4911 0.3855 0.7636 -0.1263 -0.0466 0.0504  409 HOH A O   
875 O O   . HOH D .  ? 0.5137 0.7411 0.6243 0.0198  0.0523  -0.0523 410 HOH A O   
876 O O   . HOH D .  ? 0.6828 0.4246 0.6482 0.1564  0.0206  0.0676  411 HOH A O   
877 O O   . HOH D .  ? 0.6017 0.4479 0.5754 0.1062  0.0496  0.0060  412 HOH A O   
878 O O   . HOH D .  ? 0.7497 0.5561 0.5613 0.3083  -0.0996 -0.0112 413 HOH A O   
879 O O   . HOH D .  ? 0.9983 1.0602 0.9784 -0.1084 0.0132  -0.0796 414 HOH A O   
880 O O   . HOH D .  ? 0.6580 0.3528 0.8211 0.0143  0.0070  0.0804  415 HOH A O   
881 O O   . HOH D .  ? 0.4945 0.4560 0.7431 -0.0095 0.1984  0.1527  416 HOH A O   
882 O O   . HOH D .  ? 0.5874 0.7160 0.6650 -0.0145 0.1547  -0.0434 417 HOH A O   
883 O O   . HOH D .  ? 0.7671 0.9429 0.6254 -0.0564 -0.0421 -0.0226 418 HOH A O   
884 O O   . HOH D .  ? 0.5934 0.4206 0.6050 -0.0086 0.1330  0.0654  419 HOH A O   
885 O O   . HOH D .  ? 0.4945 0.4471 0.5926 -0.0061 -0.0137 -0.0194 420 HOH A O   
886 O O   . HOH D .  ? 0.5905 0.7039 0.3388 0.1057  -0.0348 -0.1284 421 HOH A O   
887 O O   . HOH D .  ? 0.7389 0.7132 0.4224 -0.0302 -0.0624 -0.0334 422 HOH A O   
888 O O   . HOH D .  ? 0.4975 0.5139 0.3527 0.2477  0.1284  0.0382  423 HOH A O   
889 O O   . HOH D .  ? 0.6416 0.6318 0.5655 0.2781  -0.0141 -0.0491 424 HOH A O   
890 O O   . HOH D .  ? 0.5608 0.3676 0.6006 0.0392  -0.0618 0.0524  425 HOH A O   
891 O O   . HOH D .  ? 0.7370 0.7815 0.8759 -0.0396 -0.0033 0.1065  426 HOH A O   
892 O O   . HOH D .  ? 0.4354 0.5736 0.6098 -0.0333 0.0270  0.0381  427 HOH A O   
893 O O   . HOH D .  ? 0.5682 0.7447 0.6246 -0.1472 0.2521  0.0004  428 HOH A O   
894 O O   . HOH D .  ? 0.5604 0.4553 0.6464 -0.0555 -0.0735 -0.0557 429 HOH A O   
895 O O   . HOH D .  ? 0.7969 0.6671 0.6808 0.0851  -0.0731 0.2146  430 HOH A O   
896 O O   . HOH D .  ? 0.6437 0.6831 0.7717 -0.0510 0.0752  -0.0086 431 HOH A O   
897 O O   . HOH D .  ? 0.6161 0.7093 0.8320 0.2448  -0.0249 0.0459  432 HOH A O   
898 O O   . HOH D .  ? 0.8356 0.6805 0.6382 -0.1441 -0.0067 -0.0145 433 HOH A O   
899 O O   . HOH D .  ? 0.7433 0.5778 0.5471 0.1015  -0.1828 0.0038  434 HOH A O   
900 O O   . HOH D .  ? 0.7137 0.5723 0.9085 -0.0592 -0.0884 -0.0732 435 HOH A O   
901 O O   . HOH D .  ? 0.5284 0.5657 0.5424 0.0919  -0.1607 -0.0041 436 HOH A O   
902 O O   . HOH D .  ? 0.9389 0.9512 0.9797 0.0249  -0.0780 -0.0638 437 HOH A O   
903 O O   . HOH D .  ? 0.5507 0.6245 0.5387 0.1091  0.1514  0.0357  438 HOH A O   
904 O O   . HOH D .  ? 0.4776 0.6331 0.7116 0.0000  -0.0232 0.0519  439 HOH A O   
905 O O   . HOH D .  ? 0.6692 0.6575 0.4013 -0.0005 0.0889  -0.0316 440 HOH A O   
906 O O   . HOH D .  ? 0.5598 0.6412 0.6166 -0.0140 -0.1025 0.1351  441 HOH A O   
907 O O   . HOH D .  ? 0.5447 0.6526 0.7168 0.1031  0.1064  0.0600  442 HOH A O   
908 O O   . HOH D .  ? 0.7616 0.6109 0.8094 -0.0036 0.0441  -0.0739 443 HOH A O   
909 O O   . HOH D .  ? 1.0507 0.5846 0.7367 -0.0101 0.3383  0.0328  444 HOH A O   
910 O O   . HOH D .  ? 0.4850 0.8106 0.7011 0.0309  -0.0684 -0.0249 445 HOH A O   
911 O O   . HOH D .  ? 0.3006 0.3468 0.5554 -0.0258 -0.0364 0.0131  446 HOH A O   
912 O O   . HOH D .  ? 0.4566 0.4275 0.7060 -0.0448 -0.1415 -0.0240 447 HOH A O   
913 O O   . HOH D .  ? 0.8170 0.8757 0.3135 -0.0006 -0.0724 -0.0856 448 HOH A O   
914 O O   . HOH D .  ? 0.7409 0.9209 0.7377 -0.0036 -0.0694 -0.0261 449 HOH A O   
915 O O   . HOH D .  ? 0.6951 0.5895 0.5793 0.1023  0.1741  -0.0148 450 HOH A O   
916 O O   . HOH D .  ? 0.7792 0.5071 0.6882 0.0508  0.0058  0.0184  451 HOH A O   
917 O O   . HOH D .  ? 0.8066 0.9225 0.8068 -0.0553 0.1412  -0.1012 452 HOH A O   
918 O O   . HOH D .  ? 0.7713 0.7069 0.6663 0.0677  0.0130  -0.1172 453 HOH A O   
919 O O   . HOH D .  ? 0.9055 0.7754 0.5619 -0.0556 -0.0647 0.0593  454 HOH A O   
920 O O   . HOH D .  ? 0.9751 0.9921 1.0093 0.0218  -0.0860 -0.0999 455 HOH A O   
921 O O   . HOH D .  ? 0.7678 0.9228 0.7567 0.0355  -0.1679 -0.0620 456 HOH A O   
922 O O   . HOH D .  ? 0.9902 1.0538 0.8273 -0.0016 -0.0215 -0.0673 457 HOH A O   
923 O O   . HOH D .  ? 0.4840 0.4178 0.6507 -0.0725 0.1066  -0.1033 458 HOH A O   
924 O O   . HOH D .  ? 0.9211 0.7575 0.8444 0.0283  -0.1361 0.0315  459 HOH A O   
925 O O   . HOH D .  ? 0.6744 0.3742 0.7707 -0.1642 0.0761  0.1005  460 HOH A O   
926 O O   . HOH D .  ? 0.8999 0.6094 0.8796 0.0057  0.0401  0.1289  461 HOH A O   
927 O O   . HOH D .  ? 0.5971 0.4600 0.2555 0.0254  0.0951  0.0052  462 HOH A O   
928 O O   . HOH D .  ? 0.7303 0.5635 0.7604 0.1115  -0.0492 -0.0092 463 HOH A O   
929 O O   . HOH D .  ? 0.5940 0.5514 0.7109 -0.0526 -0.0596 0.0055  464 HOH A O   
930 O O   . HOH D .  ? 0.4751 0.5819 0.5408 -0.0177 -0.1220 0.0458  465 HOH A O   
931 O O   . HOH D .  ? 0.5268 0.5851 0.6810 0.1978  0.0686  0.0563  466 HOH A O   
932 O O   . HOH D .  ? 0.4846 0.3785 0.4052 0.1220  0.1969  -0.0046 467 HOH A O   
# 
